data_2ECL
#
_entry.id   2ECL
#
loop_
_entity.id
_entity.type
_entity.pdbx_description
1 polymer 'RING-box protein 2'
2 non-polymer 'ZINC ION'
#
_entity_poly.entity_id   1
_entity_poly.type   'polypeptide(L)'
_entity_poly.pdbx_seq_one_letter_code
;GSSGSSGMWSWDVECDTCAICRVQVMDACLRCQAENKQEDCVVVWGECNHSFHNCCMSLWVKQNNRCPLCQQDWVVQRIG
K
;
_entity_poly.pdbx_strand_id   A
#
# COMPACT_ATOMS: atom_id res chain seq x y z
N GLY A 1 27.45 -33.02 20.78
CA GLY A 1 27.29 -31.63 21.13
C GLY A 1 25.97 -31.06 20.64
N SER A 2 25.23 -30.43 21.55
CA SER A 2 23.93 -29.85 21.21
C SER A 2 24.10 -28.69 20.23
N SER A 3 22.99 -28.18 19.72
CA SER A 3 23.01 -27.08 18.77
C SER A 3 22.97 -25.73 19.50
N GLY A 4 23.40 -24.68 18.80
CA GLY A 4 23.41 -23.36 19.40
C GLY A 4 22.01 -22.82 19.64
N SER A 5 21.86 -21.50 19.59
CA SER A 5 20.57 -20.87 19.81
C SER A 5 20.12 -20.11 18.56
N SER A 6 18.81 -20.04 18.37
CA SER A 6 18.25 -19.36 17.20
C SER A 6 17.01 -18.54 17.60
N GLY A 7 16.47 -17.80 16.65
CA GLY A 7 15.29 -17.00 16.92
C GLY A 7 15.57 -15.52 16.83
N MET A 8 15.15 -14.89 15.73
CA MET A 8 15.36 -13.47 15.53
C MET A 8 14.04 -12.70 15.60
N TRP A 9 13.92 -11.84 16.61
CA TRP A 9 12.70 -11.05 16.80
C TRP A 9 12.55 -10.03 15.68
N SER A 10 11.35 -9.48 15.56
CA SER A 10 11.07 -8.48 14.53
C SER A 10 10.64 -7.16 15.15
N TRP A 11 10.61 -6.11 14.33
CA TRP A 11 10.22 -4.78 14.80
C TRP A 11 9.06 -4.24 13.99
N ASP A 12 8.69 -2.99 14.24
CA ASP A 12 7.60 -2.35 13.52
C ASP A 12 8.10 -1.22 12.64
N VAL A 13 9.25 -1.43 12.01
CA VAL A 13 9.86 -0.43 11.13
C VAL A 13 9.03 -0.26 9.86
N GLU A 14 8.28 -1.29 9.50
CA GLU A 14 7.44 -1.25 8.30
C GLU A 14 6.13 -0.52 8.58
N CYS A 15 6.00 0.67 8.02
CA CYS A 15 4.79 1.47 8.20
C CYS A 15 4.26 1.97 6.86
N ASP A 16 3.13 2.67 6.90
CA ASP A 16 2.52 3.21 5.70
C ASP A 16 2.33 2.12 4.65
N THR A 17 1.66 1.04 5.04
CA THR A 17 1.42 -0.08 4.13
C THR A 17 -0.06 -0.17 3.75
N CYS A 18 -0.32 -0.41 2.47
CA CYS A 18 -1.68 -0.52 1.98
C CYS A 18 -2.51 -1.46 2.85
N ALA A 19 -3.41 -0.88 3.64
CA ALA A 19 -4.26 -1.67 4.52
C ALA A 19 -5.29 -2.47 3.73
N ILE A 20 -5.66 -1.96 2.56
CA ILE A 20 -6.63 -2.63 1.71
C ILE A 20 -6.24 -4.08 1.47
N CYS A 21 -4.98 -4.30 1.11
CA CYS A 21 -4.48 -5.65 0.86
C CYS A 21 -3.38 -6.02 1.84
N ARG A 22 -2.93 -5.03 2.62
CA ARG A 22 -1.88 -5.25 3.60
C ARG A 22 -0.56 -5.60 2.91
N VAL A 23 -0.29 -4.93 1.80
CA VAL A 23 0.94 -5.17 1.04
C VAL A 23 1.73 -3.89 0.87
N GLN A 24 3.05 -4.02 0.84
CA GLN A 24 3.94 -2.86 0.69
C GLN A 24 3.46 -1.97 -0.46
N VAL A 25 2.82 -0.86 -0.11
CA VAL A 25 2.32 0.07 -1.12
C VAL A 25 3.36 0.33 -2.20
N MET A 26 4.63 0.23 -1.83
CA MET A 26 5.72 0.45 -2.78
C MET A 26 5.75 -0.65 -3.83
N ASP A 27 5.46 -1.88 -3.40
CA ASP A 27 5.47 -3.02 -4.30
C ASP A 27 4.04 -3.36 -4.75
N ALA A 28 3.93 -4.33 -5.66
CA ALA A 28 2.63 -4.74 -6.16
C ALA A 28 1.87 -5.54 -5.12
N CYS A 29 0.53 -5.48 -5.19
CA CYS A 29 -0.31 -6.19 -4.24
C CYS A 29 -0.34 -7.69 -4.55
N LEU A 30 -0.96 -8.46 -3.67
CA LEU A 30 -1.06 -9.91 -3.84
C LEU A 30 -1.91 -10.25 -5.06
N ARG A 31 -2.64 -9.26 -5.56
CA ARG A 31 -3.50 -9.46 -6.73
C ARG A 31 -2.74 -9.15 -8.01
N CYS A 32 -1.77 -8.26 -7.92
CA CYS A 32 -0.97 -7.88 -9.08
C CYS A 32 0.29 -8.74 -9.19
N GLN A 33 0.82 -9.13 -8.03
CA GLN A 33 2.03 -9.95 -7.99
C GLN A 33 1.76 -11.34 -8.57
N ALA A 34 0.53 -11.82 -8.39
CA ALA A 34 0.15 -13.13 -8.90
C ALA A 34 -0.19 -13.07 -10.39
N GLU A 35 -0.81 -11.97 -10.81
CA GLU A 35 -1.17 -11.79 -12.22
C GLU A 35 -0.03 -11.16 -13.00
N ASN A 36 1.01 -10.74 -12.29
CA ASN A 36 2.17 -10.12 -12.93
C ASN A 36 1.79 -8.79 -13.56
N LYS A 37 1.00 -7.99 -12.84
CA LYS A 37 0.58 -6.68 -13.32
C LYS A 37 1.23 -5.57 -12.54
N GLN A 38 2.38 -5.86 -11.93
CA GLN A 38 3.11 -4.88 -11.14
C GLN A 38 3.23 -3.57 -11.90
N GLU A 39 3.84 -3.62 -13.08
CA GLU A 39 4.04 -2.44 -13.91
C GLU A 39 2.82 -1.51 -13.81
N ASP A 40 1.64 -2.11 -13.62
CA ASP A 40 0.41 -1.34 -13.51
C ASP A 40 0.16 -0.92 -12.07
N CYS A 41 0.45 -1.81 -11.13
CA CYS A 41 0.26 -1.54 -9.72
C CYS A 41 1.13 -0.37 -9.27
N VAL A 42 0.58 0.84 -9.40
CA VAL A 42 1.30 2.06 -9.00
C VAL A 42 0.85 2.53 -7.62
N VAL A 43 1.50 3.59 -7.13
CA VAL A 43 1.16 4.14 -5.83
C VAL A 43 0.33 5.42 -5.96
N VAL A 44 -0.77 5.48 -5.22
CA VAL A 44 -1.64 6.64 -5.25
C VAL A 44 -1.68 7.35 -3.90
N TRP A 45 -1.13 8.56 -3.85
CA TRP A 45 -1.10 9.34 -2.62
C TRP A 45 -2.39 10.13 -2.44
N GLY A 46 -2.82 10.27 -1.20
CA GLY A 46 -4.05 11.01 -0.92
C GLY A 46 -3.78 12.29 -0.16
N GLU A 47 -4.76 13.18 -0.14
CA GLU A 47 -4.63 14.46 0.55
C GLU A 47 -4.33 14.23 2.03
N CYS A 48 -4.74 13.08 2.55
CA CYS A 48 -4.50 12.75 3.95
C CYS A 48 -3.08 12.26 4.16
N ASN A 49 -2.26 12.37 3.12
CA ASN A 49 -0.87 11.93 3.18
C ASN A 49 -0.78 10.42 3.41
N HIS A 50 -1.56 9.67 2.64
CA HIS A 50 -1.57 8.22 2.76
C HIS A 50 -1.46 7.56 1.39
N SER A 51 -0.40 6.78 1.19
CA SER A 51 -0.18 6.10 -0.08
C SER A 51 -0.94 4.78 -0.14
N PHE A 52 -1.49 4.48 -1.31
CA PHE A 52 -2.25 3.25 -1.50
C PHE A 52 -2.01 2.66 -2.88
N HIS A 53 -2.66 1.54 -3.17
CA HIS A 53 -2.52 0.87 -4.46
C HIS A 53 -3.60 1.33 -5.43
N ASN A 54 -3.21 2.12 -6.42
CA ASN A 54 -4.16 2.62 -7.41
C ASN A 54 -5.20 1.57 -7.76
N CYS A 55 -4.78 0.30 -7.78
CA CYS A 55 -5.68 -0.80 -8.08
C CYS A 55 -6.62 -1.08 -6.91
N CYS A 56 -6.07 -1.16 -5.71
CA CYS A 56 -6.85 -1.41 -4.51
C CYS A 56 -7.85 -0.28 -4.27
N MET A 57 -7.34 0.91 -4.01
CA MET A 57 -8.19 2.07 -3.76
C MET A 57 -9.41 2.05 -4.67
N SER A 58 -9.17 1.97 -5.98
CA SER A 58 -10.25 1.94 -6.95
C SER A 58 -11.31 0.91 -6.57
N LEU A 59 -10.85 -0.22 -6.04
CA LEU A 59 -11.75 -1.30 -5.64
C LEU A 59 -12.29 -1.05 -4.23
N TRP A 60 -11.54 -0.30 -3.43
CA TRP A 60 -11.94 0.00 -2.06
C TRP A 60 -13.11 0.99 -2.05
N VAL A 61 -12.97 2.06 -2.83
CA VAL A 61 -14.01 3.09 -2.91
C VAL A 61 -15.35 2.48 -3.30
N LYS A 62 -15.29 1.34 -4.00
CA LYS A 62 -16.50 0.66 -4.45
C LYS A 62 -17.40 0.32 -3.26
N GLN A 63 -16.78 0.07 -2.12
CA GLN A 63 -17.52 -0.27 -0.91
C GLN A 63 -17.43 0.85 0.12
N ASN A 64 -16.24 1.40 0.29
CA ASN A 64 -16.02 2.48 1.25
C ASN A 64 -15.20 3.60 0.62
N ASN A 65 -15.87 4.68 0.23
CA ASN A 65 -15.19 5.82 -0.39
C ASN A 65 -14.51 6.68 0.67
N ARG A 66 -13.80 6.04 1.59
CA ARG A 66 -13.11 6.74 2.66
C ARG A 66 -11.82 6.01 3.05
N CYS A 67 -10.73 6.77 3.14
CA CYS A 67 -9.44 6.20 3.50
C CYS A 67 -9.59 5.22 4.67
N PRO A 68 -9.15 3.97 4.44
CA PRO A 68 -9.22 2.91 5.46
C PRO A 68 -8.25 3.15 6.61
N LEU A 69 -7.59 4.31 6.60
CA LEU A 69 -6.64 4.65 7.64
C LEU A 69 -7.16 5.80 8.49
N CYS A 70 -7.73 6.81 7.84
CA CYS A 70 -8.27 7.97 8.54
C CYS A 70 -9.74 8.18 8.19
N GLN A 71 -10.34 7.18 7.56
CA GLN A 71 -11.74 7.25 7.17
C GLN A 71 -12.13 8.68 6.79
N GLN A 72 -11.21 9.38 6.13
CA GLN A 72 -11.45 10.76 5.71
C GLN A 72 -11.73 10.83 4.22
N ASP A 73 -12.46 11.86 3.80
CA ASP A 73 -12.81 12.04 2.40
C ASP A 73 -11.58 11.78 1.51
N TRP A 74 -11.52 10.59 0.93
CA TRP A 74 -10.40 10.23 0.06
C TRP A 74 -10.31 11.18 -1.13
N VAL A 75 -9.15 11.78 -1.30
CA VAL A 75 -8.93 12.72 -2.40
C VAL A 75 -7.60 12.44 -3.10
N VAL A 76 -7.66 11.75 -4.23
CA VAL A 76 -6.46 11.42 -4.99
C VAL A 76 -5.61 12.66 -5.23
N GLN A 77 -4.56 12.81 -4.43
CA GLN A 77 -3.66 13.96 -4.56
C GLN A 77 -2.76 13.80 -5.77
N ARG A 78 -2.02 12.70 -5.82
CA ARG A 78 -1.11 12.43 -6.93
C ARG A 78 -0.91 10.92 -7.12
N ILE A 79 -0.58 10.53 -8.34
CA ILE A 79 -0.36 9.13 -8.65
C ILE A 79 1.01 8.91 -9.29
N GLY A 80 1.63 7.78 -8.97
CA GLY A 80 2.94 7.48 -9.51
C GLY A 80 3.74 6.55 -8.62
N LYS A 81 4.91 6.13 -9.10
CA LYS A 81 5.78 5.24 -8.34
C LYS A 81 6.24 5.91 -7.05
N GLY A 1 17.63 -31.21 -17.84
CA GLY A 1 18.54 -30.16 -17.43
C GLY A 1 17.89 -28.79 -17.42
N SER A 2 17.01 -28.58 -16.45
CA SER A 2 16.30 -27.30 -16.34
C SER A 2 16.15 -26.90 -14.87
N SER A 3 16.60 -25.70 -14.53
CA SER A 3 16.51 -25.20 -13.17
C SER A 3 15.19 -24.47 -12.94
N GLY A 4 14.96 -24.06 -11.69
CA GLY A 4 13.73 -23.36 -11.36
C GLY A 4 13.50 -23.29 -9.87
N SER A 5 13.57 -22.08 -9.32
CA SER A 5 13.36 -21.88 -7.89
C SER A 5 12.55 -20.61 -7.63
N SER A 6 11.78 -20.61 -6.55
CA SER A 6 10.96 -19.45 -6.19
C SER A 6 11.12 -19.12 -4.71
N GLY A 7 11.72 -17.97 -4.42
CA GLY A 7 11.92 -17.55 -3.05
C GLY A 7 11.50 -16.13 -2.82
N MET A 8 10.98 -15.85 -1.62
CA MET A 8 10.53 -14.50 -1.28
C MET A 8 10.63 -14.27 0.23
N TRP A 9 11.50 -13.34 0.62
CA TRP A 9 11.69 -13.02 2.03
C TRP A 9 10.69 -11.97 2.50
N SER A 10 10.65 -11.73 3.80
CA SER A 10 9.75 -10.74 4.37
C SER A 10 10.36 -10.08 5.59
N TRP A 11 10.16 -8.77 5.70
CA TRP A 11 10.70 -7.99 6.83
C TRP A 11 9.59 -7.23 7.54
N ASP A 12 9.98 -6.39 8.49
CA ASP A 12 9.02 -5.59 9.25
C ASP A 12 9.19 -4.11 8.95
N VAL A 13 9.36 -3.78 7.67
CA VAL A 13 9.53 -2.40 7.25
C VAL A 13 8.19 -1.68 7.16
N GLU A 14 7.36 -1.85 8.19
CA GLU A 14 6.05 -1.22 8.23
C GLU A 14 6.12 0.22 7.73
N CYS A 15 5.67 0.43 6.49
CA CYS A 15 5.68 1.76 5.89
C CYS A 15 4.49 1.95 4.96
N ASP A 16 3.54 2.78 5.39
CA ASP A 16 2.35 3.05 4.59
C ASP A 16 1.91 1.80 3.84
N THR A 17 1.95 0.66 4.51
CA THR A 17 1.56 -0.61 3.92
C THR A 17 0.07 -0.63 3.60
N CYS A 18 -0.26 -0.69 2.31
CA CYS A 18 -1.66 -0.72 1.89
C CYS A 18 -2.48 -1.64 2.77
N ALA A 19 -3.39 -1.05 3.55
CA ALA A 19 -4.25 -1.82 4.44
C ALA A 19 -5.29 -2.62 3.66
N ILE A 20 -5.74 -2.06 2.55
CA ILE A 20 -6.73 -2.72 1.71
C ILE A 20 -6.36 -4.18 1.46
N CYS A 21 -5.11 -4.40 1.07
CA CYS A 21 -4.62 -5.74 0.80
C CYS A 21 -3.53 -6.14 1.80
N ARG A 22 -3.06 -5.17 2.57
CA ARG A 22 -2.02 -5.41 3.56
C ARG A 22 -0.70 -5.75 2.90
N VAL A 23 -0.39 -5.03 1.82
CA VAL A 23 0.85 -5.25 1.08
C VAL A 23 1.64 -3.96 0.93
N GLN A 24 2.95 -4.07 0.80
CA GLN A 24 3.82 -2.91 0.65
C GLN A 24 3.30 -1.99 -0.46
N VAL A 25 2.70 -0.87 -0.04
CA VAL A 25 2.16 0.09 -0.99
C VAL A 25 3.14 0.34 -2.14
N MET A 26 4.41 0.55 -1.81
CA MET A 26 5.43 0.79 -2.81
C MET A 26 5.52 -0.37 -3.79
N ASP A 27 5.30 -1.58 -3.28
CA ASP A 27 5.36 -2.78 -4.11
C ASP A 27 3.96 -3.18 -4.59
N ALA A 28 3.91 -4.10 -5.54
CA ALA A 28 2.64 -4.57 -6.08
C ALA A 28 1.90 -5.43 -5.06
N CYS A 29 0.57 -5.39 -5.12
CA CYS A 29 -0.26 -6.16 -4.20
C CYS A 29 -0.21 -7.65 -4.56
N LEU A 30 -0.73 -8.48 -3.66
CA LEU A 30 -0.75 -9.92 -3.88
C LEU A 30 -1.64 -10.27 -5.07
N ARG A 31 -2.46 -9.33 -5.50
CA ARG A 31 -3.35 -9.54 -6.63
C ARG A 31 -2.63 -9.26 -7.96
N CYS A 32 -1.72 -8.30 -7.93
CA CYS A 32 -0.96 -7.93 -9.13
C CYS A 32 0.30 -8.78 -9.25
N GLN A 33 0.97 -9.01 -8.12
CA GLN A 33 2.19 -9.80 -8.10
C GLN A 33 1.94 -11.21 -8.63
N ALA A 34 0.72 -11.70 -8.41
CA ALA A 34 0.34 -13.03 -8.86
C ALA A 34 0.20 -13.09 -10.38
N GLU A 35 -0.44 -12.06 -10.93
CA GLU A 35 -0.65 -11.99 -12.37
C GLU A 35 0.47 -11.19 -13.05
N ASN A 36 1.44 -10.75 -12.25
CA ASN A 36 2.56 -9.98 -12.77
C ASN A 36 2.07 -8.69 -13.44
N LYS A 37 1.10 -8.04 -12.81
CA LYS A 37 0.55 -6.79 -13.35
C LYS A 37 1.14 -5.58 -12.62
N GLN A 38 2.25 -5.80 -11.92
CA GLN A 38 2.90 -4.72 -11.19
C GLN A 38 2.99 -3.46 -12.03
N GLU A 39 3.55 -3.59 -13.23
CA GLU A 39 3.68 -2.45 -14.13
C GLU A 39 2.53 -1.48 -13.96
N ASP A 40 1.34 -2.02 -13.70
CA ASP A 40 0.14 -1.19 -13.51
C ASP A 40 -0.02 -0.81 -12.05
N CYS A 41 0.23 -1.76 -11.15
CA CYS A 41 0.11 -1.52 -9.72
C CYS A 41 1.00 -0.37 -9.28
N VAL A 42 0.48 0.85 -9.36
CA VAL A 42 1.23 2.03 -8.98
C VAL A 42 0.81 2.53 -7.59
N VAL A 43 1.52 3.53 -7.09
CA VAL A 43 1.23 4.09 -5.78
C VAL A 43 0.38 5.36 -5.90
N VAL A 44 -0.75 5.38 -5.22
CA VAL A 44 -1.65 6.52 -5.25
C VAL A 44 -1.66 7.25 -3.91
N TRP A 45 -1.15 8.48 -3.90
CA TRP A 45 -1.10 9.27 -2.68
C TRP A 45 -2.37 10.11 -2.52
N GLY A 46 -2.83 10.24 -1.28
CA GLY A 46 -4.03 11.01 -1.02
C GLY A 46 -3.74 12.30 -0.28
N GLU A 47 -4.74 13.17 -0.20
CA GLU A 47 -4.59 14.45 0.47
C GLU A 47 -4.32 14.25 1.96
N CYS A 48 -4.77 13.12 2.49
CA CYS A 48 -4.59 12.80 3.90
C CYS A 48 -3.15 12.34 4.17
N ASN A 49 -2.31 12.41 3.14
CA ASN A 49 -0.92 12.01 3.27
C ASN A 49 -0.81 10.50 3.48
N HIS A 50 -1.57 9.74 2.69
CA HIS A 50 -1.55 8.29 2.78
C HIS A 50 -1.49 7.65 1.40
N SER A 51 -0.46 6.84 1.17
CA SER A 51 -0.28 6.18 -0.11
C SER A 51 -0.96 4.81 -0.11
N PHE A 52 -1.54 4.46 -1.26
CA PHE A 52 -2.22 3.18 -1.40
C PHE A 52 -2.02 2.60 -2.80
N HIS A 53 -2.68 1.48 -3.08
CA HIS A 53 -2.57 0.82 -4.37
C HIS A 53 -3.70 1.27 -5.30
N ASN A 54 -3.34 2.02 -6.34
CA ASN A 54 -4.31 2.50 -7.30
C ASN A 54 -5.35 1.43 -7.62
N CYS A 55 -4.89 0.19 -7.70
CA CYS A 55 -5.78 -0.93 -8.01
C CYS A 55 -6.70 -1.23 -6.83
N CYS A 56 -6.11 -1.31 -5.64
CA CYS A 56 -6.88 -1.59 -4.43
C CYS A 56 -7.85 -0.45 -4.13
N MET A 57 -7.31 0.74 -3.93
CA MET A 57 -8.13 1.91 -3.64
C MET A 57 -9.35 1.96 -4.54
N SER A 58 -9.13 1.78 -5.84
CA SER A 58 -10.22 1.81 -6.81
C SER A 58 -11.30 0.79 -6.45
N LEU A 59 -10.89 -0.30 -5.82
CA LEU A 59 -11.82 -1.35 -5.41
C LEU A 59 -12.42 -1.04 -4.05
N TRP A 60 -11.61 -0.47 -3.16
CA TRP A 60 -12.06 -0.13 -1.82
C TRP A 60 -13.11 0.99 -1.87
N VAL A 61 -12.89 1.96 -2.74
CA VAL A 61 -13.80 3.09 -2.89
C VAL A 61 -15.17 2.62 -3.40
N LYS A 62 -15.17 1.47 -4.06
CA LYS A 62 -16.41 0.91 -4.60
C LYS A 62 -17.45 0.71 -3.50
N GLN A 63 -16.99 0.38 -2.31
CA GLN A 63 -17.87 0.16 -1.17
C GLN A 63 -17.68 1.26 -0.12
N ASN A 64 -16.42 1.59 0.16
CA ASN A 64 -16.11 2.61 1.14
C ASN A 64 -15.26 3.72 0.52
N ASN A 65 -15.90 4.85 0.22
CA ASN A 65 -15.21 5.99 -0.37
C ASN A 65 -14.51 6.83 0.70
N ARG A 66 -13.80 6.15 1.59
CA ARG A 66 -13.08 6.83 2.67
C ARG A 66 -11.80 6.09 3.02
N CYS A 67 -10.72 6.85 3.18
CA CYS A 67 -9.42 6.26 3.52
C CYS A 67 -9.55 5.28 4.68
N PRO A 68 -9.14 4.03 4.44
CA PRO A 68 -9.21 2.97 5.45
C PRO A 68 -8.20 3.19 6.58
N LEU A 69 -7.54 4.34 6.57
CA LEU A 69 -6.56 4.67 7.60
C LEU A 69 -7.05 5.82 8.46
N CYS A 70 -7.65 6.82 7.83
CA CYS A 70 -8.17 7.98 8.54
C CYS A 70 -9.63 8.23 8.20
N GLN A 71 -10.26 7.23 7.60
CA GLN A 71 -11.67 7.33 7.21
C GLN A 71 -12.03 8.77 6.83
N GLN A 72 -11.12 9.44 6.13
CA GLN A 72 -11.34 10.81 5.71
C GLN A 72 -11.64 10.89 4.21
N ASP A 73 -12.32 11.95 3.80
CA ASP A 73 -12.68 12.14 2.40
C ASP A 73 -11.49 11.83 1.50
N TRP A 74 -11.48 10.63 0.94
CA TRP A 74 -10.39 10.20 0.06
C TRP A 74 -10.27 11.14 -1.13
N VAL A 75 -9.08 11.72 -1.31
CA VAL A 75 -8.83 12.63 -2.41
C VAL A 75 -7.51 12.32 -3.10
N VAL A 76 -7.58 11.71 -4.27
CA VAL A 76 -6.40 11.35 -5.03
C VAL A 76 -5.51 12.58 -5.27
N GLN A 77 -4.49 12.73 -4.44
CA GLN A 77 -3.58 13.87 -4.56
C GLN A 77 -2.69 13.72 -5.80
N ARG A 78 -1.99 12.59 -5.89
CA ARG A 78 -1.12 12.33 -7.02
C ARG A 78 -0.93 10.83 -7.24
N ILE A 79 -0.54 10.46 -8.44
CA ILE A 79 -0.32 9.05 -8.77
C ILE A 79 0.88 8.89 -9.70
N GLY A 80 1.62 7.79 -9.52
CA GLY A 80 2.78 7.54 -10.35
C GLY A 80 4.04 7.36 -9.53
N LYS A 81 5.00 6.61 -10.07
CA LYS A 81 6.27 6.37 -9.39
C LYS A 81 7.09 7.65 -9.32
N GLY A 1 30.48 -20.90 15.64
CA GLY A 1 29.28 -21.62 16.04
C GLY A 1 28.31 -20.75 16.81
N SER A 2 27.03 -20.88 16.49
CA SER A 2 25.99 -20.10 17.17
C SER A 2 24.60 -20.56 16.75
N SER A 3 23.63 -20.41 17.65
CA SER A 3 22.26 -20.82 17.38
C SER A 3 21.55 -19.77 16.53
N GLY A 4 21.17 -20.15 15.32
CA GLY A 4 20.47 -19.24 14.42
C GLY A 4 21.11 -17.87 14.40
N SER A 5 20.42 -16.90 13.80
CA SER A 5 20.92 -15.54 13.69
C SER A 5 19.77 -14.55 13.61
N SER A 6 20.10 -13.26 13.76
CA SER A 6 19.09 -12.21 13.71
C SER A 6 19.24 -11.38 12.43
N GLY A 7 18.11 -10.95 11.88
CA GLY A 7 18.14 -10.16 10.66
C GLY A 7 18.91 -8.87 10.83
N MET A 8 18.53 -7.85 10.06
CA MET A 8 19.19 -6.55 10.13
C MET A 8 18.65 -5.73 11.29
N TRP A 9 19.55 -5.22 12.13
CA TRP A 9 19.16 -4.41 13.27
C TRP A 9 18.54 -3.10 12.83
N SER A 10 17.22 -3.08 12.75
CA SER A 10 16.49 -1.88 12.33
C SER A 10 15.06 -1.89 12.86
N TRP A 11 14.49 -0.71 13.06
CA TRP A 11 13.13 -0.60 13.55
C TRP A 11 12.12 -0.76 12.42
N ASP A 12 10.84 -0.53 12.73
CA ASP A 12 9.79 -0.66 11.74
C ASP A 12 9.04 0.66 11.56
N VAL A 13 9.79 1.73 11.28
CA VAL A 13 9.19 3.05 11.09
C VAL A 13 8.50 3.15 9.74
N GLU A 14 7.60 2.21 9.46
CA GLU A 14 6.87 2.21 8.20
C GLU A 14 5.37 2.17 8.44
N CYS A 15 4.72 3.33 8.29
CA CYS A 15 3.29 3.45 8.49
C CYS A 15 2.57 3.78 7.18
N ASP A 16 3.09 3.23 6.08
CA ASP A 16 2.50 3.48 4.77
C ASP A 16 2.29 2.16 4.02
N THR A 17 1.50 1.27 4.61
CA THR A 17 1.22 -0.03 4.00
C THR A 17 -0.25 -0.15 3.62
N CYS A 18 -0.51 -0.37 2.33
CA CYS A 18 -1.88 -0.49 1.84
C CYS A 18 -2.70 -1.39 2.77
N ALA A 19 -3.60 -0.77 3.52
CA ALA A 19 -4.46 -1.50 4.44
C ALA A 19 -5.48 -2.36 3.70
N ILE A 20 -5.82 -1.94 2.48
CA ILE A 20 -6.77 -2.67 1.65
C ILE A 20 -6.35 -4.13 1.49
N CYS A 21 -5.11 -4.34 1.06
CA CYS A 21 -4.59 -5.68 0.85
C CYS A 21 -3.49 -6.00 1.87
N ARG A 22 -3.08 -4.98 2.62
CA ARG A 22 -2.04 -5.16 3.63
C ARG A 22 -0.70 -5.48 2.98
N VAL A 23 -0.41 -4.83 1.87
CA VAL A 23 0.84 -5.06 1.15
C VAL A 23 1.61 -3.75 0.95
N GLN A 24 2.93 -3.85 0.94
CA GLN A 24 3.78 -2.68 0.76
C GLN A 24 3.30 -1.83 -0.42
N VAL A 25 2.70 -0.69 -0.11
CA VAL A 25 2.19 0.21 -1.14
C VAL A 25 3.22 0.41 -2.24
N MET A 26 4.50 0.48 -1.86
CA MET A 26 5.57 0.67 -2.82
C MET A 26 5.65 -0.51 -3.79
N ASP A 27 5.40 -1.71 -3.29
CA ASP A 27 5.43 -2.92 -4.11
C ASP A 27 4.03 -3.29 -4.57
N ALA A 28 3.97 -4.18 -5.56
CA ALA A 28 2.69 -4.63 -6.10
C ALA A 28 1.93 -5.49 -5.07
N CYS A 29 0.61 -5.44 -5.14
CA CYS A 29 -0.23 -6.20 -4.22
C CYS A 29 -0.21 -7.69 -4.58
N LEU A 30 -0.75 -8.51 -3.69
CA LEU A 30 -0.80 -9.95 -3.90
C LEU A 30 -1.61 -10.29 -5.15
N ARG A 31 -2.39 -9.32 -5.62
CA ARG A 31 -3.22 -9.52 -6.79
C ARG A 31 -2.45 -9.20 -8.06
N CYS A 32 -1.52 -8.25 -7.96
CA CYS A 32 -0.71 -7.85 -9.11
C CYS A 32 0.59 -8.66 -9.16
N GLN A 33 1.02 -9.15 -8.01
CA GLN A 33 2.25 -9.93 -7.92
C GLN A 33 2.02 -11.34 -8.48
N ALA A 34 0.78 -11.81 -8.43
CA ALA A 34 0.44 -13.13 -8.93
C ALA A 34 -0.02 -13.07 -10.39
N GLU A 35 -0.77 -12.02 -10.73
CA GLU A 35 -1.27 -11.86 -12.08
C GLU A 35 -0.26 -11.09 -12.95
N ASN A 36 0.86 -10.71 -12.33
CA ASN A 36 1.90 -9.97 -13.03
C ASN A 36 1.37 -8.63 -13.55
N LYS A 37 0.61 -7.94 -12.72
CA LYS A 37 0.04 -6.65 -13.08
C LYS A 37 0.77 -5.51 -12.40
N GLN A 38 1.99 -5.81 -11.91
CA GLN A 38 2.80 -4.80 -11.24
C GLN A 38 2.90 -3.53 -12.08
N GLU A 39 3.33 -3.68 -13.32
CA GLU A 39 3.47 -2.54 -14.22
C GLU A 39 2.36 -1.53 -14.00
N ASP A 40 1.17 -2.03 -13.66
CA ASP A 40 0.02 -1.17 -13.42
C ASP A 40 -0.06 -0.77 -11.95
N CYS A 41 0.27 -1.70 -11.07
CA CYS A 41 0.23 -1.45 -9.64
C CYS A 41 1.19 -0.32 -9.26
N VAL A 42 0.66 0.90 -9.19
CA VAL A 42 1.46 2.06 -8.84
C VAL A 42 1.10 2.58 -7.45
N VAL A 43 1.78 3.63 -7.01
CA VAL A 43 1.53 4.22 -5.70
C VAL A 43 0.75 5.52 -5.84
N VAL A 44 -0.46 5.54 -5.28
CA VAL A 44 -1.32 6.71 -5.33
C VAL A 44 -1.41 7.39 -3.96
N TRP A 45 -0.85 8.58 -3.86
CA TRP A 45 -0.87 9.34 -2.61
C TRP A 45 -2.17 10.12 -2.46
N GLY A 46 -2.64 10.25 -1.23
CA GLY A 46 -3.87 10.98 -0.97
C GLY A 46 -3.63 12.27 -0.23
N GLU A 47 -4.67 13.10 -0.14
CA GLU A 47 -4.57 14.38 0.55
C GLU A 47 -4.26 14.18 2.03
N CYS A 48 -4.67 13.04 2.56
CA CYS A 48 -4.44 12.72 3.96
C CYS A 48 -3.02 12.19 4.18
N ASN A 49 -2.19 12.32 3.14
CA ASN A 49 -0.81 11.85 3.22
C ASN A 49 -0.74 10.35 3.41
N HIS A 50 -1.59 9.63 2.68
CA HIS A 50 -1.64 8.17 2.76
C HIS A 50 -1.55 7.55 1.37
N SER A 51 -0.51 6.76 1.14
CA SER A 51 -0.30 6.10 -0.15
C SER A 51 -1.03 4.77 -0.20
N PHE A 52 -1.59 4.45 -1.36
CA PHE A 52 -2.32 3.20 -1.54
C PHE A 52 -2.04 2.60 -2.91
N HIS A 53 -2.69 1.48 -3.21
CA HIS A 53 -2.50 0.81 -4.50
C HIS A 53 -3.59 1.24 -5.49
N ASN A 54 -3.19 2.05 -6.47
CA ASN A 54 -4.12 2.53 -7.48
C ASN A 54 -5.18 1.47 -7.80
N CYS A 55 -4.75 0.22 -7.82
CA CYS A 55 -5.66 -0.90 -8.11
C CYS A 55 -6.59 -1.15 -6.94
N CYS A 56 -6.04 -1.23 -5.74
CA CYS A 56 -6.82 -1.47 -4.54
C CYS A 56 -7.74 -0.29 -4.23
N MET A 57 -7.13 0.88 -4.05
CA MET A 57 -7.89 2.09 -3.75
C MET A 57 -9.16 2.16 -4.61
N SER A 58 -9.03 1.78 -5.87
CA SER A 58 -10.16 1.80 -6.80
C SER A 58 -11.20 0.75 -6.41
N LEU A 59 -10.72 -0.39 -5.91
CA LEU A 59 -11.59 -1.48 -5.51
C LEU A 59 -12.19 -1.21 -4.13
N TRP A 60 -11.48 -0.45 -3.32
CA TRP A 60 -11.95 -0.12 -1.97
C TRP A 60 -13.10 0.89 -2.04
N VAL A 61 -12.93 1.90 -2.87
CA VAL A 61 -13.96 2.93 -3.02
C VAL A 61 -15.28 2.33 -3.46
N LYS A 62 -15.23 1.13 -4.02
CA LYS A 62 -16.43 0.44 -4.48
C LYS A 62 -17.37 0.15 -3.33
N GLN A 63 -16.80 0.01 -2.13
CA GLN A 63 -17.59 -0.27 -0.93
C GLN A 63 -17.51 0.88 0.05
N ASN A 64 -16.32 1.45 0.21
CA ASN A 64 -16.12 2.57 1.12
C ASN A 64 -15.23 3.64 0.49
N ASN A 65 -15.84 4.75 0.10
CA ASN A 65 -15.12 5.85 -0.52
C ASN A 65 -14.44 6.71 0.53
N ARG A 66 -13.78 6.07 1.49
CA ARG A 66 -13.09 6.77 2.56
C ARG A 66 -11.82 6.03 2.98
N CYS A 67 -10.73 6.78 3.12
CA CYS A 67 -9.45 6.20 3.52
C CYS A 67 -9.63 5.22 4.67
N PRO A 68 -9.21 3.97 4.46
CA PRO A 68 -9.31 2.92 5.48
C PRO A 68 -8.35 3.15 6.64
N LEU A 69 -7.66 4.28 6.63
CA LEU A 69 -6.71 4.62 7.68
C LEU A 69 -7.22 5.77 8.53
N CYS A 70 -7.78 6.79 7.87
CA CYS A 70 -8.32 7.95 8.57
C CYS A 70 -9.78 8.17 8.21
N GLN A 71 -10.40 7.17 7.59
CA GLN A 71 -11.79 7.25 7.20
C GLN A 71 -12.18 8.68 6.82
N GLN A 72 -11.24 9.38 6.18
CA GLN A 72 -11.48 10.76 5.76
C GLN A 72 -11.68 10.85 4.25
N ASP A 73 -12.44 11.84 3.81
CA ASP A 73 -12.71 12.04 2.40
C ASP A 73 -11.46 11.77 1.57
N TRP A 74 -11.40 10.57 0.99
CA TRP A 74 -10.26 10.18 0.17
C TRP A 74 -10.15 11.06 -1.07
N VAL A 75 -9.02 11.74 -1.21
CA VAL A 75 -8.78 12.62 -2.35
C VAL A 75 -7.45 12.31 -3.02
N VAL A 76 -7.52 11.66 -4.17
CA VAL A 76 -6.31 11.30 -4.93
C VAL A 76 -5.46 12.53 -5.19
N GLN A 77 -4.41 12.71 -4.38
CA GLN A 77 -3.51 13.85 -4.53
C GLN A 77 -2.64 13.69 -5.77
N ARG A 78 -1.90 12.59 -5.84
CA ARG A 78 -1.03 12.32 -6.97
C ARG A 78 -0.84 10.82 -7.17
N ILE A 79 -0.41 10.43 -8.36
CA ILE A 79 -0.19 9.02 -8.68
C ILE A 79 1.14 8.82 -9.38
N GLY A 80 1.84 7.74 -9.03
CA GLY A 80 3.12 7.45 -9.63
C GLY A 80 4.09 6.81 -8.66
N LYS A 81 5.27 6.46 -9.15
CA LYS A 81 6.30 5.84 -8.32
C LYS A 81 7.32 6.87 -7.83
N GLY A 1 25.52 -20.38 37.66
CA GLY A 1 24.75 -20.11 36.45
C GLY A 1 25.55 -19.38 35.40
N SER A 2 24.95 -19.17 34.23
CA SER A 2 25.62 -18.48 33.13
C SER A 2 24.60 -17.78 32.24
N SER A 3 25.09 -16.86 31.42
CA SER A 3 24.24 -16.10 30.52
C SER A 3 24.77 -16.14 29.09
N GLY A 4 23.97 -15.68 28.14
CA GLY A 4 24.38 -15.66 26.75
C GLY A 4 24.33 -14.27 26.14
N SER A 5 23.57 -14.14 25.06
CA SER A 5 23.44 -12.85 24.38
C SER A 5 21.98 -12.56 24.04
N SER A 6 21.72 -11.33 23.60
CA SER A 6 20.36 -10.93 23.25
C SER A 6 20.37 -9.60 22.49
N GLY A 7 19.39 -9.42 21.61
CA GLY A 7 19.31 -8.20 20.83
C GLY A 7 17.94 -7.99 20.22
N MET A 8 17.83 -7.01 19.33
CA MET A 8 16.57 -6.71 18.67
C MET A 8 16.80 -6.25 17.23
N TRP A 9 16.26 -7.00 16.28
CA TRP A 9 16.40 -6.67 14.87
C TRP A 9 15.37 -5.63 14.44
N SER A 10 15.78 -4.73 13.56
CA SER A 10 14.90 -3.67 13.07
C SER A 10 14.11 -4.15 11.85
N TRP A 11 12.79 -4.16 11.99
CA TRP A 11 11.91 -4.59 10.90
C TRP A 11 11.42 -3.40 10.10
N ASP A 12 10.51 -3.66 9.17
CA ASP A 12 9.94 -2.60 8.34
C ASP A 12 8.45 -2.41 8.62
N VAL A 13 8.10 -2.42 9.91
CA VAL A 13 6.71 -2.24 10.32
C VAL A 13 6.31 -0.77 10.29
N GLU A 14 6.77 -0.05 9.27
CA GLU A 14 6.45 1.36 9.14
C GLU A 14 5.02 1.56 8.69
N CYS A 15 4.54 2.80 8.76
CA CYS A 15 3.18 3.13 8.36
C CYS A 15 3.09 3.30 6.85
N ASP A 16 3.80 2.46 6.12
CA ASP A 16 3.81 2.53 4.66
C ASP A 16 3.44 1.17 4.05
N THR A 17 2.26 0.68 4.40
CA THR A 17 1.80 -0.61 3.89
C THR A 17 0.30 -0.58 3.58
N CYS A 18 -0.05 -0.66 2.31
CA CYS A 18 -1.44 -0.64 1.89
C CYS A 18 -2.30 -1.50 2.82
N ALA A 19 -3.15 -0.84 3.59
CA ALA A 19 -4.03 -1.55 4.52
C ALA A 19 -5.11 -2.32 3.78
N ILE A 20 -5.55 -1.77 2.65
CA ILE A 20 -6.58 -2.41 1.84
C ILE A 20 -6.29 -3.89 1.64
N CYS A 21 -5.06 -4.19 1.20
CA CYS A 21 -4.66 -5.57 0.96
C CYS A 21 -3.57 -5.99 1.95
N ARG A 22 -3.04 -5.01 2.68
CA ARG A 22 -1.99 -5.27 3.65
C ARG A 22 -0.68 -5.65 2.96
N VAL A 23 -0.40 -4.97 1.85
CA VAL A 23 0.82 -5.24 1.09
C VAL A 23 1.64 -3.97 0.91
N GLN A 24 2.96 -4.11 0.95
CA GLN A 24 3.85 -2.96 0.79
C GLN A 24 3.38 -2.06 -0.35
N VAL A 25 2.87 -0.88 0.01
CA VAL A 25 2.38 0.06 -0.98
C VAL A 25 3.38 0.24 -2.12
N MET A 26 4.65 0.40 -1.77
CA MET A 26 5.70 0.56 -2.76
C MET A 26 5.73 -0.61 -3.73
N ASP A 27 5.46 -1.79 -3.22
CA ASP A 27 5.45 -3.00 -4.05
C ASP A 27 4.03 -3.34 -4.50
N ALA A 28 3.93 -4.20 -5.50
CA ALA A 28 2.63 -4.61 -6.03
C ALA A 28 1.87 -5.45 -5.01
N CYS A 29 0.54 -5.39 -5.07
CA CYS A 29 -0.32 -6.15 -4.17
C CYS A 29 -0.32 -7.62 -4.54
N LEU A 30 -0.67 -8.47 -3.57
CA LEU A 30 -0.72 -9.91 -3.79
C LEU A 30 -1.62 -10.24 -4.97
N ARG A 31 -2.45 -9.29 -5.36
CA ARG A 31 -3.37 -9.48 -6.47
C ARG A 31 -2.68 -9.20 -7.81
N CYS A 32 -1.82 -8.20 -7.82
CA CYS A 32 -1.09 -7.83 -9.03
C CYS A 32 0.14 -8.71 -9.21
N GLN A 33 0.81 -9.00 -8.10
CA GLN A 33 2.01 -9.84 -8.13
C GLN A 33 1.69 -11.24 -8.67
N ALA A 34 0.52 -11.75 -8.30
CA ALA A 34 0.10 -13.07 -8.75
C ALA A 34 -0.07 -13.12 -10.26
N GLU A 35 -0.60 -12.03 -10.83
CA GLU A 35 -0.82 -11.95 -12.26
C GLU A 35 0.32 -11.19 -12.95
N ASN A 36 1.24 -10.67 -12.14
CA ASN A 36 2.38 -9.92 -12.65
C ASN A 36 1.92 -8.64 -13.35
N LYS A 37 0.87 -8.02 -12.82
CA LYS A 37 0.34 -6.80 -13.39
C LYS A 37 0.92 -5.57 -12.69
N GLN A 38 2.08 -5.74 -12.08
CA GLN A 38 2.74 -4.65 -11.38
C GLN A 38 2.77 -3.39 -12.24
N GLU A 39 3.14 -3.55 -13.51
CA GLU A 39 3.21 -2.43 -14.42
C GLU A 39 2.05 -1.46 -14.20
N ASP A 40 0.94 -1.98 -13.69
CA ASP A 40 -0.24 -1.17 -13.42
C ASP A 40 -0.30 -0.77 -11.94
N CYS A 41 0.04 -1.72 -11.08
CA CYS A 41 0.03 -1.46 -9.64
C CYS A 41 0.98 -0.33 -9.27
N VAL A 42 0.46 0.89 -9.22
CA VAL A 42 1.26 2.05 -8.88
C VAL A 42 0.95 2.54 -7.47
N VAL A 43 1.62 3.62 -7.06
CA VAL A 43 1.41 4.19 -5.73
C VAL A 43 0.53 5.43 -5.80
N VAL A 44 -0.66 5.34 -5.22
CA VAL A 44 -1.60 6.45 -5.21
C VAL A 44 -1.60 7.17 -3.86
N TRP A 45 -1.22 8.43 -3.87
CA TRP A 45 -1.17 9.22 -2.65
C TRP A 45 -2.45 10.04 -2.47
N GLY A 46 -2.87 10.21 -1.23
CA GLY A 46 -4.09 10.97 -0.95
C GLY A 46 -3.81 12.24 -0.17
N GLU A 47 -4.77 13.16 -0.18
CA GLU A 47 -4.62 14.43 0.53
C GLU A 47 -4.36 14.19 2.02
N CYS A 48 -4.80 13.04 2.51
CA CYS A 48 -4.63 12.70 3.91
C CYS A 48 -3.20 12.22 4.18
N ASN A 49 -2.34 12.34 3.17
CA ASN A 49 -0.95 11.92 3.30
C ASN A 49 -0.85 10.41 3.51
N HIS A 50 -1.57 9.65 2.68
CA HIS A 50 -1.56 8.20 2.78
C HIS A 50 -1.43 7.56 1.41
N SER A 51 -0.38 6.78 1.22
CA SER A 51 -0.15 6.10 -0.05
C SER A 51 -0.82 4.73 -0.09
N PHE A 52 -1.39 4.39 -1.24
CA PHE A 52 -2.08 3.12 -1.40
C PHE A 52 -1.87 2.57 -2.81
N HIS A 53 -2.51 1.45 -3.10
CA HIS A 53 -2.40 0.82 -4.41
C HIS A 53 -3.52 1.29 -5.34
N ASN A 54 -3.16 2.13 -6.31
CA ASN A 54 -4.14 2.66 -7.25
C ASN A 54 -5.24 1.62 -7.54
N CYS A 55 -4.84 0.35 -7.57
CA CYS A 55 -5.79 -0.72 -7.83
C CYS A 55 -6.68 -0.98 -6.61
N CYS A 56 -6.06 -1.09 -5.45
CA CYS A 56 -6.78 -1.33 -4.22
C CYS A 56 -7.69 -0.14 -3.87
N MET A 57 -7.18 1.06 -4.11
CA MET A 57 -7.94 2.27 -3.83
C MET A 57 -9.20 2.33 -4.69
N SER A 58 -9.05 2.01 -5.96
CA SER A 58 -10.18 2.04 -6.89
C SER A 58 -11.19 0.96 -6.54
N LEU A 59 -10.71 -0.18 -6.06
CA LEU A 59 -11.57 -1.29 -5.68
C LEU A 59 -12.18 -1.06 -4.30
N TRP A 60 -11.43 -0.39 -3.44
CA TRP A 60 -11.90 -0.10 -2.09
C TRP A 60 -13.08 0.87 -2.11
N VAL A 61 -12.94 1.95 -2.88
CA VAL A 61 -13.99 2.95 -3.00
C VAL A 61 -15.31 2.31 -3.43
N LYS A 62 -15.22 1.18 -4.12
CA LYS A 62 -16.39 0.48 -4.60
C LYS A 62 -17.40 0.26 -3.45
N GLN A 63 -16.88 0.06 -2.25
CA GLN A 63 -17.72 -0.16 -1.08
C GLN A 63 -17.53 0.95 -0.05
N ASN A 64 -16.30 1.43 0.06
CA ASN A 64 -15.97 2.49 1.01
C ASN A 64 -15.12 3.57 0.35
N ASN A 65 -15.76 4.69 0.00
CA ASN A 65 -15.05 5.79 -0.64
C ASN A 65 -14.34 6.66 0.40
N ARG A 66 -13.82 6.02 1.43
CA ARG A 66 -13.11 6.73 2.49
C ARG A 66 -11.84 6.00 2.89
N CYS A 67 -10.75 6.73 3.01
CA CYS A 67 -9.46 6.14 3.39
C CYS A 67 -9.63 5.17 4.55
N PRO A 68 -9.22 3.92 4.33
CA PRO A 68 -9.31 2.87 5.36
C PRO A 68 -8.35 3.09 6.51
N LEU A 69 -7.67 4.23 6.49
CA LEU A 69 -6.71 4.57 7.54
C LEU A 69 -7.23 5.71 8.40
N CYS A 70 -7.76 6.74 7.76
CA CYS A 70 -8.29 7.90 8.47
C CYS A 70 -9.77 8.12 8.14
N GLN A 71 -10.37 7.12 7.50
CA GLN A 71 -11.78 7.19 7.14
C GLN A 71 -12.18 8.62 6.79
N GLN A 72 -11.28 9.34 6.14
CA GLN A 72 -11.53 10.72 5.76
C GLN A 72 -11.75 10.84 4.25
N ASP A 73 -12.52 11.84 3.85
CA ASP A 73 -12.80 12.07 2.43
C ASP A 73 -11.57 11.80 1.58
N TRP A 74 -11.59 10.68 0.87
CA TRP A 74 -10.47 10.31 0.01
C TRP A 74 -10.33 11.28 -1.16
N VAL A 75 -9.12 11.78 -1.37
CA VAL A 75 -8.86 12.72 -2.46
C VAL A 75 -7.51 12.42 -3.12
N VAL A 76 -7.57 11.88 -4.34
CA VAL A 76 -6.36 11.55 -5.08
C VAL A 76 -5.47 12.79 -5.25
N GLN A 77 -4.35 12.80 -4.54
CA GLN A 77 -3.42 13.92 -4.61
C GLN A 77 -2.49 13.77 -5.81
N ARG A 78 -1.81 12.62 -5.89
CA ARG A 78 -0.89 12.36 -6.99
C ARG A 78 -0.74 10.86 -7.23
N ILE A 79 -0.28 10.50 -8.42
CA ILE A 79 -0.09 9.10 -8.77
C ILE A 79 1.24 8.88 -9.50
N GLY A 80 1.82 7.70 -9.31
CA GLY A 80 3.08 7.40 -9.95
C GLY A 80 3.95 6.46 -9.13
N LYS A 81 5.05 6.02 -9.70
CA LYS A 81 5.97 5.12 -9.02
C LYS A 81 7.22 5.85 -8.55
N GLY A 1 29.66 -33.86 18.98
CA GLY A 1 28.88 -32.81 19.61
C GLY A 1 28.89 -31.53 18.79
N SER A 2 27.73 -30.89 18.69
CA SER A 2 27.60 -29.65 17.94
C SER A 2 26.20 -29.06 18.10
N SER A 3 26.11 -27.97 18.86
CA SER A 3 24.84 -27.31 19.10
C SER A 3 24.84 -25.90 18.51
N GLY A 4 23.65 -25.39 18.19
CA GLY A 4 23.55 -24.06 17.63
C GLY A 4 22.15 -23.49 17.75
N SER A 5 22.01 -22.21 17.46
CA SER A 5 20.71 -21.54 17.55
C SER A 5 20.71 -20.24 16.73
N SER A 6 19.83 -20.18 15.74
CA SER A 6 19.73 -19.01 14.88
C SER A 6 18.30 -18.82 14.40
N GLY A 7 17.97 -17.58 14.01
CA GLY A 7 16.63 -17.28 13.53
C GLY A 7 16.32 -15.80 13.57
N MET A 8 16.02 -15.23 12.41
CA MET A 8 15.69 -13.81 12.31
C MET A 8 14.22 -13.61 11.94
N TRP A 9 13.36 -13.66 12.94
CA TRP A 9 11.93 -13.48 12.71
C TRP A 9 11.64 -12.11 12.11
N SER A 10 10.56 -12.02 11.33
CA SER A 10 10.18 -10.78 10.70
C SER A 10 9.43 -9.87 11.67
N TRP A 11 9.75 -8.59 11.65
CA TRP A 11 9.11 -7.61 12.54
C TRP A 11 8.00 -6.87 11.81
N ASP A 12 7.43 -5.87 12.48
CA ASP A 12 6.35 -5.08 11.89
C ASP A 12 6.82 -3.65 11.64
N VAL A 13 8.02 -3.51 11.09
CA VAL A 13 8.58 -2.19 10.78
C VAL A 13 7.99 -1.62 9.50
N GLU A 14 6.67 -1.77 9.33
CA GLU A 14 5.99 -1.27 8.15
C GLU A 14 5.39 0.10 8.41
N CYS A 15 5.26 0.89 7.35
CA CYS A 15 4.70 2.23 7.46
C CYS A 15 3.88 2.58 6.22
N ASP A 16 2.74 3.23 6.44
CA ASP A 16 1.87 3.62 5.34
C ASP A 16 1.58 2.44 4.42
N THR A 17 1.52 1.24 5.00
CA THR A 17 1.25 0.04 4.24
C THR A 17 -0.22 -0.07 3.84
N CYS A 18 -0.48 -0.26 2.56
CA CYS A 18 -1.84 -0.37 2.06
C CYS A 18 -2.66 -1.31 2.94
N ALA A 19 -3.57 -0.74 3.71
CA ALA A 19 -4.42 -1.52 4.60
C ALA A 19 -5.46 -2.32 3.80
N ILE A 20 -5.88 -1.76 2.68
CA ILE A 20 -6.86 -2.42 1.83
C ILE A 20 -6.50 -3.89 1.60
N CYS A 21 -5.24 -4.13 1.29
CA CYS A 21 -4.76 -5.49 1.05
C CYS A 21 -3.65 -5.86 2.04
N ARG A 22 -3.18 -4.87 2.78
CA ARG A 22 -2.12 -5.08 3.76
C ARG A 22 -0.80 -5.43 3.07
N VAL A 23 -0.53 -4.75 1.95
CA VAL A 23 0.69 -4.98 1.20
C VAL A 23 1.50 -3.70 1.07
N GLN A 24 2.82 -3.85 0.94
CA GLN A 24 3.71 -2.70 0.80
C GLN A 24 3.26 -1.80 -0.34
N VAL A 25 2.70 -0.64 0.01
CA VAL A 25 2.24 0.32 -0.99
C VAL A 25 3.29 0.54 -2.07
N MET A 26 4.56 0.40 -1.69
CA MET A 26 5.66 0.59 -2.63
C MET A 26 5.73 -0.57 -3.62
N ASP A 27 5.35 -1.75 -3.18
CA ASP A 27 5.36 -2.94 -4.03
C ASP A 27 3.95 -3.30 -4.49
N ALA A 28 3.87 -4.14 -5.52
CA ALA A 28 2.58 -4.57 -6.05
C ALA A 28 1.83 -5.42 -5.03
N CYS A 29 0.50 -5.46 -5.16
CA CYS A 29 -0.34 -6.22 -4.25
C CYS A 29 -0.31 -7.70 -4.62
N LEU A 30 -0.88 -8.53 -3.74
CA LEU A 30 -0.92 -9.98 -3.98
C LEU A 30 -1.74 -10.29 -5.23
N ARG A 31 -2.49 -9.31 -5.71
CA ARG A 31 -3.30 -9.50 -6.90
C ARG A 31 -2.51 -9.15 -8.17
N CYS A 32 -1.65 -8.14 -8.06
CA CYS A 32 -0.84 -7.72 -9.20
C CYS A 32 0.47 -8.50 -9.25
N GLN A 33 0.90 -9.01 -8.09
CA GLN A 33 2.14 -9.77 -8.01
C GLN A 33 1.95 -11.18 -8.58
N ALA A 34 0.75 -11.72 -8.41
CA ALA A 34 0.43 -13.05 -8.91
C ALA A 34 -0.01 -13.00 -10.37
N GLU A 35 -0.79 -11.99 -10.71
CA GLU A 35 -1.27 -11.83 -12.08
C GLU A 35 -0.18 -11.26 -12.98
N ASN A 36 0.89 -10.78 -12.37
CA ASN A 36 2.01 -10.20 -13.12
C ASN A 36 1.62 -8.87 -13.74
N LYS A 37 0.85 -8.09 -13.01
CA LYS A 37 0.39 -6.78 -13.49
C LYS A 37 0.97 -5.66 -12.64
N GLN A 38 2.16 -5.89 -12.09
CA GLN A 38 2.82 -4.89 -11.26
C GLN A 38 2.96 -3.57 -12.00
N GLU A 39 3.44 -3.63 -13.23
CA GLU A 39 3.63 -2.44 -14.05
C GLU A 39 2.44 -1.49 -13.88
N ASP A 40 1.27 -2.05 -13.61
CA ASP A 40 0.06 -1.26 -13.44
C ASP A 40 -0.12 -0.86 -11.98
N CYS A 41 0.31 -1.74 -11.07
CA CYS A 41 0.19 -1.48 -9.64
C CYS A 41 1.08 -0.31 -9.23
N VAL A 42 0.57 0.91 -9.40
CA VAL A 42 1.31 2.10 -9.04
C VAL A 42 0.93 2.59 -7.64
N VAL A 43 1.55 3.69 -7.21
CA VAL A 43 1.28 4.26 -5.89
C VAL A 43 0.42 5.51 -6.00
N VAL A 44 -0.68 5.53 -5.25
CA VAL A 44 -1.59 6.67 -5.25
C VAL A 44 -1.61 7.36 -3.89
N TRP A 45 -1.08 8.57 -3.84
CA TRP A 45 -1.04 9.34 -2.60
C TRP A 45 -2.32 10.15 -2.42
N GLY A 46 -2.77 10.28 -1.18
CA GLY A 46 -3.98 11.03 -0.90
C GLY A 46 -3.70 12.30 -0.11
N GLU A 47 -4.68 13.21 -0.12
CA GLU A 47 -4.54 14.48 0.60
C GLU A 47 -4.24 14.24 2.08
N CYS A 48 -4.68 13.09 2.59
CA CYS A 48 -4.48 12.74 3.99
C CYS A 48 -3.05 12.24 4.22
N ASN A 49 -2.22 12.36 3.19
CA ASN A 49 -0.83 11.93 3.28
C ASN A 49 -0.75 10.42 3.48
N HIS A 50 -1.50 9.68 2.67
CA HIS A 50 -1.50 8.23 2.75
C HIS A 50 -1.43 7.60 1.37
N SER A 51 -0.39 6.79 1.15
CA SER A 51 -0.19 6.13 -0.14
C SER A 51 -0.91 4.79 -0.18
N PHE A 52 -1.49 4.47 -1.33
CA PHE A 52 -2.21 3.22 -1.50
C PHE A 52 -2.00 2.65 -2.91
N HIS A 53 -2.62 1.50 -3.17
CA HIS A 53 -2.49 0.87 -4.48
C HIS A 53 -3.64 1.28 -5.41
N ASN A 54 -3.33 2.12 -6.38
CA ASN A 54 -4.32 2.60 -7.33
C ASN A 54 -5.37 1.52 -7.60
N CYS A 55 -4.94 0.27 -7.63
CA CYS A 55 -5.85 -0.85 -7.88
C CYS A 55 -6.72 -1.12 -6.66
N CYS A 56 -6.09 -1.20 -5.49
CA CYS A 56 -6.80 -1.46 -4.25
C CYS A 56 -7.74 -0.30 -3.91
N MET A 57 -7.36 0.90 -4.32
CA MET A 57 -8.17 2.09 -4.07
C MET A 57 -9.43 2.08 -4.93
N SER A 58 -9.26 1.84 -6.22
CA SER A 58 -10.39 1.80 -7.14
C SER A 58 -11.42 0.76 -6.70
N LEU A 59 -10.94 -0.31 -6.09
CA LEU A 59 -11.82 -1.38 -5.62
C LEU A 59 -12.37 -1.06 -4.23
N TRP A 60 -11.49 -0.63 -3.34
CA TRP A 60 -11.90 -0.29 -1.98
C TRP A 60 -12.95 0.81 -1.98
N VAL A 61 -12.92 1.67 -2.99
CA VAL A 61 -13.87 2.76 -3.12
C VAL A 61 -15.25 2.24 -3.53
N LYS A 62 -15.27 1.09 -4.20
CA LYS A 62 -16.52 0.49 -4.64
C LYS A 62 -17.49 0.31 -3.48
N GLN A 63 -16.94 0.02 -2.30
CA GLN A 63 -17.76 -0.16 -1.11
C GLN A 63 -17.43 0.89 -0.06
N ASN A 64 -16.15 1.21 0.08
CA ASN A 64 -15.71 2.21 1.04
C ASN A 64 -14.88 3.29 0.38
N ASN A 65 -15.52 4.43 0.08
CA ASN A 65 -14.84 5.54 -0.56
C ASN A 65 -14.16 6.44 0.48
N ARG A 66 -13.59 5.81 1.50
CA ARG A 66 -12.91 6.55 2.55
C ARG A 66 -11.62 5.85 2.97
N CYS A 67 -10.56 6.63 3.12
CA CYS A 67 -9.25 6.08 3.51
C CYS A 67 -9.41 5.12 4.69
N PRO A 68 -8.96 3.87 4.48
CA PRO A 68 -9.03 2.82 5.52
C PRO A 68 -8.07 3.08 6.67
N LEU A 69 -7.44 4.25 6.65
CA LEU A 69 -6.49 4.62 7.70
C LEU A 69 -7.04 5.76 8.56
N CYS A 70 -7.57 6.79 7.89
CA CYS A 70 -8.13 7.94 8.58
C CYS A 70 -9.60 8.13 8.22
N GLN A 71 -10.18 7.12 7.57
CA GLN A 71 -11.57 7.18 7.17
C GLN A 71 -11.97 8.60 6.78
N GLN A 72 -11.07 9.30 6.11
CA GLN A 72 -11.33 10.68 5.69
C GLN A 72 -11.59 10.75 4.19
N ASP A 73 -12.35 11.75 3.77
CA ASP A 73 -12.67 11.92 2.37
C ASP A 73 -11.45 11.69 1.50
N TRP A 74 -11.39 10.53 0.87
CA TRP A 74 -10.27 10.17 0.01
C TRP A 74 -10.18 11.12 -1.18
N VAL A 75 -9.02 11.74 -1.35
CA VAL A 75 -8.80 12.68 -2.44
C VAL A 75 -7.46 12.43 -3.13
N VAL A 76 -7.50 11.75 -4.27
CA VAL A 76 -6.29 11.44 -5.01
C VAL A 76 -5.42 12.68 -5.18
N GLN A 77 -4.31 12.73 -4.45
CA GLN A 77 -3.39 13.86 -4.52
C GLN A 77 -2.45 13.72 -5.71
N ARG A 78 -1.69 12.64 -5.73
CA ARG A 78 -0.74 12.39 -6.81
C ARG A 78 -0.54 10.89 -7.02
N ILE A 79 -0.03 10.53 -8.20
CA ILE A 79 0.20 9.13 -8.53
C ILE A 79 1.49 8.96 -9.34
N GLY A 80 2.16 7.84 -9.16
CA GLY A 80 3.39 7.57 -9.88
C GLY A 80 4.59 7.45 -8.96
N LYS A 81 5.50 6.54 -9.29
CA LYS A 81 6.69 6.33 -8.49
C LYS A 81 7.89 7.07 -9.10
N GLY A 1 23.06 -34.93 9.51
CA GLY A 1 23.09 -34.48 10.89
C GLY A 1 23.64 -33.08 11.04
N SER A 2 23.03 -32.13 10.34
CA SER A 2 23.48 -30.74 10.39
C SER A 2 22.50 -29.83 9.64
N SER A 3 21.99 -28.84 10.35
CA SER A 3 21.03 -27.89 9.75
C SER A 3 20.88 -26.65 10.63
N GLY A 4 20.08 -25.70 10.16
CA GLY A 4 19.85 -24.49 10.92
C GLY A 4 18.88 -23.54 10.23
N SER A 5 18.85 -22.29 10.67
CA SER A 5 17.96 -21.30 10.09
C SER A 5 18.46 -19.89 10.40
N SER A 6 17.90 -18.91 9.68
CA SER A 6 18.29 -17.51 9.86
C SER A 6 17.22 -16.57 9.32
N GLY A 7 17.19 -15.36 9.84
CA GLY A 7 16.22 -14.38 9.39
C GLY A 7 16.31 -13.06 10.14
N MET A 8 15.40 -12.15 9.84
CA MET A 8 15.39 -10.84 10.50
C MET A 8 14.00 -10.49 11.01
N TRP A 9 13.86 -10.39 12.32
CA TRP A 9 12.58 -10.07 12.94
C TRP A 9 12.27 -8.58 12.77
N SER A 10 11.00 -8.28 12.46
CA SER A 10 10.58 -6.90 12.28
C SER A 10 9.16 -6.70 12.82
N TRP A 11 8.92 -5.52 13.39
CA TRP A 11 7.61 -5.21 13.94
C TRP A 11 6.72 -4.52 12.90
N ASP A 12 5.55 -4.07 13.33
CA ASP A 12 4.61 -3.40 12.44
C ASP A 12 4.48 -1.93 12.80
N VAL A 13 5.60 -1.30 13.12
CA VAL A 13 5.62 0.12 13.48
C VAL A 13 5.50 1.00 12.25
N GLU A 14 5.93 0.48 11.11
CA GLU A 14 5.88 1.22 9.86
C GLU A 14 4.43 1.45 9.42
N CYS A 15 4.17 2.63 8.86
CA CYS A 15 2.83 2.97 8.40
C CYS A 15 2.84 3.25 6.91
N ASP A 16 3.51 2.40 6.14
CA ASP A 16 3.58 2.57 4.70
C ASP A 16 3.24 1.26 3.98
N THR A 17 2.19 0.59 4.46
CA THR A 17 1.75 -0.66 3.87
C THR A 17 0.26 -0.65 3.58
N CYS A 18 -0.09 -0.69 2.31
CA CYS A 18 -1.49 -0.69 1.89
C CYS A 18 -2.33 -1.57 2.81
N ALA A 19 -3.22 -0.95 3.57
CA ALA A 19 -4.09 -1.68 4.49
C ALA A 19 -5.17 -2.44 3.73
N ILE A 20 -5.60 -1.87 2.60
CA ILE A 20 -6.63 -2.50 1.78
C ILE A 20 -6.33 -3.96 1.54
N CYS A 21 -5.09 -4.26 1.16
CA CYS A 21 -4.67 -5.63 0.89
C CYS A 21 -3.56 -6.05 1.85
N ARG A 22 -3.07 -5.10 2.63
CA ARG A 22 -2.00 -5.37 3.59
C ARG A 22 -0.71 -5.75 2.86
N VAL A 23 -0.42 -5.05 1.78
CA VAL A 23 0.78 -5.31 1.00
C VAL A 23 1.63 -4.05 0.86
N GLN A 24 2.95 -4.21 0.91
CA GLN A 24 3.87 -3.09 0.79
C GLN A 24 3.42 -2.15 -0.32
N VAL A 25 2.82 -1.03 0.07
CA VAL A 25 2.34 -0.03 -0.89
C VAL A 25 3.37 0.19 -1.99
N MET A 26 4.63 0.29 -1.61
CA MET A 26 5.71 0.52 -2.57
C MET A 26 5.74 -0.61 -3.60
N ASP A 27 5.48 -1.83 -3.15
CA ASP A 27 5.48 -2.99 -4.03
C ASP A 27 4.08 -3.29 -4.53
N ALA A 28 3.98 -4.24 -5.47
CA ALA A 28 2.69 -4.64 -6.02
C ALA A 28 1.89 -5.47 -5.03
N CYS A 29 0.57 -5.48 -5.20
CA CYS A 29 -0.31 -6.25 -4.33
C CYS A 29 -0.31 -7.73 -4.72
N LEU A 30 -0.91 -8.56 -3.86
CA LEU A 30 -0.99 -9.99 -4.11
C LEU A 30 -1.79 -10.28 -5.38
N ARG A 31 -2.56 -9.29 -5.81
CA ARG A 31 -3.38 -9.43 -7.01
C ARG A 31 -2.58 -9.10 -8.27
N CYS A 32 -1.63 -8.19 -8.13
CA CYS A 32 -0.79 -7.78 -9.25
C CYS A 32 0.45 -8.66 -9.35
N GLN A 33 0.96 -9.09 -8.19
CA GLN A 33 2.15 -9.93 -8.16
C GLN A 33 1.87 -11.30 -8.77
N ALA A 34 0.67 -11.81 -8.54
CA ALA A 34 0.27 -13.11 -9.07
C ALA A 34 -0.19 -12.98 -10.52
N GLU A 35 -0.96 -11.94 -10.79
CA GLU A 35 -1.48 -11.71 -12.15
C GLU A 35 -0.39 -11.15 -13.05
N ASN A 36 0.71 -10.70 -12.45
CA ASN A 36 1.82 -10.15 -13.21
C ASN A 36 1.45 -8.79 -13.81
N LYS A 37 0.73 -7.99 -13.04
CA LYS A 37 0.32 -6.67 -13.49
C LYS A 37 0.94 -5.58 -12.64
N GLN A 38 2.12 -5.87 -12.07
CA GLN A 38 2.82 -4.92 -11.23
C GLN A 38 3.00 -3.59 -11.96
N GLU A 39 3.41 -3.66 -13.22
CA GLU A 39 3.63 -2.46 -14.02
C GLU A 39 2.50 -1.46 -13.81
N ASP A 40 1.30 -1.96 -13.58
CA ASP A 40 0.14 -1.11 -13.36
C ASP A 40 0.02 -0.72 -11.88
N CYS A 41 0.32 -1.67 -11.00
CA CYS A 41 0.26 -1.43 -9.57
C CYS A 41 1.17 -0.27 -9.16
N VAL A 42 0.61 0.93 -9.11
CA VAL A 42 1.37 2.11 -8.73
C VAL A 42 0.97 2.61 -7.35
N VAL A 43 1.68 3.62 -6.86
CA VAL A 43 1.40 4.20 -5.55
C VAL A 43 0.62 5.50 -5.67
N VAL A 44 -0.62 5.49 -5.20
CA VAL A 44 -1.47 6.67 -5.26
C VAL A 44 -1.57 7.34 -3.89
N TRP A 45 -1.07 8.57 -3.80
CA TRP A 45 -1.11 9.31 -2.55
C TRP A 45 -2.40 10.12 -2.44
N GLY A 46 -2.87 10.31 -1.22
CA GLY A 46 -4.09 11.06 -0.99
C GLY A 46 -3.85 12.33 -0.21
N GLU A 47 -4.82 13.25 -0.24
CA GLU A 47 -4.71 14.50 0.48
C GLU A 47 -4.46 14.27 1.96
N CYS A 48 -4.96 13.14 2.46
CA CYS A 48 -4.79 12.79 3.87
C CYS A 48 -3.37 12.33 4.16
N ASN A 49 -2.50 12.46 3.17
CA ASN A 49 -1.11 12.05 3.31
C ASN A 49 -1.00 10.55 3.53
N HIS A 50 -1.63 9.77 2.66
CA HIS A 50 -1.60 8.32 2.76
C HIS A 50 -1.44 7.68 1.38
N SER A 51 -0.43 6.81 1.25
CA SER A 51 -0.17 6.14 -0.01
C SER A 51 -0.86 4.79 -0.06
N PHE A 52 -1.44 4.46 -1.21
CA PHE A 52 -2.15 3.20 -1.40
C PHE A 52 -1.95 2.67 -2.81
N HIS A 53 -2.44 1.46 -3.06
CA HIS A 53 -2.32 0.84 -4.37
C HIS A 53 -3.43 1.31 -5.31
N ASN A 54 -3.06 2.10 -6.31
CA ASN A 54 -4.03 2.62 -7.27
C ASN A 54 -5.09 1.58 -7.60
N CYS A 55 -4.67 0.33 -7.73
CA CYS A 55 -5.59 -0.77 -8.03
C CYS A 55 -6.52 -1.03 -6.86
N CYS A 56 -5.93 -1.15 -5.66
CA CYS A 56 -6.71 -1.42 -4.46
C CYS A 56 -7.67 -0.27 -4.17
N MET A 57 -7.11 0.93 -3.97
CA MET A 57 -7.92 2.11 -3.69
C MET A 57 -9.20 2.10 -4.52
N SER A 58 -9.05 1.88 -5.82
CA SER A 58 -10.20 1.86 -6.72
C SER A 58 -11.18 0.74 -6.33
N LEU A 59 -10.64 -0.36 -5.83
CA LEU A 59 -11.45 -1.49 -5.41
C LEU A 59 -12.08 -1.24 -4.05
N TRP A 60 -11.39 -0.48 -3.21
CA TRP A 60 -11.88 -0.16 -1.87
C TRP A 60 -13.06 0.80 -1.95
N VAL A 61 -12.94 1.82 -2.78
CA VAL A 61 -14.00 2.81 -2.95
C VAL A 61 -15.32 2.14 -3.30
N LYS A 62 -15.24 0.98 -3.94
CA LYS A 62 -16.42 0.24 -4.35
C LYS A 62 -17.33 -0.03 -3.15
N GLN A 63 -16.72 -0.23 -1.98
CA GLN A 63 -17.47 -0.50 -0.75
C GLN A 63 -17.39 0.69 0.20
N ASN A 64 -16.19 1.23 0.37
CA ASN A 64 -15.98 2.36 1.26
C ASN A 64 -15.25 3.49 0.54
N ASN A 65 -15.96 4.59 0.30
CA ASN A 65 -15.39 5.75 -0.38
C ASN A 65 -14.65 6.65 0.60
N ARG A 66 -13.96 6.04 1.55
CA ARG A 66 -13.22 6.79 2.56
C ARG A 66 -11.94 6.05 2.97
N CYS A 67 -10.85 6.79 3.11
CA CYS A 67 -9.57 6.21 3.50
C CYS A 67 -9.73 5.29 4.70
N PRO A 68 -9.32 4.02 4.54
CA PRO A 68 -9.41 3.02 5.61
C PRO A 68 -8.43 3.30 6.75
N LEU A 69 -7.77 4.44 6.68
CA LEU A 69 -6.81 4.83 7.71
C LEU A 69 -7.33 6.00 8.54
N CYS A 70 -7.85 7.02 7.86
CA CYS A 70 -8.39 8.20 8.52
C CYS A 70 -9.84 8.44 8.11
N GLN A 71 -10.44 7.46 7.46
CA GLN A 71 -11.82 7.56 7.02
C GLN A 71 -12.14 8.99 6.58
N GLN A 72 -11.18 9.64 5.93
CA GLN A 72 -11.36 11.01 5.47
C GLN A 72 -11.68 11.04 3.98
N ASP A 73 -12.37 12.09 3.55
CA ASP A 73 -12.75 12.24 2.15
C ASP A 73 -11.56 11.95 1.24
N TRP A 74 -11.50 10.72 0.73
CA TRP A 74 -10.41 10.32 -0.15
C TRP A 74 -10.31 11.26 -1.36
N VAL A 75 -9.15 11.89 -1.51
CA VAL A 75 -8.92 12.82 -2.61
C VAL A 75 -7.57 12.58 -3.26
N VAL A 76 -7.57 11.84 -4.37
CA VAL A 76 -6.34 11.54 -5.09
C VAL A 76 -5.46 12.78 -5.21
N GLN A 77 -4.30 12.75 -4.54
CA GLN A 77 -3.38 13.88 -4.58
C GLN A 77 -2.38 13.72 -5.72
N ARG A 78 -1.68 12.59 -5.75
CA ARG A 78 -0.69 12.31 -6.78
C ARG A 78 -0.57 10.81 -7.03
N ILE A 79 -0.02 10.45 -8.19
CA ILE A 79 0.16 9.05 -8.55
C ILE A 79 1.48 8.83 -9.26
N GLY A 80 2.12 7.69 -8.98
CA GLY A 80 3.39 7.38 -9.60
C GLY A 80 4.31 6.61 -8.67
N LYS A 81 5.47 6.21 -9.19
CA LYS A 81 6.44 5.46 -8.40
C LYS A 81 6.83 6.23 -7.15
N GLY A 1 27.58 -21.67 9.70
CA GLY A 1 27.37 -23.01 9.20
C GLY A 1 25.96 -23.50 9.41
N SER A 2 25.82 -24.68 10.00
CA SER A 2 24.50 -25.26 10.26
C SER A 2 23.50 -24.18 10.66
N SER A 3 23.88 -23.37 11.65
CA SER A 3 23.01 -22.30 12.13
C SER A 3 23.83 -21.09 12.53
N GLY A 4 23.22 -19.91 12.40
CA GLY A 4 23.91 -18.68 12.74
C GLY A 4 22.99 -17.65 13.38
N SER A 5 23.37 -16.38 13.29
CA SER A 5 22.56 -15.30 13.85
C SER A 5 22.15 -14.30 12.78
N SER A 6 20.92 -14.44 12.29
CA SER A 6 20.41 -13.55 11.26
C SER A 6 18.97 -13.15 11.55
N GLY A 7 18.63 -11.90 11.23
CA GLY A 7 17.28 -11.42 11.47
C GLY A 7 16.23 -12.28 10.79
N MET A 8 15.04 -12.33 11.38
CA MET A 8 13.95 -13.12 10.82
C MET A 8 13.50 -12.56 9.47
N TRP A 9 13.19 -13.45 8.55
CA TRP A 9 12.75 -13.04 7.21
C TRP A 9 11.77 -11.88 7.30
N SER A 10 10.66 -12.10 7.99
CA SER A 10 9.64 -11.07 8.15
C SER A 10 10.24 -9.79 8.73
N TRP A 11 9.94 -8.66 8.09
CA TRP A 11 10.44 -7.38 8.55
C TRP A 11 9.33 -6.53 9.17
N ASP A 12 9.65 -5.29 9.50
CA ASP A 12 8.67 -4.38 10.10
C ASP A 12 8.32 -3.26 9.13
N VAL A 13 8.18 -3.59 7.86
CA VAL A 13 7.84 -2.61 6.84
C VAL A 13 6.35 -2.30 6.83
N GLU A 14 5.82 -2.02 8.02
CA GLU A 14 4.39 -1.70 8.16
C GLU A 14 4.14 -0.21 7.93
N CYS A 15 5.07 0.44 7.23
CA CYS A 15 4.94 1.86 6.94
C CYS A 15 3.96 2.10 5.80
N ASP A 16 2.98 2.96 6.03
CA ASP A 16 1.98 3.28 5.01
C ASP A 16 1.65 2.05 4.18
N THR A 17 1.62 0.89 4.83
CA THR A 17 1.31 -0.36 4.14
C THR A 17 -0.17 -0.45 3.78
N CYS A 18 -0.45 -0.51 2.48
CA CYS A 18 -1.82 -0.59 2.01
C CYS A 18 -2.65 -1.54 2.87
N ALA A 19 -3.57 -0.97 3.65
CA ALA A 19 -4.42 -1.77 4.51
C ALA A 19 -5.46 -2.55 3.70
N ILE A 20 -5.82 -2.01 2.55
CA ILE A 20 -6.79 -2.67 1.69
C ILE A 20 -6.39 -4.11 1.39
N CYS A 21 -5.13 -4.30 1.00
CA CYS A 21 -4.61 -5.63 0.69
C CYS A 21 -3.54 -6.04 1.70
N ARG A 22 -3.09 -5.09 2.50
CA ARG A 22 -2.06 -5.35 3.50
C ARG A 22 -0.73 -5.69 2.84
N VAL A 23 -0.40 -4.96 1.78
CA VAL A 23 0.84 -5.17 1.05
C VAL A 23 1.63 -3.87 0.91
N GLN A 24 2.95 -3.97 1.05
CA GLN A 24 3.81 -2.80 0.92
C GLN A 24 3.35 -1.89 -0.20
N VAL A 25 2.76 -0.76 0.16
CA VAL A 25 2.28 0.20 -0.82
C VAL A 25 3.31 0.46 -1.90
N MET A 26 4.58 0.45 -1.51
CA MET A 26 5.68 0.69 -2.44
C MET A 26 5.72 -0.41 -3.50
N ASP A 27 5.43 -1.64 -3.09
CA ASP A 27 5.44 -2.77 -4.00
C ASP A 27 4.02 -3.12 -4.46
N ALA A 28 3.92 -3.96 -5.48
CA ALA A 28 2.62 -4.36 -6.01
C ALA A 28 1.87 -5.23 -5.01
N CYS A 29 0.54 -5.16 -5.05
CA CYS A 29 -0.30 -5.93 -4.15
C CYS A 29 -0.23 -7.41 -4.48
N LEU A 30 -0.77 -8.24 -3.59
CA LEU A 30 -0.77 -9.69 -3.77
C LEU A 30 -1.62 -10.07 -4.98
N ARG A 31 -2.44 -9.13 -5.44
CA ARG A 31 -3.31 -9.38 -6.58
C ARG A 31 -2.58 -9.10 -7.89
N CYS A 32 -1.67 -8.14 -7.86
CA CYS A 32 -0.90 -7.78 -9.04
C CYS A 32 0.39 -8.59 -9.13
N GLN A 33 0.99 -8.86 -7.98
CA GLN A 33 2.24 -9.63 -7.93
C GLN A 33 2.01 -11.05 -8.43
N ALA A 34 0.83 -11.59 -8.16
CA ALA A 34 0.49 -12.94 -8.59
C ALA A 34 -0.03 -12.95 -10.01
N GLU A 35 -0.78 -11.92 -10.37
CA GLU A 35 -1.35 -11.81 -11.71
C GLU A 35 -0.32 -11.26 -12.69
N ASN A 36 0.84 -10.86 -12.17
CA ASN A 36 1.91 -10.32 -13.00
C ASN A 36 1.49 -9.01 -13.65
N LYS A 37 0.81 -8.16 -12.89
CA LYS A 37 0.35 -6.87 -13.39
C LYS A 37 0.94 -5.72 -12.58
N GLN A 38 2.10 -5.97 -11.96
CA GLN A 38 2.76 -4.96 -11.16
C GLN A 38 2.98 -3.68 -11.96
N GLU A 39 3.48 -3.85 -13.19
CA GLU A 39 3.74 -2.70 -14.05
C GLU A 39 2.63 -1.65 -13.92
N ASP A 40 1.40 -2.12 -13.78
CA ASP A 40 0.25 -1.23 -13.64
C ASP A 40 0.08 -0.79 -12.19
N CYS A 41 0.32 -1.72 -11.26
CA CYS A 41 0.20 -1.43 -9.84
C CYS A 41 1.07 -0.24 -9.44
N VAL A 42 0.48 0.95 -9.44
CA VAL A 42 1.21 2.16 -9.07
C VAL A 42 0.84 2.62 -7.67
N VAL A 43 1.50 3.67 -7.20
CA VAL A 43 1.23 4.22 -5.88
C VAL A 43 0.40 5.49 -5.96
N VAL A 44 -0.79 5.45 -5.36
CA VAL A 44 -1.69 6.60 -5.36
C VAL A 44 -1.75 7.26 -3.98
N TRP A 45 -1.21 8.47 -3.89
CA TRP A 45 -1.20 9.21 -2.63
C TRP A 45 -2.50 9.99 -2.45
N GLY A 46 -2.91 10.17 -1.20
CA GLY A 46 -4.13 10.89 -0.92
C GLY A 46 -3.88 12.18 -0.16
N GLU A 47 -4.87 13.06 -0.12
CA GLU A 47 -4.76 14.33 0.59
C GLU A 47 -4.44 14.10 2.06
N CYS A 48 -4.94 13.00 2.61
CA CYS A 48 -4.71 12.67 4.01
C CYS A 48 -3.25 12.30 4.24
N ASN A 49 -2.47 12.26 3.17
CA ASN A 49 -1.06 11.91 3.26
C ASN A 49 -0.88 10.41 3.48
N HIS A 50 -1.58 9.62 2.68
CA HIS A 50 -1.50 8.17 2.77
C HIS A 50 -1.40 7.54 1.39
N SER A 51 -0.34 6.77 1.17
CA SER A 51 -0.13 6.11 -0.12
C SER A 51 -0.87 4.78 -0.17
N PHE A 52 -1.45 4.47 -1.33
CA PHE A 52 -2.19 3.22 -1.51
C PHE A 52 -1.98 2.68 -2.92
N HIS A 53 -2.61 1.55 -3.20
CA HIS A 53 -2.49 0.91 -4.51
C HIS A 53 -3.65 1.33 -5.42
N ASN A 54 -3.34 2.19 -6.39
CA ASN A 54 -4.35 2.67 -7.33
C ASN A 54 -5.37 1.58 -7.62
N CYS A 55 -4.91 0.34 -7.72
CA CYS A 55 -5.80 -0.78 -8.00
C CYS A 55 -6.69 -1.08 -6.79
N CYS A 56 -6.08 -1.16 -5.62
CA CYS A 56 -6.81 -1.44 -4.38
C CYS A 56 -7.80 -0.32 -4.07
N MET A 57 -7.34 0.92 -4.25
CA MET A 57 -8.18 2.08 -3.98
C MET A 57 -9.42 2.08 -4.88
N SER A 58 -9.20 1.96 -6.18
CA SER A 58 -10.29 1.96 -7.14
C SER A 58 -11.34 0.91 -6.77
N LEU A 59 -10.88 -0.19 -6.18
CA LEU A 59 -11.77 -1.26 -5.77
C LEU A 59 -12.33 -1.01 -4.36
N TRP A 60 -11.53 -0.36 -3.53
CA TRP A 60 -11.95 -0.04 -2.16
C TRP A 60 -13.03 1.03 -2.16
N VAL A 61 -12.95 1.96 -3.10
CA VAL A 61 -13.92 3.03 -3.20
C VAL A 61 -15.31 2.49 -3.55
N LYS A 62 -15.33 1.32 -4.18
CA LYS A 62 -16.58 0.69 -4.57
C LYS A 62 -17.49 0.46 -3.36
N GLN A 63 -16.88 0.02 -2.26
CA GLN A 63 -17.62 -0.23 -1.03
C GLN A 63 -17.46 0.93 -0.04
N ASN A 64 -16.25 1.45 0.05
CA ASN A 64 -15.97 2.56 0.96
C ASN A 64 -15.07 3.59 0.28
N ASN A 65 -15.61 4.80 0.10
CA ASN A 65 -14.86 5.88 -0.54
C ASN A 65 -14.14 6.72 0.50
N ARG A 66 -13.54 6.06 1.49
CA ARG A 66 -12.81 6.75 2.54
C ARG A 66 -11.54 5.99 2.92
N CYS A 67 -10.45 6.73 3.09
CA CYS A 67 -9.17 6.12 3.45
C CYS A 67 -9.33 5.12 4.58
N PRO A 68 -8.94 3.86 4.32
CA PRO A 68 -9.03 2.79 5.31
C PRO A 68 -8.05 2.97 6.46
N LEU A 69 -7.35 4.10 6.47
CA LEU A 69 -6.37 4.39 7.51
C LEU A 69 -6.89 5.50 8.44
N CYS A 70 -7.42 6.56 7.85
CA CYS A 70 -7.94 7.68 8.63
C CYS A 70 -9.39 7.98 8.22
N GLN A 71 -10.04 7.01 7.60
CA GLN A 71 -11.43 7.17 7.17
C GLN A 71 -11.71 8.62 6.82
N GLN A 72 -10.77 9.26 6.15
CA GLN A 72 -10.93 10.66 5.75
C GLN A 72 -11.35 10.77 4.29
N ASP A 73 -12.02 11.87 3.95
CA ASP A 73 -12.47 12.09 2.58
C ASP A 73 -11.37 11.76 1.58
N TRP A 74 -11.43 10.56 1.02
CA TRP A 74 -10.43 10.11 0.05
C TRP A 74 -10.36 11.08 -1.13
N VAL A 75 -9.21 11.73 -1.28
CA VAL A 75 -9.01 12.67 -2.38
C VAL A 75 -7.69 12.42 -3.09
N VAL A 76 -7.76 11.73 -4.23
CA VAL A 76 -6.57 11.42 -5.01
C VAL A 76 -5.72 12.66 -5.25
N GLN A 77 -4.63 12.78 -4.49
CA GLN A 77 -3.73 13.92 -4.61
C GLN A 77 -2.83 13.78 -5.83
N ARG A 78 -2.06 12.68 -5.85
CA ARG A 78 -1.14 12.43 -6.96
C ARG A 78 -0.93 10.93 -7.15
N ILE A 79 -0.52 10.54 -8.35
CA ILE A 79 -0.28 9.14 -8.66
C ILE A 79 1.06 8.95 -9.34
N GLY A 80 1.69 7.79 -9.12
CA GLY A 80 2.97 7.51 -9.73
C GLY A 80 3.95 6.89 -8.75
N LYS A 81 5.15 6.57 -9.24
CA LYS A 81 6.18 5.97 -8.40
C LYS A 81 7.36 6.91 -8.23
N GLY A 1 35.97 -8.29 12.27
CA GLY A 1 35.46 -6.96 12.00
C GLY A 1 35.26 -6.14 13.26
N SER A 2 35.93 -5.00 13.33
CA SER A 2 35.83 -4.12 14.49
C SER A 2 35.42 -2.72 14.07
N SER A 3 34.13 -2.51 13.91
CA SER A 3 33.60 -1.20 13.51
C SER A 3 32.22 -0.96 14.11
N GLY A 4 32.15 0.03 15.01
CA GLY A 4 30.88 0.34 15.64
C GLY A 4 29.88 0.94 14.69
N SER A 5 28.86 0.16 14.32
CA SER A 5 27.83 0.62 13.40
C SER A 5 26.66 1.23 14.15
N SER A 6 26.10 2.31 13.60
CA SER A 6 24.98 3.00 14.23
C SER A 6 24.37 4.01 13.26
N GLY A 7 23.16 4.46 13.58
CA GLY A 7 22.48 5.43 12.73
C GLY A 7 21.06 5.69 13.17
N MET A 8 20.17 5.95 12.21
CA MET A 8 18.78 6.23 12.51
C MET A 8 17.91 5.02 12.18
N TRP A 9 17.49 4.29 13.21
CA TRP A 9 16.65 3.10 13.02
C TRP A 9 15.18 3.50 12.87
N SER A 10 14.44 2.72 12.10
CA SER A 10 13.02 2.99 11.88
C SER A 10 12.16 2.23 12.88
N TRP A 11 11.29 2.95 13.57
CA TRP A 11 10.41 2.34 14.57
C TRP A 11 9.67 1.16 13.97
N ASP A 12 8.73 0.60 14.74
CA ASP A 12 7.94 -0.54 14.29
C ASP A 12 6.53 -0.10 13.90
N VAL A 13 6.26 1.19 14.05
CA VAL A 13 4.95 1.74 13.71
C VAL A 13 4.87 2.09 12.23
N GLU A 14 5.32 1.18 11.38
CA GLU A 14 5.30 1.40 9.94
C GLU A 14 3.93 1.86 9.48
N CYS A 15 3.91 2.88 8.63
CA CYS A 15 2.66 3.44 8.11
C CYS A 15 2.71 3.59 6.59
N ASP A 16 3.42 2.67 5.94
CA ASP A 16 3.56 2.70 4.49
C ASP A 16 3.22 1.34 3.89
N THR A 17 2.04 0.83 4.23
CA THR A 17 1.59 -0.46 3.72
C THR A 17 0.10 -0.45 3.42
N CYS A 18 -0.26 -0.67 2.16
CA CYS A 18 -1.65 -0.68 1.74
C CYS A 18 -2.49 -1.56 2.67
N ALA A 19 -3.39 -0.94 3.41
CA ALA A 19 -4.26 -1.66 4.34
C ALA A 19 -5.33 -2.45 3.58
N ILE A 20 -5.70 -1.96 2.40
CA ILE A 20 -6.71 -2.63 1.59
C ILE A 20 -6.34 -4.09 1.34
N CYS A 21 -5.08 -4.32 1.00
CA CYS A 21 -4.60 -5.68 0.74
C CYS A 21 -3.51 -6.06 1.72
N ARG A 22 -3.07 -5.10 2.52
CA ARG A 22 -2.02 -5.34 3.51
C ARG A 22 -0.70 -5.68 2.84
N VAL A 23 -0.40 -4.98 1.74
CA VAL A 23 0.84 -5.21 1.01
C VAL A 23 1.61 -3.91 0.82
N GLN A 24 2.93 -4.00 0.90
CA GLN A 24 3.80 -2.83 0.74
C GLN A 24 3.29 -1.94 -0.39
N VAL A 25 2.67 -0.83 -0.02
CA VAL A 25 2.14 0.12 -1.00
C VAL A 25 3.13 0.36 -2.13
N MET A 26 4.39 0.55 -1.77
CA MET A 26 5.44 0.78 -2.75
C MET A 26 5.54 -0.38 -3.73
N ASP A 27 5.32 -1.59 -3.23
CA ASP A 27 5.38 -2.79 -4.07
C ASP A 27 3.99 -3.17 -4.55
N ALA A 28 3.94 -4.09 -5.52
CA ALA A 28 2.67 -4.54 -6.08
C ALA A 28 1.89 -5.36 -5.07
N CYS A 29 0.56 -5.31 -5.16
CA CYS A 29 -0.29 -6.03 -4.24
C CYS A 29 -0.28 -7.52 -4.55
N LEU A 30 -0.89 -8.31 -3.67
CA LEU A 30 -0.94 -9.76 -3.85
C LEU A 30 -1.78 -10.13 -5.07
N ARG A 31 -2.54 -9.16 -5.58
CA ARG A 31 -3.37 -9.38 -6.75
C ARG A 31 -2.60 -9.10 -8.03
N CYS A 32 -1.65 -8.17 -7.95
CA CYS A 32 -0.83 -7.82 -9.11
C CYS A 32 0.45 -8.65 -9.15
N GLN A 33 0.94 -9.02 -7.98
CA GLN A 33 2.16 -9.81 -7.88
C GLN A 33 1.94 -11.22 -8.40
N ALA A 34 0.69 -11.69 -8.33
CA ALA A 34 0.34 -13.02 -8.79
C ALA A 34 -0.12 -13.00 -10.23
N GLU A 35 -0.82 -11.93 -10.61
CA GLU A 35 -1.33 -11.78 -11.97
C GLU A 35 -0.27 -11.21 -12.89
N ASN A 36 0.87 -10.84 -12.31
CA ASN A 36 1.98 -10.28 -13.08
C ASN A 36 1.59 -8.93 -13.68
N LYS A 37 0.91 -8.10 -12.89
CA LYS A 37 0.47 -6.79 -13.35
C LYS A 37 1.11 -5.69 -12.51
N GLN A 38 2.23 -6.00 -11.87
CA GLN A 38 2.94 -5.04 -11.04
C GLN A 38 3.22 -3.75 -11.82
N GLU A 39 3.82 -3.89 -12.99
CA GLU A 39 4.14 -2.74 -13.82
C GLU A 39 3.02 -1.71 -13.79
N ASP A 40 1.79 -2.19 -13.64
CA ASP A 40 0.63 -1.31 -13.57
C ASP A 40 0.34 -0.88 -12.14
N CYS A 41 0.61 -1.77 -11.20
CA CYS A 41 0.39 -1.48 -9.79
C CYS A 41 1.24 -0.31 -9.32
N VAL A 42 0.69 0.89 -9.41
CA VAL A 42 1.40 2.09 -9.00
C VAL A 42 0.97 2.54 -7.61
N VAL A 43 1.57 3.62 -7.12
CA VAL A 43 1.25 4.15 -5.81
C VAL A 43 0.45 5.45 -5.91
N VAL A 44 -0.71 5.47 -5.27
CA VAL A 44 -1.57 6.64 -5.29
C VAL A 44 -1.61 7.33 -3.92
N TRP A 45 -1.05 8.53 -3.85
CA TRP A 45 -1.03 9.29 -2.60
C TRP A 45 -2.30 10.12 -2.43
N GLY A 46 -2.78 10.22 -1.20
CA GLY A 46 -3.98 11.00 -0.94
C GLY A 46 -3.69 12.27 -0.18
N GLU A 47 -4.67 13.18 -0.16
CA GLU A 47 -4.51 14.45 0.53
C GLU A 47 -4.20 14.24 2.02
N CYS A 48 -4.64 13.10 2.55
CA CYS A 48 -4.41 12.77 3.94
C CYS A 48 -2.99 12.25 4.16
N ASN A 49 -2.16 12.39 3.13
CA ASN A 49 -0.77 11.93 3.21
C ASN A 49 -0.71 10.42 3.41
N HIS A 50 -1.53 9.69 2.66
CA HIS A 50 -1.56 8.24 2.74
C HIS A 50 -1.45 7.61 1.36
N SER A 51 -0.42 6.79 1.17
CA SER A 51 -0.20 6.13 -0.11
C SER A 51 -0.91 4.78 -0.15
N PHE A 52 -1.49 4.46 -1.32
CA PHE A 52 -2.20 3.20 -1.49
C PHE A 52 -1.98 2.64 -2.89
N HIS A 53 -2.65 1.54 -3.19
CA HIS A 53 -2.52 0.90 -4.50
C HIS A 53 -3.63 1.36 -5.44
N ASN A 54 -3.24 2.14 -6.46
CA ASN A 54 -4.21 2.66 -7.42
C ASN A 54 -5.23 1.60 -7.79
N CYS A 55 -4.78 0.34 -7.86
CA CYS A 55 -5.68 -0.77 -8.19
C CYS A 55 -6.63 -1.08 -7.05
N CYS A 56 -6.08 -1.13 -5.83
CA CYS A 56 -6.89 -1.42 -4.65
C CYS A 56 -7.88 -0.29 -4.39
N MET A 57 -7.37 0.89 -4.09
CA MET A 57 -8.21 2.05 -3.81
C MET A 57 -9.46 2.04 -4.69
N SER A 58 -9.25 2.12 -6.00
CA SER A 58 -10.36 2.12 -6.95
C SER A 58 -11.41 1.09 -6.54
N LEU A 59 -10.96 -0.04 -6.03
CA LEU A 59 -11.86 -1.11 -5.61
C LEU A 59 -12.42 -0.83 -4.22
N TRP A 60 -11.55 -0.46 -3.29
CA TRP A 60 -11.95 -0.15 -1.93
C TRP A 60 -13.06 0.89 -1.91
N VAL A 61 -12.98 1.86 -2.82
CA VAL A 61 -13.98 2.91 -2.90
C VAL A 61 -15.34 2.34 -3.32
N LYS A 62 -15.32 1.16 -3.90
CA LYS A 62 -16.55 0.50 -4.34
C LYS A 62 -17.42 0.12 -3.15
N GLN A 63 -16.80 -0.02 -1.99
CA GLN A 63 -17.53 -0.38 -0.77
C GLN A 63 -17.45 0.73 0.26
N ASN A 64 -16.26 1.31 0.42
CA ASN A 64 -16.05 2.40 1.38
C ASN A 64 -15.28 3.54 0.74
N ASN A 65 -16.00 4.60 0.36
CA ASN A 65 -15.37 5.76 -0.26
C ASN A 65 -14.69 6.64 0.79
N ARG A 66 -13.91 6.01 1.65
CA ARG A 66 -13.20 6.73 2.71
C ARG A 66 -11.90 6.02 3.06
N CYS A 67 -10.81 6.78 3.18
CA CYS A 67 -9.51 6.23 3.52
C CYS A 67 -9.63 5.25 4.68
N PRO A 68 -9.17 4.00 4.45
CA PRO A 68 -9.21 2.95 5.46
C PRO A 68 -8.24 3.21 6.62
N LEU A 69 -7.60 4.39 6.60
CA LEU A 69 -6.65 4.75 7.63
C LEU A 69 -7.18 5.90 8.48
N CYS A 70 -7.79 6.88 7.81
CA CYS A 70 -8.34 8.04 8.50
C CYS A 70 -9.81 8.23 8.16
N GLN A 71 -10.41 7.20 7.55
CA GLN A 71 -11.82 7.25 7.18
C GLN A 71 -12.23 8.67 6.79
N GLN A 72 -11.31 9.39 6.16
CA GLN A 72 -11.59 10.76 5.73
C GLN A 72 -11.80 10.83 4.23
N ASP A 73 -12.54 11.84 3.78
CA ASP A 73 -12.82 12.02 2.37
C ASP A 73 -11.57 11.80 1.54
N TRP A 74 -11.44 10.59 0.98
CA TRP A 74 -10.29 10.25 0.16
C TRP A 74 -10.18 11.17 -1.06
N VAL A 75 -9.02 11.80 -1.23
CA VAL A 75 -8.78 12.70 -2.33
C VAL A 75 -7.46 12.41 -3.03
N VAL A 76 -7.53 11.68 -4.14
CA VAL A 76 -6.34 11.32 -4.89
C VAL A 76 -5.48 12.54 -5.17
N GLN A 77 -4.39 12.68 -4.41
CA GLN A 77 -3.49 13.82 -4.57
C GLN A 77 -2.62 13.64 -5.81
N ARG A 78 -1.86 12.55 -5.85
CA ARG A 78 -0.99 12.27 -6.99
C ARG A 78 -0.79 10.77 -7.17
N ILE A 79 -0.43 10.37 -8.38
CA ILE A 79 -0.21 8.95 -8.68
C ILE A 79 1.06 8.76 -9.50
N GLY A 80 1.85 7.76 -9.11
CA GLY A 80 3.09 7.49 -9.82
C GLY A 80 4.08 6.71 -8.97
N LYS A 81 5.24 6.41 -9.55
CA LYS A 81 6.28 5.66 -8.84
C LYS A 81 7.19 6.61 -8.07
N GLY A 1 30.44 -21.60 22.00
CA GLY A 1 29.37 -21.80 21.06
C GLY A 1 28.00 -21.77 21.71
N SER A 2 27.54 -20.57 22.07
CA SER A 2 26.24 -20.41 22.72
C SER A 2 25.73 -18.98 22.55
N SER A 3 24.40 -18.83 22.49
CA SER A 3 23.78 -17.53 22.34
C SER A 3 22.94 -17.17 23.56
N GLY A 4 22.44 -15.94 23.59
CA GLY A 4 21.62 -15.50 24.70
C GLY A 4 21.13 -14.07 24.52
N SER A 5 22.01 -13.19 24.09
CA SER A 5 21.66 -11.79 23.89
C SER A 5 20.23 -11.65 23.39
N SER A 6 19.37 -11.11 24.23
CA SER A 6 17.96 -10.92 23.88
C SER A 6 17.57 -9.45 23.97
N GLY A 7 17.43 -8.81 22.82
CA GLY A 7 17.04 -7.40 22.80
C GLY A 7 16.60 -6.95 21.42
N MET A 8 17.55 -6.74 20.52
CA MET A 8 17.25 -6.31 19.16
C MET A 8 16.02 -5.41 19.15
N TRP A 9 16.01 -4.41 20.03
CA TRP A 9 14.89 -3.48 20.11
C TRP A 9 14.26 -3.25 18.74
N SER A 10 12.94 -3.33 18.68
CA SER A 10 12.22 -3.13 17.43
C SER A 10 11.92 -1.65 17.21
N TRP A 11 12.22 -1.16 16.01
CA TRP A 11 11.96 0.24 15.67
C TRP A 11 10.58 0.42 15.08
N ASP A 12 10.28 1.62 14.60
CA ASP A 12 9.00 1.92 14.00
C ASP A 12 9.14 2.23 12.51
N VAL A 13 9.94 1.43 11.83
CA VAL A 13 10.17 1.61 10.41
C VAL A 13 9.02 1.01 9.59
N GLU A 14 7.80 1.25 10.04
CA GLU A 14 6.62 0.73 9.35
C GLU A 14 6.09 1.75 8.35
N CYS A 15 6.21 1.43 7.07
CA CYS A 15 5.75 2.32 6.00
C CYS A 15 4.22 2.34 5.95
N ASP A 16 3.69 3.03 4.94
CA ASP A 16 2.24 3.14 4.78
C ASP A 16 1.67 1.88 4.12
N THR A 17 2.24 0.73 4.47
CA THR A 17 1.79 -0.54 3.92
C THR A 17 0.29 -0.53 3.65
N CYS A 18 -0.08 -0.63 2.38
CA CYS A 18 -1.49 -0.62 1.99
C CYS A 18 -2.30 -1.53 2.92
N ALA A 19 -3.19 -0.93 3.71
CA ALA A 19 -4.02 -1.68 4.63
C ALA A 19 -5.10 -2.46 3.88
N ILE A 20 -5.60 -1.88 2.80
CA ILE A 20 -6.62 -2.53 1.99
C ILE A 20 -6.29 -4.00 1.74
N CYS A 21 -5.04 -4.25 1.35
CA CYS A 21 -4.59 -5.61 1.08
C CYS A 21 -3.46 -6.00 2.03
N ARG A 22 -2.98 -5.04 2.81
CA ARG A 22 -1.91 -5.28 3.75
C ARG A 22 -0.61 -5.64 3.02
N VAL A 23 -0.37 -4.99 1.90
CA VAL A 23 0.83 -5.24 1.10
C VAL A 23 1.64 -3.96 0.93
N GLN A 24 2.96 -4.10 0.91
CA GLN A 24 3.85 -2.96 0.75
C GLN A 24 3.32 -2.00 -0.30
N VAL A 25 2.75 -0.88 0.14
CA VAL A 25 2.20 0.12 -0.76
C VAL A 25 3.17 0.40 -1.90
N MET A 26 4.46 0.40 -1.59
CA MET A 26 5.49 0.67 -2.59
C MET A 26 5.57 -0.46 -3.61
N ASP A 27 5.33 -1.68 -3.14
CA ASP A 27 5.37 -2.86 -4.02
C ASP A 27 3.97 -3.22 -4.50
N ALA A 28 3.90 -4.19 -5.40
CA ALA A 28 2.62 -4.63 -5.94
C ALA A 28 1.85 -5.47 -4.93
N CYS A 29 0.53 -5.49 -5.06
CA CYS A 29 -0.32 -6.25 -4.15
C CYS A 29 -0.33 -7.73 -4.53
N LEU A 30 -0.83 -8.56 -3.62
CA LEU A 30 -0.90 -10.00 -3.85
C LEU A 30 -1.76 -10.31 -5.08
N ARG A 31 -2.51 -9.31 -5.54
CA ARG A 31 -3.36 -9.48 -6.71
C ARG A 31 -2.60 -9.17 -7.99
N CYS A 32 -1.75 -8.16 -7.94
CA CYS A 32 -0.96 -7.76 -9.10
C CYS A 32 0.32 -8.60 -9.21
N GLN A 33 0.84 -9.02 -8.06
CA GLN A 33 2.05 -9.83 -8.03
C GLN A 33 1.81 -11.20 -8.65
N ALA A 34 0.63 -11.77 -8.40
CA ALA A 34 0.27 -13.07 -8.94
C ALA A 34 -0.18 -12.96 -10.39
N GLU A 35 -0.91 -11.89 -10.70
CA GLU A 35 -1.40 -11.67 -12.06
C GLU A 35 -0.33 -11.04 -12.93
N ASN A 36 0.79 -10.66 -12.30
CA ASN A 36 1.89 -10.03 -13.02
C ASN A 36 1.45 -8.72 -13.65
N LYS A 37 0.59 -7.98 -12.94
CA LYS A 37 0.09 -6.70 -13.43
C LYS A 37 0.71 -5.55 -12.64
N GLN A 38 1.89 -5.78 -12.08
CA GLN A 38 2.58 -4.76 -11.30
C GLN A 38 2.69 -3.46 -12.09
N GLU A 39 3.12 -3.57 -13.35
CA GLU A 39 3.27 -2.40 -14.20
C GLU A 39 2.16 -1.38 -13.95
N ASP A 40 1.00 -1.88 -13.53
CA ASP A 40 -0.14 -1.02 -13.24
C ASP A 40 -0.19 -0.65 -11.76
N CYS A 41 0.12 -1.62 -10.91
CA CYS A 41 0.10 -1.40 -9.46
C CYS A 41 1.07 -0.28 -9.07
N VAL A 42 0.55 0.95 -9.02
CA VAL A 42 1.37 2.10 -8.65
C VAL A 42 1.00 2.63 -7.27
N VAL A 43 1.76 3.60 -6.79
CA VAL A 43 1.51 4.19 -5.48
C VAL A 43 0.68 5.46 -5.61
N VAL A 44 -0.58 5.39 -5.17
CA VAL A 44 -1.47 6.53 -5.22
C VAL A 44 -1.55 7.25 -3.87
N TRP A 45 -1.07 8.48 -3.84
CA TRP A 45 -1.07 9.28 -2.62
C TRP A 45 -2.37 10.06 -2.48
N GLY A 46 -2.83 10.24 -1.25
CA GLY A 46 -4.05 10.97 -1.01
C GLY A 46 -3.82 12.28 -0.27
N GLU A 47 -4.83 13.13 -0.24
CA GLU A 47 -4.73 14.43 0.43
C GLU A 47 -4.49 14.23 1.93
N CYS A 48 -4.99 13.12 2.46
CA CYS A 48 -4.83 12.83 3.88
C CYS A 48 -3.39 12.43 4.20
N ASN A 49 -2.55 12.40 3.17
CA ASN A 49 -1.15 12.04 3.34
C ASN A 49 -0.99 10.54 3.54
N HIS A 50 -1.69 9.76 2.72
CA HIS A 50 -1.63 8.30 2.80
C HIS A 50 -1.53 7.68 1.42
N SER A 51 -0.50 6.86 1.22
CA SER A 51 -0.28 6.21 -0.06
C SER A 51 -0.96 4.84 -0.10
N PHE A 52 -1.54 4.50 -1.25
CA PHE A 52 -2.22 3.22 -1.41
C PHE A 52 -1.98 2.65 -2.81
N HIS A 53 -2.59 1.50 -3.08
CA HIS A 53 -2.43 0.85 -4.38
C HIS A 53 -3.53 1.30 -5.33
N ASN A 54 -3.15 2.11 -6.32
CA ASN A 54 -4.10 2.62 -7.30
C ASN A 54 -5.19 1.59 -7.59
N CYS A 55 -4.81 0.31 -7.59
CA CYS A 55 -5.75 -0.77 -7.85
C CYS A 55 -6.66 -0.99 -6.65
N CYS A 56 -6.06 -1.09 -5.46
CA CYS A 56 -6.81 -1.31 -4.23
C CYS A 56 -7.72 -0.12 -3.94
N MET A 57 -7.30 1.06 -4.38
CA MET A 57 -8.08 2.28 -4.17
C MET A 57 -9.31 2.31 -5.07
N SER A 58 -9.10 2.01 -6.35
CA SER A 58 -10.19 2.01 -7.32
C SER A 58 -11.21 0.92 -6.98
N LEU A 59 -10.76 -0.12 -6.30
CA LEU A 59 -11.62 -1.23 -5.91
C LEU A 59 -12.19 -1.02 -4.51
N TRP A 60 -11.37 -0.45 -3.63
CA TRP A 60 -11.79 -0.19 -2.26
C TRP A 60 -12.88 0.87 -2.21
N VAL A 61 -12.78 1.87 -3.08
CA VAL A 61 -13.76 2.94 -3.15
C VAL A 61 -15.14 2.41 -3.50
N LYS A 62 -15.17 1.25 -4.16
CA LYS A 62 -16.44 0.63 -4.55
C LYS A 62 -17.31 0.35 -3.33
N GLN A 63 -16.68 -0.16 -2.27
CA GLN A 63 -17.41 -0.47 -1.03
C GLN A 63 -17.28 0.66 -0.03
N ASN A 64 -16.09 1.24 0.06
CA ASN A 64 -15.83 2.34 0.98
C ASN A 64 -15.00 3.43 0.33
N ASN A 65 -15.62 4.56 0.03
CA ASN A 65 -14.93 5.67 -0.60
C ASN A 65 -14.26 6.56 0.44
N ARG A 66 -13.62 5.92 1.42
CA ARG A 66 -12.92 6.64 2.48
C ARG A 66 -11.64 5.93 2.87
N CYS A 67 -10.58 6.70 3.09
CA CYS A 67 -9.29 6.15 3.48
C CYS A 67 -9.44 5.15 4.63
N PRO A 68 -8.99 3.91 4.41
CA PRO A 68 -9.06 2.84 5.42
C PRO A 68 -8.13 3.10 6.59
N LEU A 69 -7.52 4.28 6.63
CA LEU A 69 -6.60 4.63 7.69
C LEU A 69 -7.17 5.77 8.54
N CYS A 70 -7.66 6.80 7.88
CA CYS A 70 -8.24 7.96 8.56
C CYS A 70 -9.70 8.15 8.17
N GLN A 71 -10.27 7.13 7.51
CA GLN A 71 -11.66 7.19 7.08
C GLN A 71 -12.06 8.62 6.71
N GLN A 72 -11.14 9.34 6.09
CA GLN A 72 -11.40 10.72 5.68
C GLN A 72 -11.65 10.80 4.18
N ASP A 73 -12.37 11.84 3.76
CA ASP A 73 -12.68 12.04 2.35
C ASP A 73 -11.45 11.77 1.48
N TRP A 74 -11.40 10.59 0.89
CA TRP A 74 -10.28 10.21 0.03
C TRP A 74 -10.21 11.09 -1.21
N VAL A 75 -9.04 11.68 -1.45
CA VAL A 75 -8.85 12.55 -2.61
C VAL A 75 -7.51 12.28 -3.28
N VAL A 76 -7.56 11.61 -4.42
CA VAL A 76 -6.34 11.29 -5.17
C VAL A 76 -5.50 12.53 -5.41
N GLN A 77 -4.46 12.71 -4.60
CA GLN A 77 -3.57 13.85 -4.72
C GLN A 77 -2.65 13.70 -5.93
N ARG A 78 -1.84 12.64 -5.92
CA ARG A 78 -0.91 12.39 -7.00
C ARG A 78 -0.69 10.89 -7.19
N ILE A 79 -0.40 10.48 -8.41
CA ILE A 79 -0.16 9.07 -8.72
C ILE A 79 1.25 8.85 -9.26
N GLY A 80 1.89 7.77 -8.83
CA GLY A 80 3.23 7.47 -9.30
C GLY A 80 3.88 6.38 -8.47
N LYS A 81 4.77 5.63 -9.11
CA LYS A 81 5.49 4.54 -8.43
C LYS A 81 6.86 5.00 -7.96
N GLY A 1 25.44 8.99 8.92
CA GLY A 1 24.56 8.12 8.16
C GLY A 1 24.04 6.96 9.00
N SER A 2 24.01 5.78 8.40
CA SER A 2 23.53 4.58 9.10
C SER A 2 24.69 3.80 9.70
N SER A 3 24.97 4.04 10.98
CA SER A 3 26.05 3.37 11.67
C SER A 3 25.53 2.17 12.45
N GLY A 4 25.74 0.97 11.89
CA GLY A 4 25.28 -0.24 12.55
C GLY A 4 23.83 -0.55 12.24
N SER A 5 23.60 -1.65 11.53
CA SER A 5 22.25 -2.05 11.17
C SER A 5 21.75 -3.17 12.08
N SER A 6 22.04 -3.04 13.37
CA SER A 6 21.62 -4.04 14.35
C SER A 6 21.35 -3.39 15.70
N GLY A 7 20.08 -3.40 16.11
CA GLY A 7 19.72 -2.82 17.39
C GLY A 7 18.90 -1.55 17.22
N MET A 8 19.57 -0.46 16.88
CA MET A 8 18.90 0.82 16.69
C MET A 8 18.27 0.91 15.30
N TRP A 9 17.01 0.53 15.19
CA TRP A 9 16.29 0.57 13.92
C TRP A 9 16.14 2.01 13.43
N SER A 10 16.31 2.20 12.13
CA SER A 10 16.19 3.53 11.53
C SER A 10 14.77 3.76 11.02
N TRP A 11 13.78 3.36 11.81
CA TRP A 11 12.39 3.53 11.44
C TRP A 11 12.02 5.00 11.34
N ASP A 12 11.72 5.46 10.13
CA ASP A 12 11.35 6.86 9.92
C ASP A 12 9.94 6.96 9.34
N VAL A 13 9.02 6.18 9.91
CA VAL A 13 7.64 6.18 9.45
C VAL A 13 7.54 6.42 7.95
N GLU A 14 8.44 5.76 7.20
CA GLU A 14 8.46 5.89 5.75
C GLU A 14 7.79 4.69 5.08
N CYS A 15 6.93 4.02 5.83
CA CYS A 15 6.23 2.85 5.30
C CYS A 15 4.73 2.98 5.50
N ASP A 16 3.98 2.89 4.40
CA ASP A 16 2.53 3.00 4.46
C ASP A 16 1.87 1.77 3.86
N THR A 17 2.33 0.60 4.26
CA THR A 17 1.79 -0.66 3.76
C THR A 17 0.30 -0.54 3.50
N CYS A 18 -0.11 -0.77 2.26
CA CYS A 18 -1.51 -0.70 1.88
C CYS A 18 -2.37 -1.54 2.81
N ALA A 19 -3.26 -0.88 3.54
CA ALA A 19 -4.15 -1.56 4.48
C ALA A 19 -5.23 -2.34 3.73
N ILE A 20 -5.68 -1.79 2.61
CA ILE A 20 -6.70 -2.44 1.81
C ILE A 20 -6.40 -3.91 1.59
N CYS A 21 -5.15 -4.20 1.21
CA CYS A 21 -4.72 -5.57 0.97
C CYS A 21 -3.63 -5.98 1.96
N ARG A 22 -3.18 -5.02 2.76
CA ARG A 22 -2.14 -5.28 3.75
C ARG A 22 -0.81 -5.63 3.06
N VAL A 23 -0.53 -4.97 1.95
CA VAL A 23 0.70 -5.22 1.20
C VAL A 23 1.50 -3.94 1.03
N GLN A 24 2.82 -4.07 0.92
CA GLN A 24 3.70 -2.93 0.75
C GLN A 24 3.20 -2.02 -0.38
N VAL A 25 2.61 -0.90 0.00
CA VAL A 25 2.10 0.06 -0.98
C VAL A 25 3.10 0.28 -2.11
N MET A 26 4.36 0.50 -1.75
CA MET A 26 5.41 0.73 -2.73
C MET A 26 5.50 -0.44 -3.70
N ASP A 27 5.27 -1.64 -3.19
CA ASP A 27 5.32 -2.84 -4.01
C ASP A 27 3.94 -3.22 -4.53
N ALA A 28 3.89 -4.18 -5.45
CA ALA A 28 2.63 -4.63 -6.02
C ALA A 28 1.84 -5.46 -5.01
N CYS A 29 0.52 -5.43 -5.15
CA CYS A 29 -0.36 -6.17 -4.24
C CYS A 29 -0.34 -7.66 -4.59
N LEU A 30 -0.94 -8.46 -3.71
CA LEU A 30 -1.01 -9.91 -3.93
C LEU A 30 -1.83 -10.25 -5.16
N ARG A 31 -2.57 -9.27 -5.66
CA ARG A 31 -3.40 -9.46 -6.84
C ARG A 31 -2.62 -9.13 -8.11
N CYS A 32 -1.67 -8.20 -8.00
CA CYS A 32 -0.86 -7.79 -9.13
C CYS A 32 0.44 -8.60 -9.18
N GLN A 33 0.89 -9.06 -8.03
CA GLN A 33 2.11 -9.84 -7.94
C GLN A 33 1.93 -11.22 -8.55
N ALA A 34 0.71 -11.75 -8.45
CA ALA A 34 0.40 -13.06 -8.99
C ALA A 34 -0.02 -12.96 -10.46
N GLU A 35 -0.66 -11.86 -10.81
CA GLU A 35 -1.11 -11.64 -12.18
C GLU A 35 -0.05 -10.91 -13.00
N ASN A 36 1.09 -10.64 -12.37
CA ASN A 36 2.19 -9.94 -13.03
C ASN A 36 1.71 -8.61 -13.61
N LYS A 37 0.94 -7.87 -12.82
CA LYS A 37 0.42 -6.57 -13.25
C LYS A 37 1.09 -5.44 -12.47
N GLN A 38 2.21 -5.74 -11.83
CA GLN A 38 2.94 -4.75 -11.05
C GLN A 38 3.05 -3.44 -11.82
N GLU A 39 3.64 -3.51 -13.02
CA GLU A 39 3.81 -2.33 -13.85
C GLU A 39 2.62 -1.38 -13.71
N ASP A 40 1.44 -1.95 -13.48
CA ASP A 40 0.23 -1.17 -13.33
C ASP A 40 0.02 -0.76 -11.87
N CYS A 41 0.33 -1.67 -10.96
CA CYS A 41 0.17 -1.41 -9.53
C CYS A 41 1.08 -0.26 -9.09
N VAL A 42 0.61 0.97 -9.29
CA VAL A 42 1.37 2.15 -8.92
C VAL A 42 1.02 2.61 -7.51
N VAL A 43 1.64 3.70 -7.08
CA VAL A 43 1.38 4.25 -5.75
C VAL A 43 0.59 5.55 -5.83
N VAL A 44 -0.64 5.53 -5.32
CA VAL A 44 -1.49 6.71 -5.34
C VAL A 44 -1.51 7.39 -3.97
N TRP A 45 -0.96 8.59 -3.89
CA TRP A 45 -0.92 9.34 -2.64
C TRP A 45 -2.20 10.15 -2.47
N GLY A 46 -2.70 10.18 -1.24
CA GLY A 46 -3.92 10.93 -0.95
C GLY A 46 -3.64 12.24 -0.26
N GLU A 47 -4.67 13.07 -0.13
CA GLU A 47 -4.52 14.38 0.52
C GLU A 47 -4.16 14.21 1.99
N CYS A 48 -4.57 13.10 2.58
CA CYS A 48 -4.28 12.83 3.99
C CYS A 48 -2.86 12.29 4.16
N ASN A 49 -2.05 12.42 3.12
CA ASN A 49 -0.68 11.95 3.15
C ASN A 49 -0.64 10.42 3.31
N HIS A 50 -1.56 9.74 2.64
CA HIS A 50 -1.64 8.29 2.71
C HIS A 50 -1.56 7.68 1.32
N SER A 51 -0.55 6.83 1.10
CA SER A 51 -0.37 6.18 -0.20
C SER A 51 -1.04 4.82 -0.23
N PHE A 52 -1.61 4.46 -1.37
CA PHE A 52 -2.29 3.18 -1.52
C PHE A 52 -2.06 2.62 -2.93
N HIS A 53 -2.63 1.44 -3.18
CA HIS A 53 -2.50 0.79 -4.48
C HIS A 53 -3.60 1.27 -5.43
N ASN A 54 -3.21 2.03 -6.44
CA ASN A 54 -4.16 2.55 -7.43
C ASN A 54 -5.23 1.51 -7.74
N CYS A 55 -4.83 0.25 -7.78
CA CYS A 55 -5.75 -0.84 -8.08
C CYS A 55 -6.69 -1.09 -6.91
N CYS A 56 -6.13 -1.17 -5.70
CA CYS A 56 -6.91 -1.39 -4.50
C CYS A 56 -7.92 -0.26 -4.28
N MET A 57 -7.40 0.94 -4.06
CA MET A 57 -8.25 2.10 -3.82
C MET A 57 -9.51 2.02 -4.67
N SER A 58 -9.34 1.80 -5.98
CA SER A 58 -10.47 1.72 -6.89
C SER A 58 -11.48 0.69 -6.39
N LEU A 59 -11.00 -0.43 -5.89
CA LEU A 59 -11.86 -1.49 -5.39
C LEU A 59 -12.38 -1.14 -3.99
N TRP A 60 -11.58 -0.41 -3.23
CA TRP A 60 -11.97 -0.01 -1.88
C TRP A 60 -13.14 0.96 -1.92
N VAL A 61 -13.16 1.83 -2.92
CA VAL A 61 -14.23 2.80 -3.07
C VAL A 61 -15.54 2.12 -3.42
N LYS A 62 -15.46 0.92 -3.98
CA LYS A 62 -16.63 0.16 -4.37
C LYS A 62 -17.56 -0.05 -3.18
N GLN A 63 -16.98 -0.11 -1.99
CA GLN A 63 -17.76 -0.32 -0.77
C GLN A 63 -17.60 0.87 0.18
N ASN A 64 -16.38 1.39 0.27
CA ASN A 64 -16.10 2.52 1.14
C ASN A 64 -15.21 3.54 0.44
N ASN A 65 -15.78 4.71 0.15
CA ASN A 65 -15.04 5.77 -0.54
C ASN A 65 -14.35 6.68 0.48
N ARG A 66 -13.74 6.08 1.49
CA ARG A 66 -13.05 6.85 2.52
C ARG A 66 -11.76 6.15 2.94
N CYS A 67 -10.68 6.91 2.99
CA CYS A 67 -9.37 6.36 3.38
C CYS A 67 -9.52 5.36 4.52
N PRO A 68 -9.08 4.12 4.28
CA PRO A 68 -9.14 3.06 5.28
C PRO A 68 -8.18 3.28 6.44
N LEU A 69 -7.49 4.42 6.42
CA LEU A 69 -6.54 4.76 7.47
C LEU A 69 -7.11 5.84 8.39
N CYS A 70 -7.66 6.89 7.80
CA CYS A 70 -8.24 7.98 8.56
C CYS A 70 -9.69 8.20 8.18
N GLN A 71 -10.32 7.17 7.62
CA GLN A 71 -11.71 7.27 7.20
C GLN A 71 -12.07 8.68 6.76
N GLN A 72 -11.16 9.31 6.02
CA GLN A 72 -11.38 10.67 5.54
C GLN A 72 -11.74 10.68 4.06
N ASP A 73 -12.34 11.78 3.61
CA ASP A 73 -12.73 11.91 2.22
C ASP A 73 -11.56 11.64 1.29
N TRP A 74 -11.43 10.38 0.87
CA TRP A 74 -10.35 9.99 -0.03
C TRP A 74 -10.22 10.97 -1.20
N VAL A 75 -9.05 11.60 -1.30
CA VAL A 75 -8.79 12.57 -2.36
C VAL A 75 -7.44 12.32 -3.02
N VAL A 76 -7.47 11.66 -4.18
CA VAL A 76 -6.25 11.35 -4.91
C VAL A 76 -5.40 12.60 -5.11
N GLN A 77 -4.30 12.68 -4.36
CA GLN A 77 -3.40 13.82 -4.44
C GLN A 77 -2.48 13.70 -5.66
N ARG A 78 -1.77 12.58 -5.73
CA ARG A 78 -0.84 12.34 -6.84
C ARG A 78 -0.66 10.85 -7.08
N ILE A 79 -0.18 10.50 -8.26
CA ILE A 79 0.05 9.10 -8.61
C ILE A 79 1.40 8.91 -9.30
N GLY A 80 1.96 7.72 -9.18
CA GLY A 80 3.24 7.43 -9.79
C GLY A 80 4.11 6.53 -8.94
N LYS A 81 5.28 6.16 -9.47
CA LYS A 81 6.20 5.29 -8.75
C LYS A 81 7.13 6.11 -7.85
N GLY A 1 31.04 -27.55 10.23
CA GLY A 1 29.63 -27.47 10.57
C GLY A 1 29.28 -26.16 11.22
N SER A 2 28.17 -26.15 11.97
CA SER A 2 27.71 -24.94 12.65
C SER A 2 27.87 -23.72 11.76
N SER A 3 27.50 -23.87 10.48
CA SER A 3 27.60 -22.78 9.53
C SER A 3 26.21 -22.33 9.08
N GLY A 4 25.95 -21.03 9.22
CA GLY A 4 24.67 -20.49 8.83
C GLY A 4 24.02 -19.68 9.94
N SER A 5 23.63 -18.46 9.62
CA SER A 5 22.99 -17.57 10.59
C SER A 5 21.94 -16.69 9.93
N SER A 6 21.00 -16.20 10.73
CA SER A 6 19.92 -15.35 10.22
C SER A 6 19.11 -14.76 11.37
N GLY A 7 18.61 -13.54 11.16
CA GLY A 7 17.82 -12.89 12.18
C GLY A 7 16.75 -11.97 11.60
N MET A 8 15.53 -12.09 12.10
CA MET A 8 14.42 -11.26 11.62
C MET A 8 14.05 -10.21 12.65
N TRP A 9 14.07 -8.95 12.25
CA TRP A 9 13.72 -7.84 13.13
C TRP A 9 12.28 -7.40 12.91
N SER A 10 11.79 -6.56 13.82
CA SER A 10 10.42 -6.06 13.72
C SER A 10 10.04 -5.80 12.28
N TRP A 11 8.75 -6.00 11.97
CA TRP A 11 8.26 -5.78 10.61
C TRP A 11 8.32 -4.31 10.22
N ASP A 12 7.76 -3.98 9.06
CA ASP A 12 7.76 -2.60 8.59
C ASP A 12 6.33 -2.06 8.53
N VAL A 13 5.53 -2.38 9.55
CA VAL A 13 4.15 -1.92 9.60
C VAL A 13 4.07 -0.44 9.94
N GLU A 14 5.24 0.19 10.09
CA GLU A 14 5.31 1.61 10.41
C GLU A 14 5.30 2.46 9.13
N CYS A 15 5.10 1.80 8.00
CA CYS A 15 5.07 2.48 6.71
C CYS A 15 3.65 2.63 6.21
N ASP A 16 3.50 3.17 5.01
CA ASP A 16 2.19 3.37 4.40
C ASP A 16 1.69 2.09 3.74
N THR A 17 2.13 0.95 4.26
CA THR A 17 1.73 -0.34 3.72
C THR A 17 0.23 -0.39 3.45
N CYS A 18 -0.13 -0.57 2.19
CA CYS A 18 -1.54 -0.63 1.80
C CYS A 18 -2.32 -1.53 2.74
N ALA A 19 -3.22 -0.92 3.51
CA ALA A 19 -4.04 -1.67 4.46
C ALA A 19 -5.09 -2.50 3.73
N ILE A 20 -5.57 -1.99 2.60
CA ILE A 20 -6.59 -2.69 1.82
C ILE A 20 -6.20 -4.15 1.61
N CYS A 21 -4.94 -4.38 1.26
CA CYS A 21 -4.45 -5.73 1.03
C CYS A 21 -3.31 -6.07 2.00
N ARG A 22 -2.84 -5.06 2.72
CA ARG A 22 -1.76 -5.25 3.68
C ARG A 22 -0.45 -5.57 2.96
N VAL A 23 -0.23 -4.94 1.82
CA VAL A 23 0.98 -5.16 1.04
C VAL A 23 1.75 -3.85 0.82
N GLN A 24 3.07 -3.95 0.80
CA GLN A 24 3.91 -2.78 0.59
C GLN A 24 3.37 -1.89 -0.52
N VAL A 25 2.82 -0.74 -0.14
CA VAL A 25 2.27 0.19 -1.11
C VAL A 25 3.25 0.45 -2.25
N MET A 26 4.53 0.48 -1.93
CA MET A 26 5.57 0.71 -2.94
C MET A 26 5.63 -0.46 -3.92
N ASP A 27 5.38 -1.66 -3.42
CA ASP A 27 5.41 -2.86 -4.25
C ASP A 27 4.01 -3.22 -4.74
N ALA A 28 3.93 -4.24 -5.60
CA ALA A 28 2.65 -4.69 -6.12
C ALA A 28 1.88 -5.50 -5.09
N CYS A 29 0.55 -5.45 -5.19
CA CYS A 29 -0.30 -6.18 -4.25
C CYS A 29 -0.29 -7.67 -4.58
N LEU A 30 -0.77 -8.47 -3.63
CA LEU A 30 -0.83 -9.92 -3.81
C LEU A 30 -1.65 -10.29 -5.04
N ARG A 31 -2.40 -9.32 -5.56
CA ARG A 31 -3.23 -9.54 -6.73
C ARG A 31 -2.45 -9.26 -8.01
N CYS A 32 -1.63 -8.22 -7.97
CA CYS A 32 -0.82 -7.84 -9.13
C CYS A 32 0.45 -8.68 -9.20
N GLN A 33 0.93 -9.11 -8.05
CA GLN A 33 2.14 -9.93 -7.99
C GLN A 33 1.91 -11.31 -8.58
N ALA A 34 0.69 -11.83 -8.39
CA ALA A 34 0.34 -13.14 -8.91
C ALA A 34 -0.11 -13.05 -10.36
N GLU A 35 -0.87 -12.00 -10.68
CA GLU A 35 -1.37 -11.80 -12.04
C GLU A 35 -0.28 -11.19 -12.92
N ASN A 36 0.80 -10.74 -12.30
CA ASN A 36 1.91 -10.13 -13.04
C ASN A 36 1.49 -8.77 -13.61
N LYS A 37 0.77 -7.99 -12.82
CA LYS A 37 0.31 -6.68 -13.25
C LYS A 37 1.03 -5.58 -12.47
N GLN A 38 2.23 -5.89 -11.99
CA GLN A 38 3.02 -4.92 -11.23
C GLN A 38 3.21 -3.63 -12.03
N GLU A 39 3.66 -3.76 -13.27
CA GLU A 39 3.89 -2.61 -14.13
C GLU A 39 2.76 -1.60 -13.97
N ASP A 40 1.55 -2.09 -13.73
CA ASP A 40 0.39 -1.23 -13.57
C ASP A 40 0.21 -0.83 -12.10
N CYS A 41 0.41 -1.80 -11.21
CA CYS A 41 0.26 -1.56 -9.79
C CYS A 41 1.18 -0.42 -9.32
N VAL A 42 0.65 0.80 -9.35
CA VAL A 42 1.41 1.97 -8.94
C VAL A 42 0.97 2.46 -7.56
N VAL A 43 1.63 3.50 -7.07
CA VAL A 43 1.31 4.06 -5.77
C VAL A 43 0.50 5.34 -5.91
N VAL A 44 -0.62 5.41 -5.17
CA VAL A 44 -1.48 6.58 -5.22
C VAL A 44 -1.52 7.28 -3.87
N TRP A 45 -0.95 8.48 -3.81
CA TRP A 45 -0.92 9.26 -2.58
C TRP A 45 -2.16 10.12 -2.44
N GLY A 46 -2.70 10.20 -1.22
CA GLY A 46 -3.89 10.98 -0.98
C GLY A 46 -3.60 12.23 -0.18
N GLU A 47 -4.52 13.20 -0.25
CA GLU A 47 -4.35 14.46 0.48
C GLU A 47 -4.19 14.19 1.97
N CYS A 48 -4.69 13.05 2.43
CA CYS A 48 -4.60 12.69 3.84
C CYS A 48 -3.21 12.18 4.18
N ASN A 49 -2.28 12.31 3.23
CA ASN A 49 -0.91 11.87 3.44
C ASN A 49 -0.85 10.36 3.63
N HIS A 50 -1.58 9.63 2.79
CA HIS A 50 -1.62 8.17 2.87
C HIS A 50 -1.51 7.55 1.48
N SER A 51 -0.46 6.78 1.24
CA SER A 51 -0.24 6.14 -0.04
C SER A 51 -0.92 4.76 -0.08
N PHE A 52 -1.48 4.43 -1.24
CA PHE A 52 -2.16 3.15 -1.41
C PHE A 52 -1.94 2.60 -2.82
N HIS A 53 -2.59 1.48 -3.12
CA HIS A 53 -2.47 0.85 -4.44
C HIS A 53 -3.59 1.32 -5.36
N ASN A 54 -3.22 2.05 -6.41
CA ASN A 54 -4.20 2.55 -7.37
C ASN A 54 -5.25 1.50 -7.68
N CYS A 55 -4.81 0.25 -7.82
CA CYS A 55 -5.72 -0.86 -8.11
C CYS A 55 -6.65 -1.12 -6.94
N CYS A 56 -6.08 -1.22 -5.74
CA CYS A 56 -6.87 -1.48 -4.54
C CYS A 56 -7.84 -0.33 -4.27
N MET A 57 -7.30 0.86 -4.08
CA MET A 57 -8.13 2.04 -3.82
C MET A 57 -9.35 2.05 -4.72
N SER A 58 -9.12 1.94 -6.03
CA SER A 58 -10.21 1.95 -7.00
C SER A 58 -11.30 0.95 -6.60
N LEU A 59 -10.89 -0.14 -5.96
CA LEU A 59 -11.82 -1.17 -5.53
C LEU A 59 -12.43 -0.82 -4.18
N TRP A 60 -11.57 -0.55 -3.20
CA TRP A 60 -12.02 -0.20 -1.86
C TRP A 60 -13.08 0.90 -1.91
N VAL A 61 -12.83 1.92 -2.72
CA VAL A 61 -13.77 3.02 -2.86
C VAL A 61 -15.16 2.53 -3.26
N LYS A 62 -15.19 1.40 -3.95
CA LYS A 62 -16.45 0.81 -4.39
C LYS A 62 -17.37 0.52 -3.20
N GLN A 63 -16.78 0.02 -2.12
CA GLN A 63 -17.55 -0.30 -0.92
C GLN A 63 -17.52 0.86 0.07
N ASN A 64 -16.34 1.44 0.25
CA ASN A 64 -16.19 2.57 1.17
C ASN A 64 -15.42 3.71 0.51
N ASN A 65 -16.11 4.79 0.20
CA ASN A 65 -15.50 5.95 -0.44
C ASN A 65 -14.76 6.81 0.59
N ARG A 66 -14.06 6.16 1.50
CA ARG A 66 -13.31 6.86 2.54
C ARG A 66 -12.05 6.09 2.93
N CYS A 67 -10.93 6.80 3.01
CA CYS A 67 -9.66 6.19 3.36
C CYS A 67 -9.83 5.24 4.54
N PRO A 68 -9.37 3.99 4.38
CA PRO A 68 -9.45 2.97 5.41
C PRO A 68 -8.52 3.26 6.60
N LEU A 69 -7.86 4.41 6.55
CA LEU A 69 -6.94 4.80 7.61
C LEU A 69 -7.50 5.98 8.41
N CYS A 70 -7.86 7.04 7.70
CA CYS A 70 -8.41 8.23 8.35
C CYS A 70 -9.92 8.30 8.15
N GLN A 71 -10.49 7.24 7.58
CA GLN A 71 -11.93 7.19 7.33
C GLN A 71 -12.48 8.58 7.00
N GLN A 72 -11.68 9.37 6.28
CA GLN A 72 -12.08 10.71 5.90
C GLN A 72 -12.10 10.86 4.38
N ASP A 73 -12.74 11.92 3.91
CA ASP A 73 -12.84 12.18 2.47
C ASP A 73 -11.53 11.85 1.77
N TRP A 74 -11.53 10.79 0.97
CA TRP A 74 -10.34 10.36 0.25
C TRP A 74 -10.18 11.16 -1.04
N VAL A 75 -9.08 11.89 -1.15
CA VAL A 75 -8.81 12.69 -2.35
C VAL A 75 -7.47 12.31 -2.97
N VAL A 76 -7.52 11.80 -4.19
CA VAL A 76 -6.32 11.39 -4.91
C VAL A 76 -5.40 12.60 -5.15
N GLN A 77 -4.31 12.67 -4.40
CA GLN A 77 -3.35 13.76 -4.55
C GLN A 77 -2.49 13.57 -5.79
N ARG A 78 -1.75 12.46 -5.82
CA ARG A 78 -0.87 12.16 -6.95
C ARG A 78 -0.70 10.66 -7.12
N ILE A 79 -0.34 10.24 -8.33
CA ILE A 79 -0.14 8.83 -8.62
C ILE A 79 1.21 8.58 -9.26
N GLY A 80 1.82 7.45 -8.94
CA GLY A 80 3.12 7.11 -9.50
C GLY A 80 3.89 6.14 -8.64
N LYS A 81 5.12 5.85 -9.03
CA LYS A 81 5.96 4.92 -8.29
C LYS A 81 7.17 5.64 -7.69
N GLY A 1 28.54 -31.08 7.77
CA GLY A 1 27.72 -29.90 7.98
C GLY A 1 28.52 -28.61 7.80
N SER A 2 29.18 -28.49 6.66
CA SER A 2 29.99 -27.31 6.36
C SER A 2 29.15 -26.04 6.53
N SER A 3 27.95 -26.05 5.99
CA SER A 3 27.05 -24.90 6.08
C SER A 3 25.72 -25.29 6.72
N GLY A 4 25.16 -24.38 7.51
CA GLY A 4 23.90 -24.65 8.17
C GLY A 4 23.17 -23.37 8.55
N SER A 5 23.86 -22.48 9.24
CA SER A 5 23.27 -21.21 9.67
C SER A 5 22.70 -20.46 8.49
N SER A 6 21.38 -20.25 8.50
CA SER A 6 20.70 -19.53 7.42
C SER A 6 19.51 -18.75 7.95
N GLY A 7 19.50 -17.44 7.70
CA GLY A 7 18.42 -16.61 8.17
C GLY A 7 18.46 -15.21 7.56
N MET A 8 17.44 -14.41 7.85
CA MET A 8 17.36 -13.05 7.32
C MET A 8 16.67 -12.12 8.32
N TRP A 9 17.41 -11.12 8.80
CA TRP A 9 16.86 -10.17 9.75
C TRP A 9 15.65 -9.45 9.18
N SER A 10 14.53 -9.51 9.89
CA SER A 10 13.31 -8.86 9.46
C SER A 10 12.51 -8.34 10.64
N TRP A 11 12.22 -7.05 10.62
CA TRP A 11 11.45 -6.42 11.71
C TRP A 11 10.10 -5.92 11.20
N ASP A 12 9.37 -5.22 12.06
CA ASP A 12 8.07 -4.68 11.70
C ASP A 12 8.11 -3.15 11.63
N VAL A 13 9.22 -2.62 11.16
CA VAL A 13 9.39 -1.17 11.04
C VAL A 13 8.74 -0.65 9.77
N GLU A 14 7.61 -1.24 9.40
CA GLU A 14 6.89 -0.83 8.20
C GLU A 14 5.88 0.27 8.52
N CYS A 15 5.53 1.06 7.50
CA CYS A 15 4.57 2.14 7.67
C CYS A 15 3.88 2.46 6.36
N ASP A 16 2.74 3.14 6.44
CA ASP A 16 1.98 3.52 5.26
C ASP A 16 1.76 2.32 4.34
N THR A 17 1.39 1.19 4.94
CA THR A 17 1.16 -0.03 4.18
C THR A 17 -0.31 -0.15 3.77
N CYS A 18 -0.53 -0.36 2.48
CA CYS A 18 -1.89 -0.49 1.96
C CYS A 18 -2.72 -1.42 2.84
N ALA A 19 -3.66 -0.84 3.59
CA ALA A 19 -4.53 -1.61 4.47
C ALA A 19 -5.53 -2.42 3.67
N ILE A 20 -5.89 -1.93 2.49
CA ILE A 20 -6.84 -2.60 1.63
C ILE A 20 -6.47 -4.07 1.44
N CYS A 21 -5.19 -4.31 1.15
CA CYS A 21 -4.69 -5.66 0.95
C CYS A 21 -3.58 -5.99 1.93
N ARG A 22 -3.16 -5.00 2.70
CA ARG A 22 -2.11 -5.18 3.68
C ARG A 22 -0.79 -5.53 3.00
N VAL A 23 -0.52 -4.88 1.89
CA VAL A 23 0.72 -5.12 1.13
C VAL A 23 1.51 -3.83 0.96
N GLN A 24 2.83 -3.97 0.85
CA GLN A 24 3.71 -2.82 0.69
C GLN A 24 3.19 -1.89 -0.42
N VAL A 25 2.68 -0.73 -0.02
CA VAL A 25 2.16 0.24 -0.97
C VAL A 25 3.15 0.51 -2.09
N MET A 26 4.43 0.44 -1.76
CA MET A 26 5.49 0.67 -2.74
C MET A 26 5.59 -0.50 -3.72
N ASP A 27 5.30 -1.69 -3.23
CA ASP A 27 5.37 -2.89 -4.05
C ASP A 27 3.98 -3.27 -4.56
N ALA A 28 3.93 -4.24 -5.48
CA ALA A 28 2.67 -4.70 -6.05
C ALA A 28 1.87 -5.50 -5.04
N CYS A 29 0.55 -5.45 -5.16
CA CYS A 29 -0.34 -6.18 -4.25
C CYS A 29 -0.35 -7.67 -4.58
N LEU A 30 -0.98 -8.45 -3.72
CA LEU A 30 -1.07 -9.90 -3.92
C LEU A 30 -1.87 -10.23 -5.17
N ARG A 31 -2.61 -9.25 -5.67
CA ARG A 31 -3.42 -9.43 -6.87
C ARG A 31 -2.62 -9.13 -8.13
N CYS A 32 -1.66 -8.21 -8.00
CA CYS A 32 -0.83 -7.83 -9.13
C CYS A 32 0.44 -8.68 -9.19
N GLN A 33 0.91 -9.11 -8.02
CA GLN A 33 2.12 -9.93 -7.93
C GLN A 33 1.88 -11.31 -8.54
N ALA A 34 0.64 -11.78 -8.44
CA ALA A 34 0.27 -13.08 -8.98
C ALA A 34 -0.16 -12.98 -10.44
N GLU A 35 -0.87 -11.89 -10.76
CA GLU A 35 -1.35 -11.67 -12.12
C GLU A 35 -0.28 -10.98 -12.96
N ASN A 36 0.83 -10.62 -12.33
CA ASN A 36 1.92 -9.95 -13.02
C ASN A 36 1.48 -8.59 -13.54
N LYS A 37 0.70 -7.87 -12.74
CA LYS A 37 0.21 -6.55 -13.12
C LYS A 37 0.96 -5.46 -12.36
N GLN A 38 2.14 -5.78 -11.87
CA GLN A 38 2.95 -4.82 -11.12
C GLN A 38 3.10 -3.52 -11.90
N GLU A 39 3.64 -3.61 -13.10
CA GLU A 39 3.84 -2.44 -13.95
C GLU A 39 2.68 -1.46 -13.80
N ASP A 40 1.48 -2.00 -13.58
CA ASP A 40 0.29 -1.18 -13.41
C ASP A 40 0.10 -0.78 -11.96
N CYS A 41 0.42 -1.70 -11.05
CA CYS A 41 0.28 -1.45 -9.63
C CYS A 41 1.16 -0.28 -9.19
N VAL A 42 0.67 0.94 -9.39
CA VAL A 42 1.41 2.13 -9.02
C VAL A 42 1.01 2.62 -7.63
N VAL A 43 1.69 3.67 -7.16
CA VAL A 43 1.40 4.22 -5.84
C VAL A 43 0.54 5.48 -5.96
N VAL A 44 -0.59 5.48 -5.27
CA VAL A 44 -1.50 6.62 -5.29
C VAL A 44 -1.53 7.33 -3.94
N TRP A 45 -1.00 8.55 -3.91
CA TRP A 45 -0.97 9.33 -2.68
C TRP A 45 -2.23 10.16 -2.52
N GLY A 46 -2.74 10.25 -1.29
CA GLY A 46 -3.94 11.02 -1.04
C GLY A 46 -3.66 12.30 -0.29
N GLU A 47 -4.66 13.17 -0.20
CA GLU A 47 -4.52 14.45 0.49
C GLU A 47 -4.27 14.23 1.97
N CYS A 48 -4.71 13.08 2.48
CA CYS A 48 -4.53 12.75 3.90
C CYS A 48 -3.11 12.25 4.17
N ASN A 49 -2.24 12.41 3.17
CA ASN A 49 -0.86 11.97 3.31
C ASN A 49 -0.77 10.46 3.47
N HIS A 50 -1.54 9.74 2.66
CA HIS A 50 -1.55 8.29 2.72
C HIS A 50 -1.49 7.69 1.31
N SER A 51 -0.48 6.86 1.07
CA SER A 51 -0.31 6.22 -0.23
C SER A 51 -0.94 4.84 -0.26
N PHE A 52 -1.52 4.49 -1.40
CA PHE A 52 -2.17 3.19 -1.56
C PHE A 52 -1.93 2.63 -2.95
N HIS A 53 -2.56 1.49 -3.24
CA HIS A 53 -2.43 0.85 -4.54
C HIS A 53 -3.53 1.31 -5.49
N ASN A 54 -3.14 2.05 -6.52
CA ASN A 54 -4.10 2.56 -7.51
C ASN A 54 -5.16 1.51 -7.81
N CYS A 55 -4.75 0.25 -7.85
CA CYS A 55 -5.67 -0.85 -8.14
C CYS A 55 -6.62 -1.08 -6.97
N CYS A 56 -6.05 -1.16 -5.77
CA CYS A 56 -6.84 -1.37 -4.57
C CYS A 56 -7.77 -0.20 -4.30
N MET A 57 -7.20 0.99 -4.17
CA MET A 57 -7.98 2.19 -3.92
C MET A 57 -9.25 2.20 -4.76
N SER A 58 -9.15 1.68 -5.97
CA SER A 58 -10.29 1.62 -6.88
C SER A 58 -11.24 0.49 -6.50
N LEU A 59 -10.67 -0.59 -5.99
CA LEU A 59 -11.46 -1.75 -5.57
C LEU A 59 -11.97 -1.58 -4.15
N TRP A 60 -11.46 -0.57 -3.45
CA TRP A 60 -11.87 -0.31 -2.08
C TRP A 60 -12.97 0.75 -2.03
N VAL A 61 -12.83 1.77 -2.86
CA VAL A 61 -13.82 2.85 -2.91
C VAL A 61 -15.21 2.31 -3.21
N LYS A 62 -15.26 1.17 -3.89
CA LYS A 62 -16.54 0.54 -4.23
C LYS A 62 -17.38 0.31 -2.98
N GLN A 63 -16.75 -0.25 -1.95
CA GLN A 63 -17.45 -0.52 -0.69
C GLN A 63 -17.43 0.69 0.23
N ASN A 64 -16.27 1.36 0.28
CA ASN A 64 -16.12 2.54 1.12
C ASN A 64 -15.23 3.58 0.44
N ASN A 65 -15.82 4.71 0.10
CA ASN A 65 -15.08 5.79 -0.56
C ASN A 65 -14.33 6.64 0.46
N ARG A 66 -13.73 5.98 1.44
CA ARG A 66 -12.97 6.68 2.49
C ARG A 66 -11.66 5.95 2.78
N CYS A 67 -10.67 6.72 3.23
CA CYS A 67 -9.37 6.15 3.55
C CYS A 67 -9.48 5.15 4.69
N PRO A 68 -9.00 3.91 4.45
CA PRO A 68 -9.03 2.84 5.44
C PRO A 68 -8.06 3.08 6.59
N LEU A 69 -7.46 4.26 6.61
CA LEU A 69 -6.51 4.62 7.66
C LEU A 69 -7.04 5.78 8.50
N CYS A 70 -7.61 6.78 7.83
CA CYS A 70 -8.16 7.95 8.52
C CYS A 70 -9.64 8.13 8.17
N GLN A 71 -10.22 7.13 7.53
CA GLN A 71 -11.63 7.19 7.14
C GLN A 71 -12.03 8.61 6.79
N GLN A 72 -11.14 9.34 6.13
CA GLN A 72 -11.41 10.71 5.74
C GLN A 72 -11.67 10.82 4.24
N ASP A 73 -12.44 11.83 3.85
CA ASP A 73 -12.76 12.03 2.44
C ASP A 73 -11.55 11.77 1.55
N TRP A 74 -11.49 10.58 0.98
CA TRP A 74 -10.38 10.20 0.11
C TRP A 74 -10.27 11.16 -1.07
N VAL A 75 -9.09 11.75 -1.24
CA VAL A 75 -8.84 12.68 -2.32
C VAL A 75 -7.51 12.39 -3.01
N VAL A 76 -7.58 11.83 -4.22
CA VAL A 76 -6.39 11.50 -4.97
C VAL A 76 -5.48 12.72 -5.13
N GLN A 77 -4.28 12.65 -4.57
CA GLN A 77 -3.33 13.75 -4.64
C GLN A 77 -2.45 13.61 -5.88
N ARG A 78 -1.69 12.51 -5.94
CA ARG A 78 -0.80 12.26 -7.07
C ARG A 78 -0.60 10.76 -7.28
N ILE A 79 -0.22 10.39 -8.49
CA ILE A 79 0.01 8.99 -8.83
C ILE A 79 1.28 8.82 -9.66
N GLY A 80 2.09 7.84 -9.28
CA GLY A 80 3.32 7.58 -10.00
C GLY A 80 4.51 7.39 -9.08
N LYS A 81 5.44 6.54 -9.48
CA LYS A 81 6.64 6.27 -8.68
C LYS A 81 7.38 7.56 -8.35
N GLY A 1 24.31 -5.82 26.48
CA GLY A 1 23.66 -5.29 25.30
C GLY A 1 24.48 -4.21 24.64
N SER A 2 24.91 -4.48 23.41
CA SER A 2 25.71 -3.53 22.65
C SER A 2 24.83 -2.53 21.92
N SER A 3 23.83 -2.00 22.62
CA SER A 3 22.91 -1.03 22.03
C SER A 3 23.24 0.39 22.48
N GLY A 4 23.22 0.60 23.79
CA GLY A 4 23.52 1.92 24.33
C GLY A 4 22.58 2.99 23.82
N SER A 5 22.82 4.23 24.21
CA SER A 5 21.97 5.34 23.79
C SER A 5 22.69 6.20 22.75
N SER A 6 23.35 5.54 21.80
CA SER A 6 24.08 6.23 20.75
C SER A 6 23.26 6.27 19.46
N GLY A 7 22.87 5.09 18.99
CA GLY A 7 22.09 5.00 17.77
C GLY A 7 20.63 5.36 17.98
N MET A 8 19.83 5.21 16.92
CA MET A 8 18.41 5.53 17.00
C MET A 8 17.57 4.32 16.59
N TRP A 9 16.64 3.93 17.46
CA TRP A 9 15.76 2.79 17.18
C TRP A 9 14.91 3.06 15.94
N SER A 10 14.72 2.02 15.12
CA SER A 10 13.94 2.14 13.90
C SER A 10 12.72 1.23 13.96
N TRP A 11 11.59 1.80 14.37
CA TRP A 11 10.34 1.05 14.47
C TRP A 11 9.55 1.14 13.17
N ASP A 12 8.33 0.59 13.20
CA ASP A 12 7.47 0.61 12.02
C ASP A 12 6.22 1.44 12.28
N VAL A 13 6.34 2.44 13.15
CA VAL A 13 5.22 3.31 13.48
C VAL A 13 4.69 4.02 12.23
N GLU A 14 5.53 4.11 11.21
CA GLU A 14 5.14 4.77 9.97
C GLU A 14 4.13 3.92 9.20
N CYS A 15 3.16 4.58 8.58
CA CYS A 15 2.13 3.89 7.81
C CYS A 15 2.47 3.90 6.32
N ASP A 16 3.13 2.84 5.86
CA ASP A 16 3.52 2.72 4.47
C ASP A 16 3.20 1.33 3.92
N THR A 17 2.01 0.84 4.24
CA THR A 17 1.57 -0.47 3.79
C THR A 17 0.08 -0.50 3.49
N CYS A 18 -0.26 -0.60 2.22
CA CYS A 18 -1.66 -0.64 1.80
C CYS A 18 -2.50 -1.47 2.77
N ALA A 19 -3.39 -0.80 3.50
CA ALA A 19 -4.25 -1.49 4.45
C ALA A 19 -5.32 -2.31 3.74
N ILE A 20 -5.68 -1.88 2.53
CA ILE A 20 -6.69 -2.58 1.75
C ILE A 20 -6.34 -4.05 1.57
N CYS A 21 -5.10 -4.31 1.15
CA CYS A 21 -4.63 -5.67 0.94
C CYS A 21 -3.56 -6.04 1.96
N ARG A 22 -3.04 -5.02 2.65
CA ARG A 22 -2.00 -5.24 3.65
C ARG A 22 -0.67 -5.62 2.99
N VAL A 23 -0.39 -5.00 1.85
CA VAL A 23 0.85 -5.26 1.13
C VAL A 23 1.65 -3.98 0.91
N GLN A 24 2.96 -4.12 0.83
CA GLN A 24 3.84 -2.98 0.62
C GLN A 24 3.31 -2.08 -0.50
N VAL A 25 2.74 -0.94 -0.11
CA VAL A 25 2.20 0.00 -1.08
C VAL A 25 3.19 0.26 -2.22
N MET A 26 4.48 0.21 -1.89
CA MET A 26 5.52 0.44 -2.89
C MET A 26 5.60 -0.73 -3.87
N ASP A 27 5.33 -1.93 -3.38
CA ASP A 27 5.37 -3.12 -4.22
C ASP A 27 3.97 -3.48 -4.71
N ALA A 28 3.89 -4.47 -5.60
CA ALA A 28 2.62 -4.91 -6.15
C ALA A 28 1.83 -5.72 -5.13
N CYS A 29 0.51 -5.65 -5.20
CA CYS A 29 -0.35 -6.39 -4.28
C CYS A 29 -0.42 -7.86 -4.67
N LEU A 30 -0.83 -8.69 -3.72
CA LEU A 30 -0.95 -10.13 -3.96
C LEU A 30 -1.82 -10.41 -5.17
N ARG A 31 -2.56 -9.40 -5.61
CA ARG A 31 -3.43 -9.53 -6.77
C ARG A 31 -2.67 -9.27 -8.06
N CYS A 32 -1.79 -8.28 -8.04
CA CYS A 32 -1.00 -7.92 -9.22
C CYS A 32 0.20 -8.85 -9.35
N GLN A 33 0.78 -9.23 -8.22
CA GLN A 33 1.94 -10.12 -8.23
C GLN A 33 1.60 -11.46 -8.86
N ALA A 34 0.35 -11.89 -8.70
CA ALA A 34 -0.10 -13.16 -9.25
C ALA A 34 -0.18 -13.09 -10.78
N GLU A 35 -0.71 -11.98 -11.29
CA GLU A 35 -0.84 -11.80 -12.73
C GLU A 35 0.35 -11.00 -13.29
N ASN A 36 1.24 -10.59 -12.39
CA ASN A 36 2.42 -9.83 -12.80
C ASN A 36 2.02 -8.47 -13.36
N LYS A 37 0.97 -7.88 -12.79
CA LYS A 37 0.49 -6.58 -13.22
C LYS A 37 1.20 -5.45 -12.48
N GLN A 38 2.37 -5.76 -11.92
CA GLN A 38 3.15 -4.78 -11.18
C GLN A 38 3.26 -3.47 -11.97
N GLU A 39 3.58 -3.60 -13.25
CA GLU A 39 3.74 -2.43 -14.11
C GLU A 39 2.56 -1.46 -13.93
N ASP A 40 1.41 -2.00 -13.55
CA ASP A 40 0.23 -1.19 -13.33
C ASP A 40 0.08 -0.83 -11.85
N CYS A 41 0.47 -1.75 -10.97
CA CYS A 41 0.38 -1.52 -9.54
C CYS A 41 1.36 -0.44 -9.10
N VAL A 42 0.85 0.78 -8.96
CA VAL A 42 1.68 1.91 -8.53
C VAL A 42 1.22 2.46 -7.19
N VAL A 43 1.89 3.50 -6.73
CA VAL A 43 1.54 4.13 -5.46
C VAL A 43 0.70 5.39 -5.67
N VAL A 44 -0.43 5.46 -4.99
CA VAL A 44 -1.32 6.61 -5.10
C VAL A 44 -1.40 7.38 -3.78
N TRP A 45 -0.93 8.62 -3.80
CA TRP A 45 -0.96 9.46 -2.60
C TRP A 45 -2.27 10.24 -2.51
N GLY A 46 -2.80 10.35 -1.29
CA GLY A 46 -4.05 11.06 -1.10
C GLY A 46 -3.84 12.37 -0.34
N GLU A 47 -4.88 13.20 -0.31
CA GLU A 47 -4.80 14.48 0.37
C GLU A 47 -4.37 14.30 1.82
N CYS A 48 -4.61 13.10 2.36
CA CYS A 48 -4.26 12.80 3.73
C CYS A 48 -2.83 12.25 3.82
N ASN A 49 -2.03 12.55 2.79
CA ASN A 49 -0.64 12.09 2.75
C ASN A 49 -0.56 10.60 3.04
N HIS A 50 -1.51 9.85 2.52
CA HIS A 50 -1.54 8.39 2.71
C HIS A 50 -1.38 7.66 1.38
N SER A 51 -0.31 6.90 1.27
CA SER A 51 -0.03 6.14 0.05
C SER A 51 -0.83 4.84 0.02
N PHE A 52 -1.38 4.52 -1.14
CA PHE A 52 -2.16 3.31 -1.30
C PHE A 52 -1.93 2.68 -2.69
N HIS A 53 -2.63 1.57 -2.95
CA HIS A 53 -2.50 0.89 -4.23
C HIS A 53 -3.54 1.40 -5.22
N ASN A 54 -3.08 2.15 -6.21
CA ASN A 54 -3.97 2.70 -7.23
C ASN A 54 -5.01 1.67 -7.65
N CYS A 55 -4.60 0.41 -7.72
CA CYS A 55 -5.50 -0.67 -8.11
C CYS A 55 -6.49 -0.98 -7.00
N CYS A 56 -5.98 -1.12 -5.78
CA CYS A 56 -6.82 -1.41 -4.62
C CYS A 56 -7.80 -0.28 -4.36
N MET A 57 -7.26 0.92 -4.12
CA MET A 57 -8.09 2.09 -3.85
C MET A 57 -9.33 2.09 -4.74
N SER A 58 -9.13 2.09 -6.04
CA SER A 58 -10.24 2.09 -7.00
C SER A 58 -11.30 1.07 -6.59
N LEU A 59 -10.85 -0.03 -6.00
CA LEU A 59 -11.77 -1.08 -5.57
C LEU A 59 -12.34 -0.77 -4.19
N TRP A 60 -11.46 -0.45 -3.25
CA TRP A 60 -11.87 -0.13 -1.89
C TRP A 60 -13.04 0.86 -1.89
N VAL A 61 -12.90 1.92 -2.69
CA VAL A 61 -13.93 2.94 -2.80
C VAL A 61 -15.28 2.33 -3.19
N LYS A 62 -15.22 1.18 -3.86
CA LYS A 62 -16.43 0.49 -4.29
C LYS A 62 -17.32 0.14 -3.09
N GLN A 63 -16.69 -0.14 -1.96
CA GLN A 63 -17.43 -0.49 -0.75
C GLN A 63 -17.37 0.66 0.26
N ASN A 64 -16.21 1.29 0.38
CA ASN A 64 -16.03 2.39 1.31
C ASN A 64 -15.29 3.55 0.64
N ASN A 65 -16.02 4.61 0.35
CA ASN A 65 -15.42 5.79 -0.28
C ASN A 65 -14.74 6.68 0.75
N ARG A 66 -14.02 6.06 1.67
CA ARG A 66 -13.31 6.80 2.72
C ARG A 66 -12.02 6.09 3.10
N CYS A 67 -10.94 6.86 3.20
CA CYS A 67 -9.63 6.31 3.56
C CYS A 67 -9.76 5.38 4.76
N PRO A 68 -9.32 4.12 4.58
CA PRO A 68 -9.35 3.11 5.64
C PRO A 68 -8.36 3.41 6.76
N LEU A 69 -7.71 4.55 6.68
CA LEU A 69 -6.73 4.96 7.69
C LEU A 69 -7.24 6.14 8.49
N CYS A 70 -7.83 7.11 7.80
CA CYS A 70 -8.36 8.30 8.45
C CYS A 70 -9.85 8.47 8.17
N GLN A 71 -10.46 7.42 7.63
CA GLN A 71 -11.88 7.44 7.31
C GLN A 71 -12.32 8.84 6.89
N GLN A 72 -11.44 9.54 6.18
CA GLN A 72 -11.74 10.89 5.72
C GLN A 72 -11.99 10.91 4.21
N ASP A 73 -12.74 11.90 3.75
CA ASP A 73 -13.05 12.03 2.33
C ASP A 73 -11.81 11.77 1.48
N TRP A 74 -11.68 10.53 1.01
CA TRP A 74 -10.53 10.16 0.18
C TRP A 74 -10.43 11.06 -1.03
N VAL A 75 -9.25 11.66 -1.22
CA VAL A 75 -9.01 12.55 -2.34
C VAL A 75 -7.67 12.24 -3.01
N VAL A 76 -7.72 11.52 -4.12
CA VAL A 76 -6.51 11.16 -4.86
C VAL A 76 -5.68 12.40 -5.19
N GLN A 77 -4.50 12.49 -4.59
CA GLN A 77 -3.61 13.62 -4.82
C GLN A 77 -2.76 13.41 -6.06
N ARG A 78 -1.94 12.36 -6.04
CA ARG A 78 -1.08 12.04 -7.16
C ARG A 78 -0.73 10.56 -7.19
N ILE A 79 -0.32 10.06 -8.35
CA ILE A 79 0.04 8.66 -8.50
C ILE A 79 1.34 8.51 -9.28
N GLY A 80 2.13 7.50 -8.91
CA GLY A 80 3.40 7.26 -9.57
C GLY A 80 4.38 6.49 -8.72
N LYS A 81 5.51 6.13 -9.29
CA LYS A 81 6.54 5.40 -8.57
C LYS A 81 7.75 6.26 -8.30
N GLY A 1 13.31 -36.83 31.53
CA GLY A 1 13.67 -35.43 31.35
C GLY A 1 13.03 -34.83 30.11
N SER A 2 12.34 -33.71 30.30
CA SER A 2 11.67 -33.03 29.19
C SER A 2 11.61 -31.53 29.42
N SER A 3 11.55 -30.76 28.34
CA SER A 3 11.49 -29.31 28.43
C SER A 3 11.30 -28.69 27.06
N GLY A 4 10.59 -27.56 27.02
CA GLY A 4 10.35 -26.88 25.76
C GLY A 4 9.55 -25.60 25.94
N SER A 5 9.94 -24.56 25.21
CA SER A 5 9.26 -23.27 25.30
C SER A 5 9.03 -22.69 23.91
N SER A 6 8.00 -21.85 23.79
CA SER A 6 7.66 -21.23 22.51
C SER A 6 7.63 -19.71 22.65
N GLY A 7 7.40 -19.04 21.52
CA GLY A 7 7.35 -17.58 21.52
C GLY A 7 7.35 -16.99 20.13
N MET A 8 6.65 -15.88 19.97
CA MET A 8 6.58 -15.22 18.66
C MET A 8 6.61 -13.70 18.82
N TRP A 9 6.81 -13.00 17.71
CA TRP A 9 6.87 -11.54 17.73
C TRP A 9 5.73 -10.94 16.91
N SER A 10 5.40 -9.68 17.18
CA SER A 10 4.34 -9.00 16.48
C SER A 10 4.88 -7.82 15.67
N TRP A 11 4.12 -7.40 14.67
CA TRP A 11 4.52 -6.28 13.83
C TRP A 11 4.61 -4.98 14.63
N ASP A 12 5.79 -4.38 14.65
CA ASP A 12 6.00 -3.14 15.38
C ASP A 12 6.71 -2.10 14.51
N VAL A 13 6.37 -2.09 13.23
CA VAL A 13 6.97 -1.14 12.29
C VAL A 13 5.91 -0.41 11.50
N GLU A 14 4.87 0.06 12.19
CA GLU A 14 3.78 0.79 11.55
C GLU A 14 4.30 1.61 10.38
N CYS A 15 3.66 1.47 9.22
CA CYS A 15 4.04 2.20 8.03
C CYS A 15 2.84 2.50 7.15
N ASP A 16 3.09 3.08 5.98
CA ASP A 16 2.01 3.43 5.05
C ASP A 16 1.62 2.22 4.21
N THR A 17 1.77 1.02 4.79
CA THR A 17 1.44 -0.21 4.09
C THR A 17 -0.05 -0.26 3.75
N CYS A 18 -0.36 -0.44 2.47
CA CYS A 18 -1.74 -0.51 2.02
C CYS A 18 -2.56 -1.43 2.91
N ALA A 19 -3.49 -0.85 3.66
CA ALA A 19 -4.34 -1.62 4.56
C ALA A 19 -5.37 -2.43 3.77
N ILE A 20 -5.78 -1.90 2.63
CA ILE A 20 -6.76 -2.57 1.78
C ILE A 20 -6.38 -4.03 1.55
N CYS A 21 -5.10 -4.25 1.28
CA CYS A 21 -4.60 -5.61 1.03
C CYS A 21 -3.49 -5.96 2.02
N ARG A 22 -3.07 -4.98 2.80
CA ARG A 22 -2.02 -5.19 3.79
C ARG A 22 -0.70 -5.52 3.10
N VAL A 23 -0.44 -4.87 1.97
CA VAL A 23 0.79 -5.11 1.22
C VAL A 23 1.61 -3.82 1.08
N GLN A 24 2.91 -3.97 0.92
CA GLN A 24 3.81 -2.83 0.78
C GLN A 24 3.33 -1.89 -0.33
N VAL A 25 2.77 -0.76 0.05
CA VAL A 25 2.27 0.22 -0.92
C VAL A 25 3.30 0.44 -2.04
N MET A 26 4.56 0.53 -1.66
CA MET A 26 5.63 0.75 -2.64
C MET A 26 5.68 -0.39 -3.66
N ASP A 27 5.37 -1.60 -3.20
CA ASP A 27 5.38 -2.77 -4.08
C ASP A 27 3.96 -3.10 -4.55
N ALA A 28 3.85 -4.06 -5.45
CA ALA A 28 2.56 -4.47 -5.98
C ALA A 28 1.81 -5.35 -4.98
N CYS A 29 0.49 -5.42 -5.14
CA CYS A 29 -0.34 -6.22 -4.25
C CYS A 29 -0.28 -7.70 -4.62
N LEU A 30 -0.89 -8.54 -3.79
CA LEU A 30 -0.91 -9.98 -4.05
C LEU A 30 -1.74 -10.30 -5.29
N ARG A 31 -2.53 -9.34 -5.74
CA ARG A 31 -3.37 -9.53 -6.91
C ARG A 31 -2.61 -9.18 -8.19
N CYS A 32 -1.67 -8.24 -8.07
CA CYS A 32 -0.87 -7.82 -9.21
C CYS A 32 0.42 -8.62 -9.30
N GLN A 33 0.98 -8.97 -8.14
CA GLN A 33 2.21 -9.74 -8.09
C GLN A 33 2.00 -11.14 -8.65
N ALA A 34 0.82 -11.69 -8.45
CA ALA A 34 0.49 -13.02 -8.93
C ALA A 34 0.01 -12.98 -10.38
N GLU A 35 -0.75 -11.93 -10.71
CA GLU A 35 -1.27 -11.78 -12.06
C GLU A 35 -0.22 -11.14 -12.98
N ASN A 36 0.91 -10.76 -12.41
CA ASN A 36 1.99 -10.16 -13.17
C ASN A 36 1.55 -8.83 -13.77
N LYS A 37 0.79 -8.06 -12.99
CA LYS A 37 0.30 -6.76 -13.44
C LYS A 37 0.91 -5.63 -12.61
N GLN A 38 2.09 -5.88 -12.05
CA GLN A 38 2.76 -4.89 -11.23
C GLN A 38 2.94 -3.59 -12.00
N GLU A 39 3.32 -3.70 -13.27
CA GLU A 39 3.52 -2.52 -14.11
C GLU A 39 2.41 -1.50 -13.89
N ASP A 40 1.21 -1.99 -13.63
CA ASP A 40 0.06 -1.12 -13.40
C ASP A 40 -0.05 -0.73 -11.94
N CYS A 41 0.22 -1.68 -11.05
CA CYS A 41 0.16 -1.45 -9.61
C CYS A 41 1.10 -0.32 -9.21
N VAL A 42 0.55 0.90 -9.13
CA VAL A 42 1.34 2.07 -8.75
C VAL A 42 0.94 2.57 -7.36
N VAL A 43 1.66 3.59 -6.89
CA VAL A 43 1.38 4.17 -5.57
C VAL A 43 0.55 5.44 -5.71
N VAL A 44 -0.66 5.41 -5.17
CA VAL A 44 -1.56 6.56 -5.22
C VAL A 44 -1.55 7.31 -3.88
N TRP A 45 -1.05 8.54 -3.90
CA TRP A 45 -1.01 9.36 -2.70
C TRP A 45 -2.29 10.16 -2.52
N GLY A 46 -2.78 10.21 -1.29
CA GLY A 46 -4.01 10.95 -1.01
C GLY A 46 -3.75 12.22 -0.23
N GLU A 47 -4.72 13.13 -0.27
CA GLU A 47 -4.60 14.41 0.44
C GLU A 47 -4.35 14.18 1.93
N CYS A 48 -4.75 13.01 2.41
CA CYS A 48 -4.57 12.66 3.82
C CYS A 48 -3.14 12.22 4.11
N ASN A 49 -2.28 12.36 3.10
CA ASN A 49 -0.88 11.97 3.24
C ASN A 49 -0.74 10.47 3.47
N HIS A 50 -1.46 9.69 2.66
CA HIS A 50 -1.43 8.24 2.78
C HIS A 50 -1.32 7.59 1.41
N SER A 51 -0.27 6.80 1.21
CA SER A 51 -0.05 6.12 -0.07
C SER A 51 -0.78 4.78 -0.09
N PHE A 52 -1.36 4.46 -1.24
CA PHE A 52 -2.10 3.21 -1.41
C PHE A 52 -1.88 2.63 -2.81
N HIS A 53 -2.56 1.53 -3.10
CA HIS A 53 -2.45 0.88 -4.40
C HIS A 53 -3.55 1.34 -5.34
N ASN A 54 -3.17 2.06 -6.39
CA ASN A 54 -4.13 2.56 -7.37
C ASN A 54 -5.21 1.51 -7.66
N CYS A 55 -4.79 0.26 -7.76
CA CYS A 55 -5.71 -0.84 -8.04
C CYS A 55 -6.64 -1.09 -6.86
N CYS A 56 -6.07 -1.16 -5.66
CA CYS A 56 -6.84 -1.39 -4.46
C CYS A 56 -7.82 -0.24 -4.22
N MET A 57 -7.29 0.95 -4.01
CA MET A 57 -8.12 2.12 -3.77
C MET A 57 -9.33 2.15 -4.70
N SER A 58 -9.07 1.93 -5.99
CA SER A 58 -10.14 1.92 -6.98
C SER A 58 -11.22 0.92 -6.61
N LEU A 59 -10.83 -0.17 -5.96
CA LEU A 59 -11.78 -1.20 -5.54
C LEU A 59 -12.38 -0.86 -4.18
N TRP A 60 -11.53 -0.59 -3.20
CA TRP A 60 -11.98 -0.26 -1.86
C TRP A 60 -13.04 0.84 -1.90
N VAL A 61 -12.82 1.83 -2.76
CA VAL A 61 -13.75 2.95 -2.89
C VAL A 61 -15.14 2.45 -3.29
N LYS A 62 -15.19 1.28 -3.90
CA LYS A 62 -16.45 0.69 -4.33
C LYS A 62 -17.41 0.54 -3.16
N GLN A 63 -16.90 -0.01 -2.05
CA GLN A 63 -17.72 -0.19 -0.86
C GLN A 63 -17.49 0.93 0.14
N ASN A 64 -16.25 1.37 0.25
CA ASN A 64 -15.89 2.45 1.18
C ASN A 64 -15.11 3.55 0.47
N ASN A 65 -15.79 4.62 0.11
CA ASN A 65 -15.15 5.74 -0.57
C ASN A 65 -14.42 6.65 0.41
N ARG A 66 -13.75 6.04 1.39
CA ARG A 66 -13.02 6.79 2.40
C ARG A 66 -11.76 6.04 2.82
N CYS A 67 -10.64 6.75 2.88
CA CYS A 67 -9.37 6.15 3.27
C CYS A 67 -9.56 5.20 4.46
N PRO A 68 -9.15 3.94 4.27
CA PRO A 68 -9.26 2.91 5.30
C PRO A 68 -8.30 3.15 6.46
N LEU A 69 -7.58 4.26 6.41
CA LEU A 69 -6.63 4.61 7.46
C LEU A 69 -7.16 5.76 8.32
N CYS A 70 -7.71 6.77 7.65
CA CYS A 70 -8.26 7.93 8.36
C CYS A 70 -9.75 8.06 8.10
N GLN A 71 -10.35 7.01 7.54
CA GLN A 71 -11.77 7.00 7.24
C GLN A 71 -12.27 8.42 6.92
N GLN A 72 -11.42 9.19 6.25
CA GLN A 72 -11.77 10.56 5.88
C GLN A 72 -11.84 10.70 4.37
N ASP A 73 -12.46 11.80 3.91
CA ASP A 73 -12.59 12.06 2.48
C ASP A 73 -11.32 11.67 1.74
N TRP A 74 -11.43 10.69 0.85
CA TRP A 74 -10.29 10.22 0.08
C TRP A 74 -10.15 11.03 -1.22
N VAL A 75 -9.02 11.71 -1.37
CA VAL A 75 -8.75 12.51 -2.56
C VAL A 75 -7.43 12.14 -3.19
N VAL A 76 -7.48 11.65 -4.42
CA VAL A 76 -6.28 11.25 -5.15
C VAL A 76 -5.39 12.45 -5.43
N GLN A 77 -4.38 12.65 -4.58
CA GLN A 77 -3.46 13.77 -4.73
C GLN A 77 -2.61 13.60 -5.98
N ARG A 78 -1.88 12.49 -6.05
CA ARG A 78 -1.03 12.21 -7.20
C ARG A 78 -0.82 10.70 -7.37
N ILE A 79 -0.51 10.29 -8.59
CA ILE A 79 -0.28 8.88 -8.90
C ILE A 79 1.07 8.67 -9.57
N GLY A 80 1.73 7.59 -9.20
CA GLY A 80 3.03 7.28 -9.78
C GLY A 80 3.90 6.45 -8.85
N LYS A 81 4.96 5.87 -9.41
CA LYS A 81 5.88 5.06 -8.62
C LYS A 81 7.11 5.85 -8.23
N GLY A 1 45.90 -9.94 13.17
CA GLY A 1 44.79 -9.13 13.64
C GLY A 1 43.77 -8.86 12.54
N SER A 2 42.50 -8.76 12.93
CA SER A 2 41.42 -8.49 11.98
C SER A 2 40.50 -7.40 12.49
N SER A 3 39.61 -6.94 11.62
CA SER A 3 38.67 -5.88 11.98
C SER A 3 37.23 -6.32 11.70
N GLY A 4 36.30 -5.81 12.50
CA GLY A 4 34.89 -6.15 12.32
C GLY A 4 34.07 -4.99 11.81
N SER A 5 32.75 -5.13 11.89
CA SER A 5 31.84 -4.08 11.43
C SER A 5 30.56 -4.07 12.25
N SER A 6 30.14 -2.88 12.67
CA SER A 6 28.93 -2.74 13.47
C SER A 6 27.74 -2.38 12.58
N GLY A 7 26.78 -3.29 12.47
CA GLY A 7 25.60 -3.05 11.65
C GLY A 7 24.32 -3.16 12.46
N MET A 8 23.26 -2.52 11.96
CA MET A 8 21.97 -2.56 12.63
C MET A 8 20.85 -2.83 11.63
N TRP A 9 19.82 -3.55 12.08
CA TRP A 9 18.69 -3.87 11.22
C TRP A 9 17.62 -2.80 11.31
N SER A 10 16.69 -2.82 10.36
CA SER A 10 15.60 -1.85 10.34
C SER A 10 14.25 -2.54 10.16
N TRP A 11 13.27 -2.11 10.95
CA TRP A 11 11.93 -2.69 10.89
C TRP A 11 10.96 -1.72 10.25
N ASP A 12 9.68 -2.09 10.23
CA ASP A 12 8.64 -1.26 9.65
C ASP A 12 8.26 -0.12 10.59
N VAL A 13 9.27 0.53 11.17
CA VAL A 13 9.03 1.64 12.08
C VAL A 13 7.98 2.60 11.54
N GLU A 14 7.83 2.60 10.21
CA GLU A 14 6.86 3.48 9.57
C GLU A 14 5.70 2.67 8.98
N CYS A 15 4.48 3.03 9.35
CA CYS A 15 3.29 2.35 8.87
C CYS A 15 2.89 2.86 7.49
N ASP A 16 3.49 2.30 6.45
CA ASP A 16 3.20 2.70 5.08
C ASP A 16 2.90 1.48 4.21
N THR A 17 1.86 0.74 4.58
CA THR A 17 1.47 -0.45 3.83
C THR A 17 -0.02 -0.43 3.52
N CYS A 18 -0.35 -0.65 2.24
CA CYS A 18 -1.73 -0.66 1.81
C CYS A 18 -2.58 -1.58 2.69
N ALA A 19 -3.48 -0.97 3.45
CA ALA A 19 -4.36 -1.73 4.34
C ALA A 19 -5.42 -2.49 3.55
N ILE A 20 -5.80 -1.94 2.41
CA ILE A 20 -6.81 -2.56 1.57
C ILE A 20 -6.47 -4.01 1.28
N CYS A 21 -5.20 -4.27 0.95
CA CYS A 21 -4.74 -5.62 0.66
C CYS A 21 -3.65 -6.05 1.63
N ARG A 22 -3.18 -5.10 2.44
CA ARG A 22 -2.14 -5.38 3.42
C ARG A 22 -0.82 -5.71 2.72
N VAL A 23 -0.53 -4.98 1.65
CA VAL A 23 0.70 -5.20 0.89
C VAL A 23 1.52 -3.91 0.80
N GLN A 24 2.83 -4.05 0.85
CA GLN A 24 3.74 -2.91 0.77
C GLN A 24 3.31 -1.97 -0.35
N VAL A 25 2.73 -0.83 0.03
CA VAL A 25 2.28 0.16 -0.94
C VAL A 25 3.36 0.43 -1.99
N MET A 26 4.61 0.34 -1.58
CA MET A 26 5.73 0.57 -2.49
C MET A 26 5.81 -0.52 -3.55
N ASP A 27 5.44 -1.74 -3.17
CA ASP A 27 5.47 -2.86 -4.09
C ASP A 27 4.05 -3.19 -4.59
N ALA A 28 3.96 -4.11 -5.53
CA ALA A 28 2.68 -4.51 -6.10
C ALA A 28 1.90 -5.38 -5.11
N CYS A 29 0.57 -5.23 -5.11
CA CYS A 29 -0.28 -6.00 -4.22
C CYS A 29 -0.24 -7.49 -4.57
N LEU A 30 -0.73 -8.32 -3.65
CA LEU A 30 -0.74 -9.75 -3.86
C LEU A 30 -1.61 -10.13 -5.06
N ARG A 31 -2.47 -9.19 -5.47
CA ARG A 31 -3.35 -9.41 -6.61
C ARG A 31 -2.62 -9.15 -7.92
N CYS A 32 -1.66 -8.24 -7.89
CA CYS A 32 -0.89 -7.89 -9.08
C CYS A 32 0.34 -8.79 -9.20
N GLN A 33 1.01 -9.02 -8.08
CA GLN A 33 2.21 -9.84 -8.06
C GLN A 33 1.90 -11.25 -8.58
N ALA A 34 0.66 -11.68 -8.40
CA ALA A 34 0.24 -13.00 -8.85
C ALA A 34 -0.25 -12.97 -10.29
N GLU A 35 -0.92 -11.87 -10.65
CA GLU A 35 -1.45 -11.71 -12.01
C GLU A 35 -0.42 -11.04 -12.91
N ASN A 36 0.76 -10.77 -12.36
CA ASN A 36 1.84 -10.13 -13.12
C ASN A 36 1.40 -8.75 -13.61
N LYS A 37 0.79 -7.97 -12.73
CA LYS A 37 0.33 -6.63 -13.06
C LYS A 37 1.01 -5.58 -12.20
N GLN A 38 2.14 -5.96 -11.60
CA GLN A 38 2.89 -5.05 -10.74
C GLN A 38 3.30 -3.79 -11.52
N GLU A 39 3.79 -3.99 -12.73
CA GLU A 39 4.21 -2.86 -13.57
C GLU A 39 3.15 -1.78 -13.60
N ASP A 40 1.89 -2.19 -13.45
CA ASP A 40 0.78 -1.24 -13.46
C ASP A 40 0.41 -0.82 -12.04
N CYS A 41 0.68 -1.69 -11.08
CA CYS A 41 0.38 -1.41 -9.68
C CYS A 41 1.22 -0.24 -9.17
N VAL A 42 0.76 0.98 -9.44
CA VAL A 42 1.46 2.17 -9.01
C VAL A 42 1.01 2.60 -7.62
N VAL A 43 1.56 3.71 -7.14
CA VAL A 43 1.22 4.23 -5.82
C VAL A 43 0.44 5.52 -5.93
N VAL A 44 -0.77 5.53 -5.37
CA VAL A 44 -1.63 6.71 -5.40
C VAL A 44 -1.68 7.39 -4.03
N TRP A 45 -1.11 8.58 -3.94
CA TRP A 45 -1.10 9.33 -2.69
C TRP A 45 -2.37 10.14 -2.53
N GLY A 46 -2.92 10.14 -1.31
CA GLY A 46 -4.14 10.88 -1.05
C GLY A 46 -3.89 12.17 -0.32
N GLU A 47 -4.86 13.07 -0.34
CA GLU A 47 -4.74 14.36 0.33
C GLU A 47 -4.41 14.17 1.81
N CYS A 48 -4.90 13.08 2.38
CA CYS A 48 -4.66 12.78 3.80
C CYS A 48 -3.20 12.40 4.02
N ASN A 49 -2.43 12.37 2.95
CA ASN A 49 -1.01 12.03 3.04
C ASN A 49 -0.83 10.54 3.28
N HIS A 50 -1.56 9.73 2.52
CA HIS A 50 -1.48 8.28 2.65
C HIS A 50 -1.34 7.61 1.29
N SER A 51 -0.30 6.80 1.13
CA SER A 51 -0.05 6.10 -0.13
C SER A 51 -0.85 4.80 -0.20
N PHE A 52 -1.41 4.52 -1.36
CA PHE A 52 -2.19 3.30 -1.56
C PHE A 52 -1.99 2.75 -2.97
N HIS A 53 -2.61 1.60 -3.25
CA HIS A 53 -2.49 0.97 -4.55
C HIS A 53 -3.62 1.42 -5.47
N ASN A 54 -3.26 2.16 -6.52
CA ASN A 54 -4.25 2.66 -7.47
C ASN A 54 -5.27 1.58 -7.82
N CYS A 55 -4.79 0.34 -7.93
CA CYS A 55 -5.67 -0.79 -8.25
C CYS A 55 -6.61 -1.10 -7.09
N CYS A 56 -6.06 -1.11 -5.88
CA CYS A 56 -6.85 -1.40 -4.69
C CYS A 56 -7.84 -0.28 -4.42
N MET A 57 -7.33 0.93 -4.20
CA MET A 57 -8.18 2.08 -3.93
C MET A 57 -9.45 2.05 -4.80
N SER A 58 -9.25 2.12 -6.11
CA SER A 58 -10.38 2.09 -7.05
C SER A 58 -11.41 1.05 -6.64
N LEU A 59 -10.92 -0.04 -6.06
CA LEU A 59 -11.80 -1.13 -5.62
C LEU A 59 -12.30 -0.87 -4.20
N TRP A 60 -11.49 -0.20 -3.40
CA TRP A 60 -11.85 0.11 -2.02
C TRP A 60 -12.99 1.12 -1.98
N VAL A 61 -13.02 2.00 -2.96
CA VAL A 61 -14.07 3.03 -3.03
C VAL A 61 -15.42 2.42 -3.38
N LYS A 62 -15.38 1.23 -3.97
CA LYS A 62 -16.61 0.53 -4.36
C LYS A 62 -17.42 0.15 -3.13
N GLN A 63 -16.75 0.01 -1.99
CA GLN A 63 -17.43 -0.35 -0.75
C GLN A 63 -17.32 0.77 0.27
N ASN A 64 -16.13 1.36 0.36
CA ASN A 64 -15.90 2.46 1.30
C ASN A 64 -15.11 3.59 0.65
N ASN A 65 -15.78 4.70 0.38
CA ASN A 65 -15.14 5.86 -0.24
C ASN A 65 -14.42 6.72 0.79
N ARG A 66 -13.77 6.05 1.75
CA ARG A 66 -13.05 6.75 2.80
C ARG A 66 -11.77 6.01 3.17
N CYS A 67 -10.66 6.73 3.23
CA CYS A 67 -9.38 6.14 3.57
C CYS A 67 -9.52 5.17 4.74
N PRO A 68 -9.08 3.92 4.52
CA PRO A 68 -9.15 2.87 5.54
C PRO A 68 -8.18 3.11 6.69
N LEU A 69 -7.51 4.26 6.66
CA LEU A 69 -6.56 4.62 7.70
C LEU A 69 -7.07 5.79 8.54
N CYS A 70 -7.62 6.80 7.86
CA CYS A 70 -8.15 7.97 8.53
C CYS A 70 -9.64 8.13 8.26
N GLN A 71 -10.23 7.11 7.65
CA GLN A 71 -11.66 7.14 7.34
C GLN A 71 -12.12 8.55 6.99
N GLN A 72 -11.24 9.31 6.35
CA GLN A 72 -11.55 10.68 5.96
C GLN A 72 -11.71 10.80 4.45
N ASP A 73 -12.47 11.80 4.02
CA ASP A 73 -12.70 12.02 2.60
C ASP A 73 -11.45 11.71 1.78
N TRP A 74 -11.44 10.57 1.12
CA TRP A 74 -10.30 10.15 0.30
C TRP A 74 -10.25 10.95 -0.99
N VAL A 75 -9.10 11.57 -1.25
CA VAL A 75 -8.92 12.37 -2.46
C VAL A 75 -7.59 12.04 -3.13
N VAL A 76 -7.64 11.70 -4.41
CA VAL A 76 -6.45 11.37 -5.18
C VAL A 76 -5.57 12.59 -5.37
N GLN A 77 -4.49 12.68 -4.60
CA GLN A 77 -3.57 13.81 -4.68
C GLN A 77 -2.67 13.68 -5.92
N ARG A 78 -1.90 12.60 -5.98
CA ARG A 78 -1.01 12.36 -7.10
C ARG A 78 -0.74 10.86 -7.26
N ILE A 79 -0.28 10.49 -8.46
CA ILE A 79 0.02 9.10 -8.75
C ILE A 79 1.38 8.94 -9.43
N GLY A 80 1.99 7.78 -9.27
CA GLY A 80 3.29 7.54 -9.87
C GLY A 80 4.18 6.67 -9.00
N LYS A 81 5.26 6.16 -9.58
CA LYS A 81 6.19 5.31 -8.86
C LYS A 81 7.56 5.98 -8.74
N GLY A 1 41.52 0.24 4.54
CA GLY A 1 41.05 -1.10 4.87
C GLY A 1 39.89 -1.08 5.84
N SER A 2 40.02 -1.81 6.93
CA SER A 2 38.96 -1.88 7.93
C SER A 2 39.22 -0.93 9.08
N SER A 3 38.76 0.31 8.94
CA SER A 3 38.96 1.32 9.96
C SER A 3 37.90 1.21 11.05
N GLY A 4 36.63 1.30 10.66
CA GLY A 4 35.54 1.20 11.61
C GLY A 4 34.28 1.91 11.14
N SER A 5 33.21 1.16 10.98
CA SER A 5 31.94 1.71 10.53
C SER A 5 30.82 1.42 11.53
N SER A 6 30.09 2.45 11.92
CA SER A 6 29.00 2.31 12.87
C SER A 6 27.90 1.42 12.30
N GLY A 7 26.97 1.01 13.15
CA GLY A 7 25.88 0.16 12.72
C GLY A 7 24.53 0.69 13.15
N MET A 8 23.95 1.57 12.32
CA MET A 8 22.64 2.15 12.62
C MET A 8 21.54 1.46 11.83
N TRP A 9 21.01 0.38 12.40
CA TRP A 9 19.94 -0.37 11.74
C TRP A 9 18.63 0.38 11.81
N SER A 10 17.92 0.43 10.69
CA SER A 10 16.64 1.11 10.62
C SER A 10 15.66 0.55 11.64
N TRP A 11 14.69 1.37 12.04
CA TRP A 11 13.69 0.95 13.02
C TRP A 11 12.35 0.69 12.35
N ASP A 12 12.23 1.11 11.09
CA ASP A 12 10.99 0.92 10.34
C ASP A 12 9.79 1.46 11.11
N VAL A 13 9.93 2.66 11.64
CA VAL A 13 8.85 3.29 12.41
C VAL A 13 7.71 3.73 11.49
N GLU A 14 8.04 3.94 10.21
CA GLU A 14 7.04 4.37 9.24
C GLU A 14 6.05 3.25 8.95
N CYS A 15 4.77 3.59 8.90
CA CYS A 15 3.72 2.62 8.63
C CYS A 15 2.74 3.14 7.59
N ASP A 16 2.99 2.81 6.33
CA ASP A 16 2.13 3.24 5.23
C ASP A 16 1.83 2.09 4.29
N THR A 17 1.57 0.91 4.86
CA THR A 17 1.26 -0.27 4.06
C THR A 17 -0.21 -0.32 3.70
N CYS A 18 -0.50 -0.54 2.41
CA CYS A 18 -1.86 -0.60 1.93
C CYS A 18 -2.71 -1.53 2.81
N ALA A 19 -3.62 -0.95 3.57
CA ALA A 19 -4.50 -1.72 4.45
C ALA A 19 -5.52 -2.51 3.65
N ILE A 20 -5.87 -2.00 2.47
CA ILE A 20 -6.84 -2.65 1.61
C ILE A 20 -6.46 -4.10 1.35
N CYS A 21 -5.19 -4.33 1.03
CA CYS A 21 -4.69 -5.67 0.76
C CYS A 21 -3.59 -6.06 1.74
N ARG A 22 -3.16 -5.09 2.55
CA ARG A 22 -2.12 -5.32 3.53
C ARG A 22 -0.79 -5.65 2.85
N VAL A 23 -0.50 -4.94 1.77
CA VAL A 23 0.73 -5.16 1.02
C VAL A 23 1.53 -3.86 0.89
N GLN A 24 2.85 -3.99 0.86
CA GLN A 24 3.73 -2.83 0.73
C GLN A 24 3.24 -1.90 -0.37
N VAL A 25 2.61 -0.79 0.04
CA VAL A 25 2.10 0.19 -0.92
C VAL A 25 3.08 0.41 -2.06
N MET A 26 4.35 0.62 -1.71
CA MET A 26 5.39 0.86 -2.71
C MET A 26 5.48 -0.32 -3.68
N ASP A 27 5.23 -1.52 -3.17
CA ASP A 27 5.28 -2.72 -3.98
C ASP A 27 3.90 -3.08 -4.51
N ALA A 28 3.85 -4.08 -5.40
CA ALA A 28 2.59 -4.52 -5.98
C ALA A 28 1.78 -5.33 -4.96
N CYS A 29 0.47 -5.38 -5.17
CA CYS A 29 -0.42 -6.12 -4.27
C CYS A 29 -0.40 -7.61 -4.60
N LEU A 30 -1.09 -8.40 -3.79
CA LEU A 30 -1.17 -9.84 -3.99
C LEU A 30 -1.95 -10.17 -5.26
N ARG A 31 -2.67 -9.19 -5.78
CA ARG A 31 -3.46 -9.38 -6.99
C ARG A 31 -2.64 -9.06 -8.23
N CYS A 32 -1.68 -8.14 -8.09
CA CYS A 32 -0.84 -7.74 -9.20
C CYS A 32 0.46 -8.56 -9.22
N GLN A 33 0.90 -8.97 -8.04
CA GLN A 33 2.12 -9.76 -7.92
C GLN A 33 1.94 -11.15 -8.52
N ALA A 34 0.73 -11.69 -8.39
CA ALA A 34 0.43 -13.02 -8.91
C ALA A 34 -0.01 -12.93 -10.37
N GLU A 35 -0.71 -11.86 -10.71
CA GLU A 35 -1.19 -11.66 -12.08
C GLU A 35 -0.12 -11.00 -12.94
N ASN A 36 0.99 -10.64 -12.31
CA ASN A 36 2.10 -10.01 -13.02
C ASN A 36 1.66 -8.66 -13.60
N LYS A 37 0.87 -7.92 -12.83
CA LYS A 37 0.39 -6.61 -13.27
C LYS A 37 1.08 -5.49 -12.48
N GLN A 38 2.23 -5.79 -11.91
CA GLN A 38 2.98 -4.81 -11.14
C GLN A 38 3.18 -3.52 -11.93
N GLU A 39 3.66 -3.67 -13.16
CA GLU A 39 3.90 -2.51 -14.02
C GLU A 39 2.78 -1.49 -13.88
N ASP A 40 1.57 -1.98 -13.64
CA ASP A 40 0.41 -1.10 -13.47
C ASP A 40 0.22 -0.72 -12.01
N CYS A 41 0.52 -1.66 -11.12
CA CYS A 41 0.38 -1.42 -9.69
C CYS A 41 1.30 -0.29 -9.23
N VAL A 42 0.80 0.93 -9.29
CA VAL A 42 1.57 2.09 -8.88
C VAL A 42 1.14 2.59 -7.50
N VAL A 43 1.79 3.64 -7.01
CA VAL A 43 1.48 4.21 -5.71
C VAL A 43 0.70 5.52 -5.86
N VAL A 44 -0.49 5.56 -5.27
CA VAL A 44 -1.32 6.75 -5.34
C VAL A 44 -1.43 7.42 -3.98
N TRP A 45 -0.85 8.61 -3.85
CA TRP A 45 -0.88 9.34 -2.59
C TRP A 45 -2.21 10.08 -2.44
N GLY A 46 -2.70 10.13 -1.21
CA GLY A 46 -3.96 10.80 -0.94
C GLY A 46 -3.76 12.12 -0.21
N GLU A 47 -4.76 13.00 -0.31
CA GLU A 47 -4.69 14.30 0.35
C GLU A 47 -4.41 14.13 1.84
N CYS A 48 -4.83 13.01 2.40
CA CYS A 48 -4.62 12.74 3.82
C CYS A 48 -3.20 12.28 4.08
N ASN A 49 -2.35 12.37 3.06
CA ASN A 49 -0.96 11.96 3.18
C ASN A 49 -0.84 10.46 3.41
N HIS A 50 -1.60 9.69 2.63
CA HIS A 50 -1.59 8.23 2.75
C HIS A 50 -1.48 7.58 1.37
N SER A 51 -0.42 6.82 1.16
CA SER A 51 -0.20 6.14 -0.11
C SER A 51 -0.95 4.81 -0.16
N PHE A 52 -1.51 4.49 -1.32
CA PHE A 52 -2.25 3.25 -1.50
C PHE A 52 -2.02 2.68 -2.90
N HIS A 53 -2.66 1.55 -3.17
CA HIS A 53 -2.53 0.89 -4.47
C HIS A 53 -3.65 1.33 -5.41
N ASN A 54 -3.31 2.17 -6.38
CA ASN A 54 -4.28 2.67 -7.34
C ASN A 54 -5.32 1.58 -7.67
N CYS A 55 -4.84 0.35 -7.82
CA CYS A 55 -5.72 -0.77 -8.14
C CYS A 55 -6.65 -1.08 -6.97
N CYS A 56 -6.08 -1.18 -5.77
CA CYS A 56 -6.86 -1.47 -4.57
C CYS A 56 -7.86 -0.35 -4.29
N MET A 57 -7.35 0.83 -3.99
CA MET A 57 -8.19 1.98 -3.71
C MET A 57 -9.46 1.96 -4.57
N SER A 58 -9.26 2.01 -5.88
CA SER A 58 -10.39 2.01 -6.82
C SER A 58 -11.41 0.95 -6.42
N LEU A 59 -10.94 -0.18 -5.94
CA LEU A 59 -11.81 -1.27 -5.51
C LEU A 59 -12.34 -1.03 -4.10
N TRP A 60 -11.50 -0.45 -3.25
CA TRP A 60 -11.88 -0.17 -1.87
C TRP A 60 -13.05 0.80 -1.83
N VAL A 61 -13.03 1.79 -2.71
CA VAL A 61 -14.09 2.79 -2.76
C VAL A 61 -15.44 2.14 -3.05
N LYS A 62 -15.41 1.02 -3.77
CA LYS A 62 -16.62 0.29 -4.11
C LYS A 62 -17.48 0.05 -2.88
N GLN A 63 -16.83 -0.20 -1.75
CA GLN A 63 -17.53 -0.46 -0.50
C GLN A 63 -17.37 0.73 0.46
N ASN A 64 -16.15 1.27 0.51
CA ASN A 64 -15.86 2.39 1.40
C ASN A 64 -15.08 3.47 0.66
N ASN A 65 -15.76 4.56 0.32
CA ASN A 65 -15.13 5.67 -0.39
C ASN A 65 -14.41 6.60 0.58
N ARG A 66 -13.74 6.01 1.57
CA ARG A 66 -13.02 6.78 2.57
C ARG A 66 -11.75 6.06 3.00
N CYS A 67 -10.64 6.79 3.05
CA CYS A 67 -9.36 6.21 3.45
C CYS A 67 -9.54 5.25 4.62
N PRO A 68 -9.15 3.98 4.41
CA PRO A 68 -9.25 2.94 5.43
C PRO A 68 -8.28 3.16 6.59
N LEU A 69 -7.60 4.30 6.58
CA LEU A 69 -6.64 4.63 7.63
C LEU A 69 -7.16 5.77 8.50
N CYS A 70 -7.65 6.82 7.86
CA CYS A 70 -8.18 7.98 8.57
C CYS A 70 -9.63 8.24 8.18
N GLN A 71 -10.26 7.25 7.54
CA GLN A 71 -11.64 7.38 7.12
C GLN A 71 -11.97 8.81 6.72
N GLN A 72 -11.03 9.44 6.01
CA GLN A 72 -11.22 10.82 5.56
C GLN A 72 -11.49 10.88 4.06
N ASP A 73 -12.21 11.90 3.63
CA ASP A 73 -12.54 12.07 2.22
C ASP A 73 -11.33 11.77 1.34
N TRP A 74 -11.27 10.54 0.83
CA TRP A 74 -10.17 10.13 -0.02
C TRP A 74 -10.09 10.98 -1.27
N VAL A 75 -8.94 11.62 -1.49
CA VAL A 75 -8.74 12.47 -2.65
C VAL A 75 -7.40 12.20 -3.30
N VAL A 76 -7.43 11.48 -4.43
CA VAL A 76 -6.21 11.15 -5.15
C VAL A 76 -5.33 12.37 -5.34
N GLN A 77 -4.22 12.43 -4.61
CA GLN A 77 -3.31 13.55 -4.69
C GLN A 77 -2.27 13.31 -5.79
N ARG A 78 -1.53 12.22 -5.67
CA ARG A 78 -0.50 11.88 -6.65
C ARG A 78 -0.63 10.42 -7.09
N ILE A 79 -0.02 10.10 -8.23
CA ILE A 79 -0.07 8.75 -8.77
C ILE A 79 1.24 8.37 -9.44
N GLY A 80 1.75 7.18 -9.11
CA GLY A 80 3.00 6.72 -9.68
C GLY A 80 3.94 6.15 -8.65
N LYS A 81 5.20 5.95 -9.04
CA LYS A 81 6.20 5.41 -8.13
C LYS A 81 6.87 6.52 -7.33
N GLY A 1 45.83 -15.86 2.19
CA GLY A 1 45.22 -14.60 2.57
C GLY A 1 44.12 -14.77 3.58
N SER A 2 43.48 -13.65 3.95
CA SER A 2 42.40 -13.68 4.93
C SER A 2 41.12 -14.22 4.30
N SER A 3 40.16 -14.57 5.16
CA SER A 3 38.88 -15.10 4.69
C SER A 3 37.87 -13.99 4.46
N GLY A 4 37.04 -14.15 3.44
CA GLY A 4 36.03 -13.14 3.15
C GLY A 4 34.81 -13.26 4.04
N SER A 5 34.16 -12.13 4.28
CA SER A 5 32.96 -12.11 5.12
C SER A 5 31.76 -11.56 4.36
N SER A 6 30.61 -12.19 4.57
CA SER A 6 29.39 -11.76 3.90
C SER A 6 28.19 -11.84 4.85
N GLY A 7 27.42 -10.76 4.91
CA GLY A 7 26.25 -10.73 5.78
C GLY A 7 26.00 -9.34 6.36
N MET A 8 24.73 -8.94 6.38
CA MET A 8 24.36 -7.63 6.91
C MET A 8 23.02 -7.71 7.65
N TRP A 9 22.81 -6.77 8.56
CA TRP A 9 21.57 -6.73 9.33
C TRP A 9 20.48 -5.98 8.56
N SER A 10 19.23 -6.42 8.75
CA SER A 10 18.10 -5.80 8.07
C SER A 10 16.92 -5.64 9.03
N TRP A 11 16.06 -4.67 8.73
CA TRP A 11 14.89 -4.41 9.57
C TRP A 11 13.62 -4.36 8.73
N ASP A 12 12.51 -3.97 9.35
CA ASP A 12 11.23 -3.87 8.66
C ASP A 12 11.00 -2.46 8.15
N VAL A 13 11.29 -1.47 8.99
CA VAL A 13 11.10 -0.07 8.63
C VAL A 13 9.97 0.09 7.61
N GLU A 14 8.86 -0.58 7.86
CA GLU A 14 7.70 -0.50 6.97
C GLU A 14 6.69 0.51 7.48
N CYS A 15 6.17 1.32 6.56
CA CYS A 15 5.19 2.34 6.91
C CYS A 15 4.24 2.59 5.75
N ASP A 16 3.11 3.25 6.04
CA ASP A 16 2.12 3.56 5.02
C ASP A 16 1.77 2.32 4.21
N THR A 17 1.90 1.15 4.83
CA THR A 17 1.60 -0.11 4.15
C THR A 17 0.12 -0.22 3.83
N CYS A 18 -0.18 -0.42 2.54
CA CYS A 18 -1.56 -0.54 2.09
C CYS A 18 -2.37 -1.44 3.04
N ALA A 19 -3.27 -0.83 3.80
CA ALA A 19 -4.10 -1.57 4.74
C ALA A 19 -5.15 -2.40 4.01
N ILE A 20 -5.50 -1.97 2.80
CA ILE A 20 -6.49 -2.68 2.00
C ILE A 20 -6.08 -4.13 1.78
N CYS A 21 -4.83 -4.34 1.38
CA CYS A 21 -4.31 -5.68 1.15
C CYS A 21 -3.18 -6.02 2.13
N ARG A 22 -2.77 -5.02 2.89
CA ARG A 22 -1.70 -5.21 3.87
C ARG A 22 -0.38 -5.54 3.17
N VAL A 23 -0.13 -4.89 2.04
CA VAL A 23 1.09 -5.11 1.29
C VAL A 23 1.86 -3.81 1.09
N GLN A 24 3.18 -3.93 0.92
CA GLN A 24 4.03 -2.76 0.73
C GLN A 24 3.51 -1.88 -0.41
N VAL A 25 2.94 -0.74 -0.05
CA VAL A 25 2.40 0.19 -1.03
C VAL A 25 3.38 0.40 -2.18
N MET A 26 4.66 0.43 -1.85
CA MET A 26 5.71 0.62 -2.86
C MET A 26 5.71 -0.53 -3.86
N ASP A 27 5.50 -1.75 -3.35
CA ASP A 27 5.49 -2.93 -4.20
C ASP A 27 4.06 -3.29 -4.61
N ALA A 28 3.94 -4.12 -5.65
CA ALA A 28 2.64 -4.54 -6.14
C ALA A 28 1.93 -5.43 -5.14
N CYS A 29 0.60 -5.38 -5.14
CA CYS A 29 -0.20 -6.20 -4.22
C CYS A 29 -0.12 -7.67 -4.60
N LEU A 30 -0.57 -8.53 -3.70
CA LEU A 30 -0.56 -9.97 -3.93
C LEU A 30 -1.44 -10.34 -5.12
N ARG A 31 -2.29 -9.41 -5.52
CA ARG A 31 -3.20 -9.63 -6.65
C ARG A 31 -2.52 -9.28 -7.96
N CYS A 32 -1.61 -8.31 -7.92
CA CYS A 32 -0.90 -7.87 -9.11
C CYS A 32 0.40 -8.66 -9.28
N GLN A 33 1.02 -9.02 -8.16
CA GLN A 33 2.27 -9.76 -8.19
C GLN A 33 2.05 -11.16 -8.75
N ALA A 34 0.89 -11.74 -8.47
CA ALA A 34 0.55 -13.07 -8.95
C ALA A 34 0.02 -13.02 -10.38
N GLU A 35 -0.82 -12.02 -10.66
CA GLU A 35 -1.40 -11.87 -11.99
C GLU A 35 -0.38 -11.29 -12.96
N ASN A 36 0.71 -10.75 -12.42
CA ASN A 36 1.76 -10.16 -13.23
C ASN A 36 1.31 -8.82 -13.82
N LYS A 37 0.62 -8.03 -13.00
CA LYS A 37 0.12 -6.72 -13.43
C LYS A 37 0.75 -5.62 -12.60
N GLN A 38 1.98 -5.84 -12.15
CA GLN A 38 2.69 -4.84 -11.35
C GLN A 38 2.83 -3.53 -12.11
N GLU A 39 3.19 -3.62 -13.39
CA GLU A 39 3.37 -2.44 -14.22
C GLU A 39 2.26 -1.43 -13.97
N ASP A 40 1.05 -1.93 -13.71
CA ASP A 40 -0.10 -1.07 -13.45
C ASP A 40 -0.18 -0.70 -11.98
N CYS A 41 0.12 -1.66 -11.11
CA CYS A 41 0.09 -1.45 -9.67
C CYS A 41 1.07 -0.34 -9.27
N VAL A 42 0.55 0.88 -9.15
CA VAL A 42 1.38 2.02 -8.77
C VAL A 42 0.99 2.54 -7.39
N VAL A 43 1.72 3.55 -6.91
CA VAL A 43 1.46 4.14 -5.61
C VAL A 43 0.58 5.38 -5.74
N VAL A 44 -0.59 5.34 -5.10
CA VAL A 44 -1.51 6.46 -5.14
C VAL A 44 -1.55 7.20 -3.80
N TRP A 45 -1.05 8.43 -3.81
CA TRP A 45 -1.02 9.24 -2.60
C TRP A 45 -2.30 10.07 -2.45
N GLY A 46 -2.93 9.98 -1.29
CA GLY A 46 -4.16 10.71 -1.05
C GLY A 46 -3.92 11.99 -0.28
N GLU A 47 -4.89 12.90 -0.35
CA GLU A 47 -4.78 14.18 0.36
C GLU A 47 -4.55 13.97 1.85
N CYS A 48 -4.97 12.81 2.35
CA CYS A 48 -4.80 12.48 3.76
C CYS A 48 -3.37 12.07 4.06
N ASN A 49 -2.50 12.20 3.06
CA ASN A 49 -1.09 11.83 3.22
C ASN A 49 -0.94 10.34 3.48
N HIS A 50 -1.60 9.54 2.65
CA HIS A 50 -1.54 8.08 2.78
C HIS A 50 -1.37 7.42 1.42
N SER A 51 -0.29 6.64 1.28
CA SER A 51 -0.01 5.96 0.03
C SER A 51 -0.75 4.62 -0.04
N PHE A 52 -1.31 4.32 -1.21
CA PHE A 52 -2.05 3.08 -1.40
C PHE A 52 -1.82 2.52 -2.81
N HIS A 53 -2.52 1.44 -3.13
CA HIS A 53 -2.39 0.80 -4.43
C HIS A 53 -3.50 1.26 -5.37
N ASN A 54 -3.15 2.04 -6.38
CA ASN A 54 -4.12 2.54 -7.34
C ASN A 54 -5.20 1.50 -7.63
N CYS A 55 -4.79 0.24 -7.71
CA CYS A 55 -5.71 -0.86 -7.97
C CYS A 55 -6.62 -1.10 -6.77
N CYS A 56 -6.02 -1.13 -5.58
CA CYS A 56 -6.77 -1.37 -4.35
C CYS A 56 -7.76 -0.23 -4.10
N MET A 57 -7.24 1.00 -4.03
CA MET A 57 -8.08 2.17 -3.80
C MET A 57 -9.29 2.17 -4.74
N SER A 58 -9.03 1.91 -6.02
CA SER A 58 -10.10 1.89 -7.01
C SER A 58 -11.18 0.88 -6.64
N LEU A 59 -10.76 -0.20 -6.00
CA LEU A 59 -11.69 -1.25 -5.58
C LEU A 59 -12.31 -0.92 -4.23
N TRP A 60 -11.56 -0.23 -3.38
CA TRP A 60 -12.04 0.15 -2.06
C TRP A 60 -13.11 1.24 -2.17
N VAL A 61 -12.84 2.24 -3.00
CA VAL A 61 -13.78 3.34 -3.19
C VAL A 61 -15.16 2.81 -3.61
N LYS A 62 -15.20 1.58 -4.08
CA LYS A 62 -16.44 0.97 -4.51
C LYS A 62 -17.36 0.69 -3.31
N GLN A 63 -16.75 0.26 -2.20
CA GLN A 63 -17.52 -0.04 -1.00
C GLN A 63 -17.51 1.15 -0.04
N ASN A 64 -16.36 1.83 0.04
CA ASN A 64 -16.22 2.98 0.92
C ASN A 64 -15.40 4.08 0.24
N ASN A 65 -16.01 5.25 0.08
CA ASN A 65 -15.34 6.38 -0.56
C ASN A 65 -14.42 7.08 0.43
N ARG A 66 -14.14 6.42 1.55
CA ARG A 66 -13.28 6.99 2.57
C ARG A 66 -12.00 6.17 2.72
N CYS A 67 -10.96 6.78 3.29
CA CYS A 67 -9.68 6.12 3.48
C CYS A 67 -9.76 5.10 4.61
N PRO A 68 -9.28 3.88 4.34
CA PRO A 68 -9.29 2.79 5.33
C PRO A 68 -8.30 3.03 6.47
N LEU A 69 -7.69 4.21 6.48
CA LEU A 69 -6.73 4.58 7.51
C LEU A 69 -7.26 5.72 8.37
N CYS A 70 -7.80 6.75 7.72
CA CYS A 70 -8.34 7.91 8.42
C CYS A 70 -9.84 8.04 8.15
N GLN A 71 -10.42 7.03 7.55
CA GLN A 71 -11.85 7.03 7.23
C GLN A 71 -12.32 8.45 6.90
N GLN A 72 -11.48 9.18 6.18
CA GLN A 72 -11.82 10.55 5.80
C GLN A 72 -12.10 10.64 4.30
N ASP A 73 -12.49 11.83 3.84
CA ASP A 73 -12.79 12.04 2.43
C ASP A 73 -11.56 11.76 1.56
N TRP A 74 -11.50 10.57 1.00
CA TRP A 74 -10.38 10.17 0.15
C TRP A 74 -10.31 11.05 -1.10
N VAL A 75 -9.15 11.64 -1.33
CA VAL A 75 -8.95 12.50 -2.49
C VAL A 75 -7.60 12.24 -3.15
N VAL A 76 -7.64 11.62 -4.33
CA VAL A 76 -6.42 11.31 -5.06
C VAL A 76 -5.51 12.53 -5.17
N GLN A 77 -4.33 12.41 -4.58
CA GLN A 77 -3.35 13.50 -4.60
C GLN A 77 -2.30 13.28 -5.68
N ARG A 78 -1.65 12.12 -5.62
CA ARG A 78 -0.61 11.78 -6.60
C ARG A 78 -0.75 10.33 -7.04
N ILE A 79 -0.12 10.00 -8.17
CA ILE A 79 -0.17 8.65 -8.71
C ILE A 79 1.14 8.29 -9.40
N GLY A 80 1.61 7.07 -9.15
CA GLY A 80 2.86 6.62 -9.75
C GLY A 80 3.85 6.09 -8.74
N LYS A 81 5.03 5.71 -9.19
CA LYS A 81 6.06 5.18 -8.32
C LYS A 81 6.58 6.27 -7.38
N GLY A 1 37.65 -20.97 17.85
CA GLY A 1 36.28 -20.91 17.40
C GLY A 1 35.82 -19.49 17.14
N SER A 2 34.52 -19.32 16.92
CA SER A 2 33.95 -18.01 16.65
C SER A 2 33.97 -17.13 17.89
N SER A 3 33.58 -15.87 17.74
CA SER A 3 33.55 -14.94 18.85
C SER A 3 32.23 -14.17 18.90
N GLY A 4 31.28 -14.70 19.66
CA GLY A 4 29.99 -14.05 19.78
C GLY A 4 29.26 -13.97 18.44
N SER A 5 28.04 -13.46 18.47
CA SER A 5 27.23 -13.34 17.26
C SER A 5 26.42 -12.04 17.28
N SER A 6 26.38 -11.36 16.14
CA SER A 6 25.63 -10.11 16.03
C SER A 6 24.24 -10.36 15.47
N GLY A 7 23.27 -9.59 15.96
CA GLY A 7 21.90 -9.73 15.50
C GLY A 7 21.32 -8.44 14.96
N MET A 8 20.46 -8.56 13.96
CA MET A 8 19.83 -7.38 13.36
C MET A 8 18.44 -7.15 13.93
N TRP A 9 17.78 -6.09 13.47
CA TRP A 9 16.44 -5.76 13.94
C TRP A 9 15.38 -6.35 13.02
N SER A 10 14.11 -6.19 13.40
CA SER A 10 13.01 -6.70 12.62
C SER A 10 12.92 -6.00 11.26
N TRP A 11 12.04 -6.50 10.40
CA TRP A 11 11.87 -5.92 9.08
C TRP A 11 11.55 -4.43 9.17
N ASP A 12 11.23 -3.82 8.04
CA ASP A 12 10.91 -2.40 8.00
C ASP A 12 9.46 -2.18 7.61
N VAL A 13 8.56 -2.95 8.20
CA VAL A 13 7.14 -2.85 7.92
C VAL A 13 6.51 -1.69 8.68
N GLU A 14 7.18 -0.54 8.66
CA GLU A 14 6.68 0.65 9.35
C GLU A 14 6.22 1.70 8.35
N CYS A 15 5.93 1.27 7.13
CA CYS A 15 5.47 2.18 6.09
C CYS A 15 3.95 2.20 6.01
N ASP A 16 3.42 2.92 5.03
CA ASP A 16 1.97 3.02 4.85
C ASP A 16 1.43 1.79 4.15
N THR A 17 2.01 0.64 4.44
CA THR A 17 1.58 -0.62 3.84
C THR A 17 0.09 -0.61 3.55
N CYS A 18 -0.27 -0.70 2.27
CA CYS A 18 -1.67 -0.70 1.86
C CYS A 18 -2.51 -1.58 2.78
N ALA A 19 -3.40 -0.95 3.53
CA ALA A 19 -4.27 -1.68 4.45
C ALA A 19 -5.34 -2.46 3.69
N ILE A 20 -5.75 -1.93 2.55
CA ILE A 20 -6.77 -2.57 1.73
C ILE A 20 -6.42 -4.04 1.48
N CYS A 21 -5.17 -4.28 1.11
CA CYS A 21 -4.70 -5.64 0.83
C CYS A 21 -3.62 -6.05 1.82
N ARG A 22 -3.17 -5.09 2.62
CA ARG A 22 -2.13 -5.37 3.62
C ARG A 22 -0.81 -5.75 2.94
N VAL A 23 -0.49 -5.05 1.86
CA VAL A 23 0.74 -5.31 1.12
C VAL A 23 1.57 -4.04 0.95
N GLN A 24 2.88 -4.19 0.97
CA GLN A 24 3.79 -3.05 0.81
C GLN A 24 3.30 -2.11 -0.29
N VAL A 25 2.71 -0.99 0.11
CA VAL A 25 2.19 -0.01 -0.84
C VAL A 25 3.18 0.21 -1.98
N MET A 26 4.44 0.42 -1.63
CA MET A 26 5.48 0.64 -2.62
C MET A 26 5.54 -0.50 -3.63
N ASP A 27 5.27 -1.72 -3.15
CA ASP A 27 5.29 -2.90 -4.01
C ASP A 27 3.88 -3.23 -4.51
N ALA A 28 3.80 -4.16 -5.46
CA ALA A 28 2.52 -4.57 -6.01
C ALA A 28 1.75 -5.45 -5.03
N CYS A 29 0.42 -5.39 -5.09
CA CYS A 29 -0.43 -6.17 -4.21
C CYS A 29 -0.37 -7.65 -4.59
N LEU A 30 -0.75 -8.52 -3.66
CA LEU A 30 -0.75 -9.95 -3.90
C LEU A 30 -1.61 -10.31 -5.09
N ARG A 31 -2.45 -9.37 -5.51
CA ARG A 31 -3.33 -9.59 -6.66
C ARG A 31 -2.61 -9.29 -7.96
N CYS A 32 -1.76 -8.27 -7.95
CA CYS A 32 -1.01 -7.88 -9.14
C CYS A 32 0.26 -8.73 -9.28
N GLN A 33 0.88 -9.03 -8.14
CA GLN A 33 2.10 -9.83 -8.13
C GLN A 33 1.86 -11.21 -8.75
N ALA A 34 0.63 -11.72 -8.56
CA ALA A 34 0.27 -13.03 -9.09
C ALA A 34 0.19 -13.00 -10.63
N GLU A 35 -0.44 -11.96 -11.16
CA GLU A 35 -0.58 -11.82 -12.60
C GLU A 35 0.54 -10.96 -13.18
N ASN A 36 1.49 -10.58 -12.32
CA ASN A 36 2.61 -9.76 -12.74
C ASN A 36 2.13 -8.45 -13.36
N LYS A 37 1.10 -7.87 -12.78
CA LYS A 37 0.55 -6.61 -13.26
C LYS A 37 1.19 -5.42 -12.57
N GLN A 38 2.31 -5.67 -11.89
CA GLN A 38 3.02 -4.62 -11.18
C GLN A 38 3.13 -3.36 -12.03
N GLU A 39 3.54 -3.54 -13.28
CA GLU A 39 3.68 -2.40 -14.21
C GLU A 39 2.54 -1.42 -14.03
N ASP A 40 1.36 -1.92 -13.71
CA ASP A 40 0.18 -1.08 -13.51
C ASP A 40 0.01 -0.73 -12.04
N CYS A 41 0.31 -1.68 -11.17
CA CYS A 41 0.20 -1.47 -9.73
C CYS A 41 1.13 -0.37 -9.26
N VAL A 42 0.66 0.87 -9.29
CA VAL A 42 1.45 2.01 -8.87
C VAL A 42 1.01 2.52 -7.49
N VAL A 43 1.76 3.47 -6.95
CA VAL A 43 1.44 4.04 -5.65
C VAL A 43 0.60 5.31 -5.78
N VAL A 44 -0.61 5.26 -5.23
CA VAL A 44 -1.51 6.41 -5.29
C VAL A 44 -1.59 7.11 -3.93
N TRP A 45 -1.15 8.36 -3.90
CA TRP A 45 -1.18 9.14 -2.67
C TRP A 45 -2.50 9.91 -2.54
N GLY A 46 -2.99 10.00 -1.31
CA GLY A 46 -4.24 10.70 -1.07
C GLY A 46 -4.03 12.02 -0.35
N GLU A 47 -5.02 12.90 -0.43
CA GLU A 47 -4.94 14.20 0.21
C GLU A 47 -4.67 14.06 1.71
N CYS A 48 -5.10 12.93 2.27
CA CYS A 48 -4.90 12.66 3.69
C CYS A 48 -3.44 12.34 3.98
N ASN A 49 -2.62 12.31 2.93
CA ASN A 49 -1.20 12.01 3.08
C ASN A 49 -0.97 10.53 3.34
N HIS A 50 -1.65 9.69 2.56
CA HIS A 50 -1.53 8.24 2.71
C HIS A 50 -1.39 7.57 1.34
N SER A 51 -0.34 6.77 1.19
CA SER A 51 -0.10 6.08 -0.07
C SER A 51 -0.84 4.74 -0.11
N PHE A 52 -1.40 4.41 -1.26
CA PHE A 52 -2.14 3.16 -1.43
C PHE A 52 -1.90 2.58 -2.83
N HIS A 53 -2.61 1.50 -3.13
CA HIS A 53 -2.49 0.83 -4.42
C HIS A 53 -3.56 1.32 -5.38
N ASN A 54 -3.16 2.06 -6.40
CA ASN A 54 -4.10 2.58 -7.40
C ASN A 54 -5.18 1.55 -7.71
N CYS A 55 -4.79 0.28 -7.79
CA CYS A 55 -5.72 -0.80 -8.08
C CYS A 55 -6.67 -1.02 -6.91
N CYS A 56 -6.10 -1.11 -5.71
CA CYS A 56 -6.89 -1.34 -4.50
C CYS A 56 -7.81 -0.15 -4.23
N MET A 57 -7.21 1.04 -4.10
CA MET A 57 -7.98 2.25 -3.84
C MET A 57 -9.25 2.29 -4.68
N SER A 58 -9.12 1.94 -5.95
CA SER A 58 -10.25 1.94 -6.86
C SER A 58 -11.27 0.87 -6.46
N LEU A 59 -10.77 -0.24 -5.91
CA LEU A 59 -11.63 -1.33 -5.48
C LEU A 59 -12.20 -1.06 -4.10
N TRP A 60 -11.52 -0.23 -3.33
CA TRP A 60 -11.98 0.11 -1.98
C TRP A 60 -13.11 1.13 -2.03
N VAL A 61 -12.98 2.12 -2.90
CA VAL A 61 -14.00 3.16 -3.04
C VAL A 61 -15.36 2.54 -3.35
N LYS A 62 -15.36 1.26 -3.71
CA LYS A 62 -16.60 0.56 -4.03
C LYS A 62 -17.44 0.35 -2.78
N GLN A 63 -16.78 0.10 -1.66
CA GLN A 63 -17.47 -0.11 -0.40
C GLN A 63 -17.40 1.14 0.49
N ASN A 64 -16.25 1.80 0.48
CA ASN A 64 -16.06 3.00 1.28
C ASN A 64 -15.26 4.04 0.51
N ASN A 65 -15.86 5.20 0.29
CA ASN A 65 -15.19 6.29 -0.43
C ASN A 65 -14.24 7.05 0.48
N ARG A 66 -13.94 6.47 1.63
CA ARG A 66 -13.04 7.10 2.60
C ARG A 66 -11.76 6.27 2.76
N CYS A 67 -10.76 6.87 3.40
CA CYS A 67 -9.48 6.20 3.63
C CYS A 67 -9.59 5.21 4.78
N PRO A 68 -9.14 3.97 4.54
CA PRO A 68 -9.19 2.91 5.55
C PRO A 68 -8.18 3.15 6.67
N LEU A 69 -7.55 4.31 6.65
CA LEU A 69 -6.57 4.66 7.68
C LEU A 69 -7.06 5.84 8.52
N CYS A 70 -7.64 6.84 7.85
CA CYS A 70 -8.15 8.02 8.54
C CYS A 70 -9.63 8.22 8.22
N GLN A 71 -10.26 7.21 7.62
CA GLN A 71 -11.67 7.28 7.28
C GLN A 71 -12.06 8.71 6.90
N GLN A 72 -11.16 9.43 6.25
CA GLN A 72 -11.41 10.80 5.85
C GLN A 72 -11.65 10.88 4.34
N ASP A 73 -12.38 11.91 3.92
CA ASP A 73 -12.67 12.11 2.51
C ASP A 73 -11.45 11.82 1.65
N TRP A 74 -11.44 10.66 1.02
CA TRP A 74 -10.32 10.26 0.17
C TRP A 74 -10.28 11.09 -1.12
N VAL A 75 -9.11 11.55 -1.50
CA VAL A 75 -8.95 12.36 -2.70
C VAL A 75 -7.60 12.08 -3.36
N VAL A 76 -7.64 11.41 -4.51
CA VAL A 76 -6.43 11.09 -5.25
C VAL A 76 -5.54 12.32 -5.42
N GLN A 77 -4.41 12.34 -4.71
CA GLN A 77 -3.48 13.46 -4.78
C GLN A 77 -2.43 13.22 -5.85
N ARG A 78 -1.70 12.12 -5.74
CA ARG A 78 -0.67 11.77 -6.70
C ARG A 78 -0.81 10.32 -7.16
N ILE A 79 -0.18 10.00 -8.29
CA ILE A 79 -0.23 8.65 -8.83
C ILE A 79 1.03 8.32 -9.61
N GLY A 80 1.59 7.15 -9.37
CA GLY A 80 2.80 6.73 -10.06
C GLY A 80 4.00 6.69 -9.14
N LYS A 81 4.82 5.66 -9.30
CA LYS A 81 6.02 5.51 -8.47
C LYS A 81 6.62 6.88 -8.14
N GLY A 1 21.89 -25.87 16.01
CA GLY A 1 20.49 -26.14 16.30
C GLY A 1 19.56 -25.13 15.66
N SER A 2 18.26 -25.28 15.91
CA SER A 2 17.27 -24.37 15.35
C SER A 2 16.91 -23.28 16.34
N SER A 3 17.66 -22.18 16.29
CA SER A 3 17.43 -21.06 17.19
C SER A 3 16.36 -20.13 16.63
N GLY A 4 16.02 -19.10 17.39
CA GLY A 4 15.00 -18.15 16.97
C GLY A 4 15.31 -17.57 15.60
N SER A 5 14.56 -16.54 15.22
CA SER A 5 14.74 -15.90 13.92
C SER A 5 15.71 -14.73 14.04
N SER A 6 15.38 -13.78 14.92
CA SER A 6 16.22 -12.60 15.12
C SER A 6 15.99 -12.01 16.51
N GLY A 7 17.05 -11.42 17.07
CA GLY A 7 16.95 -10.82 18.39
C GLY A 7 16.70 -9.33 18.34
N MET A 8 15.81 -8.91 17.44
CA MET A 8 15.49 -7.50 17.29
C MET A 8 14.26 -7.31 16.40
N TRP A 9 13.25 -6.60 16.92
CA TRP A 9 12.03 -6.36 16.17
C TRP A 9 12.30 -5.49 14.95
N SER A 10 11.29 -5.31 14.11
CA SER A 10 11.42 -4.51 12.90
C SER A 10 11.55 -3.03 13.25
N TRP A 11 11.72 -2.21 12.22
CA TRP A 11 11.86 -0.76 12.42
C TRP A 11 10.63 -0.02 11.90
N ASP A 12 10.70 1.30 11.89
CA ASP A 12 9.59 2.12 11.41
C ASP A 12 10.00 2.90 10.15
N VAL A 13 10.81 2.27 9.31
CA VAL A 13 11.26 2.90 8.09
C VAL A 13 10.09 3.22 7.16
N GLU A 14 9.02 2.43 7.27
CA GLU A 14 7.84 2.64 6.45
C GLU A 14 6.57 2.47 7.28
N CYS A 15 5.65 3.43 7.14
CA CYS A 15 4.40 3.41 7.88
C CYS A 15 3.22 3.70 6.97
N ASP A 16 3.35 3.29 5.70
CA ASP A 16 2.29 3.50 4.72
C ASP A 16 2.00 2.22 3.94
N THR A 17 1.74 1.14 4.67
CA THR A 17 1.45 -0.14 4.04
C THR A 17 -0.03 -0.28 3.72
N CYS A 18 -0.34 -0.49 2.44
CA CYS A 18 -1.71 -0.63 1.99
C CYS A 18 -2.50 -1.54 2.94
N ALA A 19 -3.37 -0.94 3.74
CA ALA A 19 -4.19 -1.69 4.68
C ALA A 19 -5.21 -2.56 3.95
N ILE A 20 -5.61 -2.12 2.77
CA ILE A 20 -6.58 -2.86 1.97
C ILE A 20 -6.17 -4.32 1.80
N CYS A 21 -4.93 -4.52 1.34
CA CYS A 21 -4.41 -5.86 1.13
C CYS A 21 -3.25 -6.15 2.09
N ARG A 22 -2.84 -5.13 2.83
CA ARG A 22 -1.76 -5.27 3.79
C ARG A 22 -0.44 -5.60 3.08
N VAL A 23 -0.22 -4.96 1.93
CA VAL A 23 1.00 -5.18 1.16
C VAL A 23 1.78 -3.88 0.99
N GLN A 24 3.08 -4.01 0.74
CA GLN A 24 3.94 -2.86 0.55
C GLN A 24 3.39 -1.93 -0.53
N VAL A 25 2.77 -0.83 -0.12
CA VAL A 25 2.21 0.12 -1.06
C VAL A 25 3.18 0.41 -2.20
N MET A 26 4.47 0.40 -1.90
CA MET A 26 5.49 0.65 -2.90
C MET A 26 5.55 -0.48 -3.93
N ASP A 27 5.35 -1.70 -3.45
CA ASP A 27 5.38 -2.87 -4.33
C ASP A 27 3.96 -3.26 -4.75
N ALA A 28 3.88 -4.20 -5.69
CA ALA A 28 2.58 -4.67 -6.18
C ALA A 28 1.87 -5.51 -5.14
N CYS A 29 0.55 -5.58 -5.26
CA CYS A 29 -0.27 -6.36 -4.32
C CYS A 29 -0.26 -7.83 -4.69
N LEU A 30 -0.66 -8.67 -3.74
CA LEU A 30 -0.71 -10.11 -3.96
C LEU A 30 -1.57 -10.45 -5.17
N ARG A 31 -2.37 -9.48 -5.61
CA ARG A 31 -3.25 -9.67 -6.75
C ARG A 31 -2.52 -9.35 -8.06
N CYS A 32 -1.63 -8.37 -8.00
CA CYS A 32 -0.87 -7.95 -9.18
C CYS A 32 0.41 -8.77 -9.31
N GLN A 33 0.95 -9.22 -8.18
CA GLN A 33 2.16 -10.01 -8.17
C GLN A 33 1.94 -11.36 -8.86
N ALA A 34 0.78 -11.94 -8.64
CA ALA A 34 0.44 -13.23 -9.23
C ALA A 34 0.15 -13.08 -10.72
N GLU A 35 -0.57 -12.02 -11.08
CA GLU A 35 -0.92 -11.77 -12.47
C GLU A 35 0.23 -11.07 -13.20
N ASN A 36 1.19 -10.55 -12.43
CA ASN A 36 2.33 -9.87 -13.01
C ASN A 36 1.93 -8.52 -13.58
N LYS A 37 1.03 -7.84 -12.89
CA LYS A 37 0.56 -6.52 -13.33
C LYS A 37 1.21 -5.41 -12.51
N GLN A 38 2.41 -5.67 -12.00
CA GLN A 38 3.13 -4.69 -11.20
C GLN A 38 3.06 -3.31 -11.83
N GLU A 39 3.47 -3.23 -13.10
CA GLU A 39 3.46 -1.97 -13.82
C GLU A 39 2.14 -1.22 -13.60
N ASP A 40 1.06 -1.97 -13.46
CA ASP A 40 -0.25 -1.39 -13.24
C ASP A 40 -0.44 -1.01 -11.77
N CYS A 41 0.14 -1.80 -10.88
CA CYS A 41 0.04 -1.55 -9.45
C CYS A 41 0.97 -0.41 -9.03
N VAL A 42 0.48 0.83 -9.15
CA VAL A 42 1.26 2.00 -8.79
C VAL A 42 0.87 2.51 -7.41
N VAL A 43 1.56 3.54 -6.95
CA VAL A 43 1.29 4.13 -5.64
C VAL A 43 0.48 5.42 -5.78
N VAL A 44 -0.73 5.40 -5.22
CA VAL A 44 -1.60 6.57 -5.28
C VAL A 44 -1.67 7.27 -3.94
N TRP A 45 -1.12 8.47 -3.88
CA TRP A 45 -1.11 9.25 -2.64
C TRP A 45 -2.44 9.96 -2.44
N GLY A 46 -2.81 10.18 -1.18
CA GLY A 46 -4.06 10.85 -0.87
C GLY A 46 -3.85 12.15 -0.12
N GLU A 47 -4.85 13.03 -0.19
CA GLU A 47 -4.77 14.33 0.49
C GLU A 47 -4.48 14.14 1.97
N CYS A 48 -4.91 13.01 2.53
CA CYS A 48 -4.68 12.72 3.94
C CYS A 48 -3.25 12.26 4.17
N ASN A 49 -2.44 12.31 3.13
CA ASN A 49 -1.04 11.90 3.24
C ASN A 49 -0.93 10.38 3.42
N HIS A 50 -1.73 9.64 2.66
CA HIS A 50 -1.71 8.19 2.75
C HIS A 50 -1.61 7.56 1.35
N SER A 51 -0.58 6.73 1.16
CA SER A 51 -0.37 6.08 -0.12
C SER A 51 -1.06 4.72 -0.17
N PHE A 52 -1.64 4.40 -1.32
CA PHE A 52 -2.35 3.13 -1.49
C PHE A 52 -2.13 2.57 -2.89
N HIS A 53 -2.66 1.39 -3.14
CA HIS A 53 -2.53 0.74 -4.44
C HIS A 53 -3.65 1.18 -5.38
N ASN A 54 -3.29 1.93 -6.43
CA ASN A 54 -4.26 2.41 -7.40
C ASN A 54 -5.33 1.36 -7.67
N CYS A 55 -4.89 0.10 -7.78
CA CYS A 55 -5.81 -1.00 -8.05
C CYS A 55 -6.72 -1.24 -6.84
N CYS A 56 -6.12 -1.31 -5.65
CA CYS A 56 -6.87 -1.54 -4.44
C CYS A 56 -7.85 -0.39 -4.16
N MET A 57 -7.29 0.80 -3.94
CA MET A 57 -8.11 1.97 -3.67
C MET A 57 -9.32 2.03 -4.61
N SER A 58 -9.07 1.77 -5.89
CA SER A 58 -10.14 1.79 -6.89
C SER A 58 -11.24 0.81 -6.53
N LEU A 59 -10.85 -0.30 -5.91
CA LEU A 59 -11.81 -1.33 -5.52
C LEU A 59 -12.41 -1.02 -4.15
N TRP A 60 -11.59 -0.44 -3.27
CA TRP A 60 -12.05 -0.09 -1.93
C TRP A 60 -13.09 1.03 -1.99
N VAL A 61 -12.80 2.06 -2.77
CA VAL A 61 -13.72 3.19 -2.91
C VAL A 61 -15.10 2.73 -3.36
N LYS A 62 -15.15 1.57 -4.01
CA LYS A 62 -16.41 1.02 -4.50
C LYS A 62 -17.35 0.73 -3.34
N GLN A 63 -16.80 0.27 -2.23
CA GLN A 63 -17.60 -0.04 -1.04
C GLN A 63 -17.53 1.10 -0.03
N ASN A 64 -16.33 1.63 0.18
CA ASN A 64 -16.13 2.72 1.13
C ASN A 64 -15.31 3.83 0.51
N ASN A 65 -15.96 4.95 0.18
CA ASN A 65 -15.28 6.09 -0.41
C ASN A 65 -14.57 6.92 0.64
N ARG A 66 -13.87 6.25 1.55
CA ARG A 66 -13.14 6.92 2.62
C ARG A 66 -11.87 6.15 2.97
N CYS A 67 -10.78 6.90 3.18
CA CYS A 67 -9.50 6.29 3.51
C CYS A 67 -9.66 5.32 4.68
N PRO A 68 -9.23 4.06 4.45
CA PRO A 68 -9.31 3.01 5.48
C PRO A 68 -8.33 3.24 6.62
N LEU A 69 -7.66 4.39 6.60
CA LEU A 69 -6.70 4.72 7.64
C LEU A 69 -7.22 5.86 8.52
N CYS A 70 -7.77 6.89 7.88
CA CYS A 70 -8.32 8.03 8.61
C CYS A 70 -9.74 8.33 8.17
N GLN A 71 -10.39 7.34 7.56
CA GLN A 71 -11.76 7.49 7.09
C GLN A 71 -12.04 8.94 6.68
N GLN A 72 -11.06 9.56 6.02
CA GLN A 72 -11.20 10.94 5.58
C GLN A 72 -11.50 11.01 4.09
N ASP A 73 -12.23 12.04 3.68
CA ASP A 73 -12.59 12.23 2.29
C ASP A 73 -11.41 11.87 1.38
N TRP A 74 -11.44 10.65 0.84
CA TRP A 74 -10.37 10.19 -0.05
C TRP A 74 -10.24 11.10 -1.26
N VAL A 75 -9.07 11.71 -1.43
CA VAL A 75 -8.83 12.59 -2.55
C VAL A 75 -7.47 12.30 -3.20
N VAL A 76 -7.51 11.62 -4.34
CA VAL A 76 -6.29 11.28 -5.06
C VAL A 76 -5.38 12.49 -5.21
N GLN A 77 -4.26 12.49 -4.49
CA GLN A 77 -3.31 13.58 -4.54
C GLN A 77 -2.26 13.34 -5.62
N ARG A 78 -1.66 12.15 -5.60
CA ARG A 78 -0.64 11.80 -6.57
C ARG A 78 -0.78 10.34 -7.00
N ILE A 79 -0.17 10.00 -8.13
CA ILE A 79 -0.23 8.63 -8.66
C ILE A 79 1.07 8.25 -9.34
N GLY A 80 1.51 7.01 -9.10
CA GLY A 80 2.74 6.53 -9.70
C GLY A 80 3.70 5.95 -8.67
N LYS A 81 4.81 5.40 -9.15
CA LYS A 81 5.80 4.80 -8.26
C LYS A 81 6.48 5.86 -7.41
N GLY A 1 32.29 -19.61 20.89
CA GLY A 1 31.17 -20.48 20.58
C GLY A 1 30.30 -19.94 19.46
N SER A 2 29.08 -19.56 19.80
CA SER A 2 28.14 -19.02 18.81
C SER A 2 28.05 -17.51 18.91
N SER A 3 27.46 -16.89 17.88
CA SER A 3 27.32 -15.44 17.86
C SER A 3 25.91 -15.05 17.43
N GLY A 4 25.43 -13.91 17.92
CA GLY A 4 24.11 -13.44 17.58
C GLY A 4 24.02 -12.89 16.17
N SER A 5 22.93 -12.21 15.87
CA SER A 5 22.73 -11.63 14.54
C SER A 5 22.45 -10.13 14.63
N SER A 6 22.28 -9.50 13.47
CA SER A 6 22.01 -8.07 13.42
C SER A 6 20.99 -7.67 14.48
N GLY A 7 19.86 -8.37 14.52
CA GLY A 7 18.83 -8.07 15.49
C GLY A 7 17.49 -8.68 15.11
N MET A 8 16.64 -7.87 14.49
CA MET A 8 15.32 -8.34 14.09
C MET A 8 14.96 -7.82 12.69
N TRP A 9 14.31 -8.66 11.90
CA TRP A 9 13.92 -8.28 10.55
C TRP A 9 12.45 -7.87 10.51
N SER A 10 12.19 -6.60 10.81
CA SER A 10 10.82 -6.09 10.80
C SER A 10 10.29 -5.98 9.37
N TRP A 11 8.97 -5.80 9.26
CA TRP A 11 8.33 -5.67 7.95
C TRP A 11 7.57 -4.35 7.84
N ASP A 12 7.43 -3.67 8.98
CA ASP A 12 6.71 -2.40 9.00
C ASP A 12 5.35 -2.52 8.33
N VAL A 13 4.62 -3.59 8.68
CA VAL A 13 3.30 -3.82 8.11
C VAL A 13 2.28 -2.83 8.64
N GLU A 14 2.60 -2.24 9.79
CA GLU A 14 1.71 -1.26 10.42
C GLU A 14 2.15 0.17 10.10
N CYS A 15 2.99 0.31 9.09
CA CYS A 15 3.50 1.62 8.69
C CYS A 15 3.55 1.73 7.17
N ASP A 16 3.08 2.86 6.65
CA ASP A 16 3.08 3.10 5.21
C ASP A 16 2.84 1.80 4.45
N THR A 17 1.75 1.12 4.78
CA THR A 17 1.39 -0.14 4.13
C THR A 17 -0.08 -0.17 3.76
N CYS A 18 -0.37 -0.56 2.53
CA CYS A 18 -1.76 -0.65 2.06
C CYS A 18 -2.62 -1.45 3.03
N ALA A 19 -3.49 -0.75 3.74
CA ALA A 19 -4.37 -1.40 4.70
C ALA A 19 -5.49 -2.16 4.00
N ILE A 20 -5.54 -2.03 2.68
CA ILE A 20 -6.56 -2.71 1.88
C ILE A 20 -6.18 -4.18 1.63
N CYS A 21 -4.94 -4.39 1.21
CA CYS A 21 -4.45 -5.73 0.94
C CYS A 21 -3.32 -6.11 1.89
N ARG A 22 -2.87 -5.14 2.68
CA ARG A 22 -1.80 -5.37 3.64
C ARG A 22 -0.49 -5.69 2.91
N VAL A 23 -0.24 -4.98 1.81
CA VAL A 23 0.97 -5.19 1.03
C VAL A 23 1.72 -3.87 0.81
N GLN A 24 3.04 -3.94 0.82
CA GLN A 24 3.87 -2.75 0.62
C GLN A 24 3.29 -1.87 -0.49
N VAL A 25 2.67 -0.77 -0.09
CA VAL A 25 2.08 0.16 -1.05
C VAL A 25 3.03 0.47 -2.18
N MET A 26 4.33 0.46 -1.88
CA MET A 26 5.35 0.74 -2.88
C MET A 26 5.46 -0.41 -3.87
N ASP A 27 5.25 -1.62 -3.40
CA ASP A 27 5.32 -2.80 -4.25
C ASP A 27 3.93 -3.22 -4.72
N ALA A 28 3.88 -4.17 -5.64
CA ALA A 28 2.61 -4.66 -6.18
C ALA A 28 1.87 -5.49 -5.14
N CYS A 29 0.54 -5.43 -5.18
CA CYS A 29 -0.30 -6.18 -4.25
C CYS A 29 -0.32 -7.66 -4.61
N LEU A 30 -0.70 -8.49 -3.64
CA LEU A 30 -0.76 -9.94 -3.85
C LEU A 30 -1.65 -10.27 -5.05
N ARG A 31 -2.45 -9.30 -5.48
CA ARG A 31 -3.35 -9.49 -6.62
C ARG A 31 -2.63 -9.16 -7.93
N CYS A 32 -1.69 -8.23 -7.86
CA CYS A 32 -0.94 -7.83 -9.05
C CYS A 32 0.36 -8.62 -9.17
N GLN A 33 0.84 -9.14 -8.04
CA GLN A 33 2.07 -9.93 -8.02
C GLN A 33 1.86 -11.28 -8.70
N ALA A 34 0.66 -11.85 -8.53
CA ALA A 34 0.34 -13.14 -9.13
C ALA A 34 0.05 -12.99 -10.62
N GLU A 35 -0.67 -11.93 -10.98
CA GLU A 35 -1.02 -11.67 -12.37
C GLU A 35 0.14 -11.00 -13.11
N ASN A 36 1.14 -10.56 -12.36
CA ASN A 36 2.31 -9.90 -12.93
C ASN A 36 1.93 -8.52 -13.47
N LYS A 37 1.04 -7.84 -12.77
CA LYS A 37 0.61 -6.51 -13.17
C LYS A 37 1.32 -5.43 -12.36
N GLN A 38 2.51 -5.74 -11.89
CA GLN A 38 3.30 -4.80 -11.09
C GLN A 38 3.28 -3.41 -11.73
N GLU A 39 3.76 -3.32 -12.96
CA GLU A 39 3.79 -2.05 -13.68
C GLU A 39 2.45 -1.34 -13.58
N ASP A 40 1.38 -2.11 -13.43
CA ASP A 40 0.04 -1.54 -13.33
C ASP A 40 -0.25 -1.10 -11.90
N CYS A 41 0.28 -1.86 -10.94
CA CYS A 41 0.06 -1.55 -9.53
C CYS A 41 0.95 -0.39 -9.08
N VAL A 42 0.48 0.84 -9.30
CA VAL A 42 1.24 2.01 -8.92
C VAL A 42 0.84 2.51 -7.53
N VAL A 43 1.54 3.54 -7.06
CA VAL A 43 1.25 4.10 -5.73
C VAL A 43 0.41 5.38 -5.85
N VAL A 44 -0.77 5.35 -5.23
CA VAL A 44 -1.66 6.50 -5.27
C VAL A 44 -1.68 7.23 -3.92
N TRP A 45 -1.13 8.44 -3.91
CA TRP A 45 -1.09 9.23 -2.67
C TRP A 45 -2.40 9.98 -2.47
N GLY A 46 -2.79 10.14 -1.21
CA GLY A 46 -4.03 10.84 -0.90
C GLY A 46 -3.78 12.15 -0.18
N GLU A 47 -4.76 13.05 -0.23
CA GLU A 47 -4.64 14.35 0.42
C GLU A 47 -4.34 14.19 1.90
N CYS A 48 -4.73 13.05 2.46
CA CYS A 48 -4.50 12.76 3.87
C CYS A 48 -3.08 12.25 4.10
N ASN A 49 -2.23 12.42 3.10
CA ASN A 49 -0.84 11.98 3.19
C ASN A 49 -0.77 10.46 3.37
N HIS A 50 -1.58 9.75 2.59
CA HIS A 50 -1.62 8.29 2.66
C HIS A 50 -1.53 7.69 1.26
N SER A 51 -0.59 6.76 1.08
CA SER A 51 -0.40 6.11 -0.21
C SER A 51 -1.06 4.73 -0.22
N PHE A 52 -1.65 4.36 -1.36
CA PHE A 52 -2.32 3.08 -1.50
C PHE A 52 -2.12 2.52 -2.91
N HIS A 53 -2.71 1.35 -3.16
CA HIS A 53 -2.60 0.71 -4.46
C HIS A 53 -3.74 1.14 -5.38
N ASN A 54 -3.42 1.97 -6.36
CA ASN A 54 -4.43 2.46 -7.31
C ASN A 54 -5.50 1.40 -7.56
N CYS A 55 -5.08 0.14 -7.62
CA CYS A 55 -6.00 -0.96 -7.85
C CYS A 55 -6.87 -1.22 -6.62
N CYS A 56 -6.24 -1.29 -5.46
CA CYS A 56 -6.96 -1.52 -4.21
C CYS A 56 -7.89 -0.37 -3.90
N MET A 57 -7.45 0.85 -4.20
CA MET A 57 -8.25 2.04 -3.95
C MET A 57 -9.46 2.10 -4.89
N SER A 58 -9.20 1.88 -6.18
CA SER A 58 -10.26 1.90 -7.18
C SER A 58 -11.35 0.88 -6.85
N LEU A 59 -10.96 -0.18 -6.16
CA LEU A 59 -11.89 -1.23 -5.77
C LEU A 59 -12.44 -1.00 -4.37
N TRP A 60 -11.61 -0.38 -3.52
CA TRP A 60 -12.01 -0.10 -2.15
C TRP A 60 -13.06 1.01 -2.11
N VAL A 61 -12.83 2.07 -2.88
CA VAL A 61 -13.75 3.19 -2.93
C VAL A 61 -15.16 2.74 -3.31
N LYS A 62 -15.23 1.63 -4.05
CA LYS A 62 -16.52 1.09 -4.48
C LYS A 62 -17.41 0.77 -3.27
N GLN A 63 -16.81 0.17 -2.25
CA GLN A 63 -17.55 -0.17 -1.04
C GLN A 63 -17.46 0.95 0.00
N ASN A 64 -16.26 1.50 0.17
CA ASN A 64 -16.05 2.58 1.13
C ASN A 64 -15.22 3.70 0.50
N ASN A 65 -15.87 4.83 0.21
CA ASN A 65 -15.20 5.97 -0.38
C ASN A 65 -14.48 6.80 0.68
N ARG A 66 -13.78 6.11 1.57
CA ARG A 66 -13.05 6.79 2.65
C ARG A 66 -11.74 6.06 2.95
N CYS A 67 -10.68 6.83 3.18
CA CYS A 67 -9.37 6.26 3.49
C CYS A 67 -9.48 5.20 4.58
N PRO A 68 -8.98 3.99 4.28
CA PRO A 68 -9.01 2.87 5.23
C PRO A 68 -8.06 3.09 6.40
N LEU A 69 -7.47 4.27 6.48
CA LEU A 69 -6.54 4.60 7.55
C LEU A 69 -7.11 5.70 8.44
N CYS A 70 -7.60 6.77 7.82
CA CYS A 70 -8.18 7.89 8.56
C CYS A 70 -9.64 8.10 8.18
N GLN A 71 -10.24 7.09 7.56
CA GLN A 71 -11.63 7.16 7.15
C GLN A 71 -12.03 8.59 6.83
N GLN A 72 -11.13 9.32 6.18
CA GLN A 72 -11.39 10.71 5.81
C GLN A 72 -11.61 10.85 4.31
N ASP A 73 -12.33 11.89 3.92
CA ASP A 73 -12.60 12.13 2.50
C ASP A 73 -11.40 11.78 1.65
N TRP A 74 -11.48 10.64 0.96
CA TRP A 74 -10.40 10.19 0.11
C TRP A 74 -10.26 11.08 -1.12
N VAL A 75 -9.06 11.59 -1.35
CA VAL A 75 -8.80 12.46 -2.50
C VAL A 75 -7.46 12.13 -3.14
N VAL A 76 -7.52 11.57 -4.35
CA VAL A 76 -6.30 11.21 -5.07
C VAL A 76 -5.41 12.42 -5.28
N GLN A 77 -4.31 12.47 -4.52
CA GLN A 77 -3.38 13.57 -4.63
C GLN A 77 -2.35 13.32 -5.74
N ARG A 78 -1.60 12.24 -5.60
CA ARG A 78 -0.58 11.90 -6.59
C ARG A 78 -0.71 10.43 -7.00
N ILE A 79 -0.12 10.08 -8.14
CA ILE A 79 -0.16 8.72 -8.64
C ILE A 79 1.14 8.35 -9.34
N GLY A 80 1.65 7.16 -9.05
CA GLY A 80 2.88 6.70 -9.65
C GLY A 80 3.84 6.08 -8.65
N LYS A 81 4.90 5.47 -9.15
CA LYS A 81 5.89 4.83 -8.28
C LYS A 81 7.11 5.73 -8.11
#